data_1UGX
# 
_entry.id   1UGX 
# 
_audit_conform.dict_name       mmcif_pdbx.dic 
_audit_conform.dict_version    5.383 
_audit_conform.dict_location   http://mmcif.pdb.org/dictionaries/ascii/mmcif_pdbx.dic 
# 
loop_
_database_2.database_id 
_database_2.database_code 
_database_2.pdbx_database_accession 
_database_2.pdbx_DOI 
PDB   1UGX         pdb_00001ugx 10.2210/pdb1ugx/pdb 
RCSB  RCSB005811   ?            ?                   
WWPDB D_1000005811 ?            ?                   
# 
loop_
_pdbx_audit_revision_history.ordinal 
_pdbx_audit_revision_history.data_content_type 
_pdbx_audit_revision_history.major_revision 
_pdbx_audit_revision_history.minor_revision 
_pdbx_audit_revision_history.revision_date 
1 'Structure model' 1 0 2003-09-23 
2 'Structure model' 1 1 2008-04-27 
3 'Structure model' 1 2 2011-07-13 
4 'Structure model' 1 3 2017-10-11 
5 'Structure model' 2 0 2020-07-29 
6 'Structure model' 2 1 2023-12-27 
# 
loop_
_pdbx_audit_revision_details.ordinal 
_pdbx_audit_revision_details.revision_ordinal 
_pdbx_audit_revision_details.data_content_type 
_pdbx_audit_revision_details.provider 
_pdbx_audit_revision_details.type 
_pdbx_audit_revision_details.description 
_pdbx_audit_revision_details.details 
1 1 'Structure model' repository 'Initial release' ?                          ? 
2 5 'Structure model' repository Remediation       'Carbohydrate remediation' ? 
# 
loop_
_pdbx_audit_revision_group.ordinal 
_pdbx_audit_revision_group.revision_ordinal 
_pdbx_audit_revision_group.data_content_type 
_pdbx_audit_revision_group.group 
1  2 'Structure model' 'Version format compliance' 
2  3 'Structure model' 'Derived calculations'      
3  3 'Structure model' 'Version format compliance' 
4  4 'Structure model' 'Data collection'           
5  5 'Structure model' 'Atomic model'              
6  5 'Structure model' 'Data collection'           
7  5 'Structure model' 'Derived calculations'      
8  5 'Structure model' 'Structure summary'         
9  6 'Structure model' 'Data collection'           
10 6 'Structure model' 'Database references'       
11 6 'Structure model' 'Structure summary'         
# 
loop_
_pdbx_audit_revision_category.ordinal 
_pdbx_audit_revision_category.revision_ordinal 
_pdbx_audit_revision_category.data_content_type 
_pdbx_audit_revision_category.category 
1  4 'Structure model' reflns_shell                  
2  5 'Structure model' atom_site                     
3  5 'Structure model' chem_comp                     
4  5 'Structure model' entity                        
5  5 'Structure model' pdbx_branch_scheme            
6  5 'Structure model' pdbx_chem_comp_identifier     
7  5 'Structure model' pdbx_entity_branch            
8  5 'Structure model' pdbx_entity_branch_descriptor 
9  5 'Structure model' pdbx_entity_branch_link       
10 5 'Structure model' pdbx_entity_branch_list       
11 5 'Structure model' pdbx_entity_nonpoly           
12 5 'Structure model' pdbx_nonpoly_scheme           
13 5 'Structure model' pdbx_struct_assembly_gen      
14 5 'Structure model' pdbx_struct_special_symmetry  
15 5 'Structure model' struct_asym                   
16 5 'Structure model' struct_conn                   
17 5 'Structure model' struct_site                   
18 5 'Structure model' struct_site_gen               
19 6 'Structure model' chem_comp                     
20 6 'Structure model' chem_comp_atom                
21 6 'Structure model' chem_comp_bond                
22 6 'Structure model' database_2                    
# 
loop_
_pdbx_audit_revision_item.ordinal 
_pdbx_audit_revision_item.revision_ordinal 
_pdbx_audit_revision_item.data_content_type 
_pdbx_audit_revision_item.item 
1  4 'Structure model' '_reflns_shell.percent_possible_all'          
2  5 'Structure model' '_atom_site.B_iso_or_equiv'                   
3  5 'Structure model' '_atom_site.Cartn_x'                          
4  5 'Structure model' '_atom_site.Cartn_y'                          
5  5 'Structure model' '_atom_site.Cartn_z'                          
6  5 'Structure model' '_atom_site.auth_asym_id'                     
7  5 'Structure model' '_atom_site.auth_atom_id'                     
8  5 'Structure model' '_atom_site.auth_comp_id'                     
9  5 'Structure model' '_atom_site.auth_seq_id'                      
10 5 'Structure model' '_atom_site.label_asym_id'                    
11 5 'Structure model' '_atom_site.label_atom_id'                    
12 5 'Structure model' '_atom_site.label_comp_id'                    
13 5 'Structure model' '_atom_site.label_entity_id'                  
14 5 'Structure model' '_atom_site.type_symbol'                      
15 5 'Structure model' '_chem_comp.mon_nstd_flag'                    
16 5 'Structure model' '_chem_comp.name'                             
17 5 'Structure model' '_chem_comp.type'                             
18 5 'Structure model' '_pdbx_struct_assembly_gen.asym_id_list'      
19 5 'Structure model' '_pdbx_struct_special_symmetry.label_asym_id' 
20 5 'Structure model' '_struct_conn.pdbx_leaving_atom_flag'         
21 5 'Structure model' '_struct_conn.ptnr1_auth_asym_id'             
22 5 'Structure model' '_struct_conn.ptnr1_auth_comp_id'             
23 5 'Structure model' '_struct_conn.ptnr1_auth_seq_id'              
24 5 'Structure model' '_struct_conn.ptnr1_label_atom_id'            
25 5 'Structure model' '_struct_conn.ptnr1_label_comp_id'            
26 5 'Structure model' '_struct_conn.ptnr2_auth_asym_id'             
27 5 'Structure model' '_struct_conn.ptnr2_auth_comp_id'             
28 5 'Structure model' '_struct_conn.ptnr2_auth_seq_id'              
29 5 'Structure model' '_struct_conn.ptnr2_label_asym_id'            
30 5 'Structure model' '_struct_conn.ptnr2_label_atom_id'            
31 5 'Structure model' '_struct_conn.ptnr2_label_comp_id'            
32 6 'Structure model' '_chem_comp.pdbx_synonyms'                    
33 6 'Structure model' '_database_2.pdbx_DOI'                        
34 6 'Structure model' '_database_2.pdbx_database_accession'         
# 
_pdbx_database_status.status_code                     REL 
_pdbx_database_status.entry_id                        1UGX 
_pdbx_database_status.recvd_initial_deposition_date   2003-06-22 
_pdbx_database_status.deposit_site                    PDBJ 
_pdbx_database_status.process_site                    PDBJ 
_pdbx_database_status.status_code_sf                  REL 
_pdbx_database_status.SG_entry                        . 
_pdbx_database_status.pdb_format_compatible           Y 
_pdbx_database_status.status_code_mr                  ? 
_pdbx_database_status.status_code_cs                  ? 
_pdbx_database_status.methods_development_category    ? 
_pdbx_database_status.status_code_nmr_data            ? 
# 
loop_
_pdbx_database_related.db_name 
_pdbx_database_related.db_id 
_pdbx_database_related.details 
_pdbx_database_related.content_type 
PDB 1M26 'crystal structure of jacalin - T-antigen complex'    unspecified 
PDB 1JAC 'crystal structure of jacalin - Me-alpha-Gal complex' unspecified 
PDB 1UGW 'jacalin - Gal complex'                               unspecified 
PDB 1UGY 'jacalin - mellibiose (Gal-alpha(1-6)-Glc) complex'   unspecified 
PDB 1UH0 'jacalin - Me-alpha-GalNAc complex'                   unspecified 
PDB 1UH1 'jacalin - GalNAc-beta(1-3)-Gal-alpha-O-Me complex'   unspecified 
# 
loop_
_audit_author.name 
_audit_author.pdbx_ordinal 
'Jeyaprakash, A.A.' 1 
'Katiyar, S.'       2 
'Swaminathan, C.P.' 3 
'Sekar, K.'         4 
'Surolia, A.'       5 
'Vijayan, M.'       6 
# 
loop_
_citation.id 
_citation.title 
_citation.journal_abbrev 
_citation.journal_volume 
_citation.page_first 
_citation.page_last 
_citation.year 
_citation.journal_id_ASTM 
_citation.country 
_citation.journal_id_ISSN 
_citation.journal_id_CSD 
_citation.book_publisher 
_citation.pdbx_database_id_PubMed 
_citation.pdbx_database_id_DOI 
primary 'Structural Basis of the Carbohydrate Specificities of Jacalin: An X-ray and Modeling Study'               J.MOL.BIOL. 332 
217 228 2003 JMOBAK UK 0022-2836 0070 ? 12946359 '10.1016/S0022-2836(03)00901-X' 
1       'Crystal structure of the jacalin-T-antigen complex and a comparative study of lectin-T-antigen complexes' J.Mol.Biol. 321 
637 645 2002 JMOBAK UK 0022-2836 0070 ? ?        '10.1016/S0022-2836(02)00674-5' 
2       'A novel mode of carbohydrate recognition in jacalin, a Moraceae plant lectin with a beta-prism fold'      
Nat.Struct.Biol. 3   596 603 1996 NSBIEW US 1072-8368 2024 ? ?        ?                               
# 
loop_
_citation_author.citation_id 
_citation_author.name 
_citation_author.ordinal 
_citation_author.identifier_ORCID 
primary 'Jeyaprakash, A.A.'    1  ? 
primary 'Katiyar, S.'          2  ? 
primary 'Swaminathan, C.P.'    3  ? 
primary 'Sekar, K.'            4  ? 
primary 'Surolia, A.'          5  ? 
primary 'Vijayan, M.'          6  ? 
1       'Jeyaprakash, A.A.'    7  ? 
1       'Rani, P.G.'           8  ? 
1       'Reddy, G.B.'          9  ? 
1       'Banumathi, S.'        10 ? 
1       'Betzel, C.'           11 ? 
1       'Sekar, K.'            12 ? 
1       'Surolia, A.'          13 ? 
1       'Vijayan, M.'          14 ? 
2       'Sankaranarayanan, R.' 15 ? 
2       'sekar, K.'            16 ? 
2       'Banerjee, R.'         17 ? 
2       'Sharma, V.'           18 ? 
2       'Surolia, A.'          19 ? 
2       'Vijayan, M.'          20 ? 
# 
loop_
_entity.id 
_entity.type 
_entity.src_method 
_entity.pdbx_description 
_entity.formula_weight 
_entity.pdbx_number_of_molecules 
_entity.pdbx_ec 
_entity.pdbx_mutation 
_entity.pdbx_fragment 
_entity.details 
1 polymer  nat 'Agglutinin alpha chain'                                                            14643.431 1   ? ? ? ? 
2 polymer  nat 'Agglutinin beta-3 chain'                                                           2059.257  1   ? ? ? ? 
3 branched man 'beta-D-galactopyranose-(1-3)-methyl 2-acetamido-2-deoxy-alpha-D-galactopyranoside' 397.375   1   ? ? ? ? 
4 water    nat water                                                                               18.015    123 ? ? ? ? 
# 
loop_
_entity_name_com.entity_id 
_entity_name_com.name 
1 'Jacalin alpha chain'  
2 'Jacalin beta-3 chain' 
# 
loop_
_entity_poly.entity_id 
_entity_poly.type 
_entity_poly.nstd_linkage 
_entity_poly.nstd_monomer 
_entity_poly.pdbx_seq_one_letter_code 
_entity_poly.pdbx_seq_one_letter_code_can 
_entity_poly.pdbx_strand_id 
_entity_poly.pdbx_target_identifier 
1 'polypeptide(L)' no no 
;GKAFDDGAFTGIREINLSYNKETAIGDFQVVYDLNGSPYVGQNHVSFITGFTPVKISLDFPSEYIMEVSGYTGNVSGYVV
VRSLTFKTNKKTYGPYGVTSGTPFNLPIENGLIVGFKGSIGYWLDYFSMYLSL
;
;GKAFDDGAFTGIREINLSYNKETAIGDFQVVYDLNGSPYVGQNHVSFITGFTPVKISLDFPSEYIMEVSGYTGNVSGYVV
VRSLTFKTNKKTYGPYGVTSGTPFNLPIENGLIVGFKGSIGYWLDYFSMYLSL
;
A ? 
2 'polypeptide(L)' no no DEQSGISQTVIVGPWGAKVS DEQSGISQTVIVGPWGAKVS B ? 
# 
_pdbx_entity_nonpoly.entity_id   4 
_pdbx_entity_nonpoly.name        water 
_pdbx_entity_nonpoly.comp_id     HOH 
# 
loop_
_entity_poly_seq.entity_id 
_entity_poly_seq.num 
_entity_poly_seq.mon_id 
_entity_poly_seq.hetero 
1 1   GLY n 
1 2   LYS n 
1 3   ALA n 
1 4   PHE n 
1 5   ASP n 
1 6   ASP n 
1 7   GLY n 
1 8   ALA n 
1 9   PHE n 
1 10  THR n 
1 11  GLY n 
1 12  ILE n 
1 13  ARG n 
1 14  GLU n 
1 15  ILE n 
1 16  ASN n 
1 17  LEU n 
1 18  SER n 
1 19  TYR n 
1 20  ASN n 
1 21  LYS n 
1 22  GLU n 
1 23  THR n 
1 24  ALA n 
1 25  ILE n 
1 26  GLY n 
1 27  ASP n 
1 28  PHE n 
1 29  GLN n 
1 30  VAL n 
1 31  VAL n 
1 32  TYR n 
1 33  ASP n 
1 34  LEU n 
1 35  ASN n 
1 36  GLY n 
1 37  SER n 
1 38  PRO n 
1 39  TYR n 
1 40  VAL n 
1 41  GLY n 
1 42  GLN n 
1 43  ASN n 
1 44  HIS n 
1 45  VAL n 
1 46  SER n 
1 47  PHE n 
1 48  ILE n 
1 49  THR n 
1 50  GLY n 
1 51  PHE n 
1 52  THR n 
1 53  PRO n 
1 54  VAL n 
1 55  LYS n 
1 56  ILE n 
1 57  SER n 
1 58  LEU n 
1 59  ASP n 
1 60  PHE n 
1 61  PRO n 
1 62  SER n 
1 63  GLU n 
1 64  TYR n 
1 65  ILE n 
1 66  MET n 
1 67  GLU n 
1 68  VAL n 
1 69  SER n 
1 70  GLY n 
1 71  TYR n 
1 72  THR n 
1 73  GLY n 
1 74  ASN n 
1 75  VAL n 
1 76  SER n 
1 77  GLY n 
1 78  TYR n 
1 79  VAL n 
1 80  VAL n 
1 81  VAL n 
1 82  ARG n 
1 83  SER n 
1 84  LEU n 
1 85  THR n 
1 86  PHE n 
1 87  LYS n 
1 88  THR n 
1 89  ASN n 
1 90  LYS n 
1 91  LYS n 
1 92  THR n 
1 93  TYR n 
1 94  GLY n 
1 95  PRO n 
1 96  TYR n 
1 97  GLY n 
1 98  VAL n 
1 99  THR n 
1 100 SER n 
1 101 GLY n 
1 102 THR n 
1 103 PRO n 
1 104 PHE n 
1 105 ASN n 
1 106 LEU n 
1 107 PRO n 
1 108 ILE n 
1 109 GLU n 
1 110 ASN n 
1 111 GLY n 
1 112 LEU n 
1 113 ILE n 
1 114 VAL n 
1 115 GLY n 
1 116 PHE n 
1 117 LYS n 
1 118 GLY n 
1 119 SER n 
1 120 ILE n 
1 121 GLY n 
1 122 TYR n 
1 123 TRP n 
1 124 LEU n 
1 125 ASP n 
1 126 TYR n 
1 127 PHE n 
1 128 SER n 
1 129 MET n 
1 130 TYR n 
1 131 LEU n 
1 132 SER n 
1 133 LEU n 
2 1   ASP n 
2 2   GLU n 
2 3   GLN n 
2 4   SER n 
2 5   GLY n 
2 6   ILE n 
2 7   SER n 
2 8   GLN n 
2 9   THR n 
2 10  VAL n 
2 11  ILE n 
2 12  VAL n 
2 13  GLY n 
2 14  PRO n 
2 15  TRP n 
2 16  GLY n 
2 17  ALA n 
2 18  LYS n 
2 19  VAL n 
2 20  SER n 
# 
loop_
_entity_src_nat.entity_id 
_entity_src_nat.pdbx_src_id 
_entity_src_nat.pdbx_alt_source_flag 
_entity_src_nat.pdbx_beg_seq_num 
_entity_src_nat.pdbx_end_seq_num 
_entity_src_nat.common_name 
_entity_src_nat.pdbx_organism_scientific 
_entity_src_nat.pdbx_ncbi_taxonomy_id 
_entity_src_nat.genus 
_entity_src_nat.species 
_entity_src_nat.strain 
_entity_src_nat.tissue 
_entity_src_nat.tissue_fraction 
_entity_src_nat.pdbx_secretion 
_entity_src_nat.pdbx_fragment 
_entity_src_nat.pdbx_variant 
_entity_src_nat.pdbx_cell_line 
_entity_src_nat.pdbx_atcc 
_entity_src_nat.pdbx_cellular_location 
_entity_src_nat.pdbx_organ 
_entity_src_nat.pdbx_organelle 
_entity_src_nat.pdbx_cell 
_entity_src_nat.pdbx_plasmid_name 
_entity_src_nat.pdbx_plasmid_details 
_entity_src_nat.details 
1 1 sample ? ? ? 'Artocarpus integer' 3490 Artocarpus ? ? ? ? ? ? ? ? ? ? seeds ? ? ? ? ? 
2 1 sample ? ? ? 'Artocarpus integer' 3490 Artocarpus ? ? ? ? ? ? ? ? ? ? seeds ? ? ? ? ? 
# 
_pdbx_entity_branch.entity_id   3 
_pdbx_entity_branch.type        oligosaccharide 
# 
loop_
_pdbx_entity_branch_descriptor.ordinal 
_pdbx_entity_branch_descriptor.entity_id 
_pdbx_entity_branch_descriptor.descriptor 
_pdbx_entity_branch_descriptor.type 
_pdbx_entity_branch_descriptor.program 
_pdbx_entity_branch_descriptor.program_version 
1 3 'DGalpb1-3DGalpNAc[1Me]a1-OME'                                            'Glycam Condensed Sequence' GMML       1.0   
2 3 'WURCS=2.0/2,2,1/[a2112h-1a_1-5_1*OC_2*NCC/3=O][a2112h-1b_1-5]/1-2/a3-b1' WURCS                       PDB2Glycan 1.1.0 
3 3 '[][methyl]{[(1+1)][a-D-GalpNAc]{[(3+1)][b-D-Galp]{}}}'                   LINUCS                      PDB-CARE   ?     
# 
_pdbx_entity_branch_link.link_id                    1 
_pdbx_entity_branch_link.entity_id                  3 
_pdbx_entity_branch_link.entity_branch_list_num_1   2 
_pdbx_entity_branch_link.comp_id_1                  GAL 
_pdbx_entity_branch_link.atom_id_1                  C1 
_pdbx_entity_branch_link.leaving_atom_id_1          O1 
_pdbx_entity_branch_link.entity_branch_list_num_2   1 
_pdbx_entity_branch_link.comp_id_2                  MGC 
_pdbx_entity_branch_link.atom_id_2                  O3 
_pdbx_entity_branch_link.leaving_atom_id_2          HO3 
_pdbx_entity_branch_link.value_order                sing 
_pdbx_entity_branch_link.details                    ? 
# 
loop_
_chem_comp.id 
_chem_comp.type 
_chem_comp.mon_nstd_flag 
_chem_comp.name 
_chem_comp.pdbx_synonyms 
_chem_comp.formula 
_chem_comp.formula_weight 
ALA 'L-peptide linking'          y ALANINE                                                ? 'C3 H7 N O2'     89.093  
ARG 'L-peptide linking'          y ARGININE                                               ? 'C6 H15 N4 O2 1' 175.209 
ASN 'L-peptide linking'          y ASPARAGINE                                             ? 'C4 H8 N2 O3'    132.118 
ASP 'L-peptide linking'          y 'ASPARTIC ACID'                                        ? 'C4 H7 N O4'     133.103 
GAL 'D-saccharide, beta linking' . beta-D-galactopyranose                                 
'beta-D-galactose; D-galactose; galactose' 'C6 H12 O6'      180.156 
GLN 'L-peptide linking'          y GLUTAMINE                                              ? 'C5 H10 N2 O3'   146.144 
GLU 'L-peptide linking'          y 'GLUTAMIC ACID'                                        ? 'C5 H9 N O4'     147.129 
GLY 'peptide linking'            y GLYCINE                                                ? 'C2 H5 N O2'     75.067  
HIS 'L-peptide linking'          y HISTIDINE                                              ? 'C6 H10 N3 O2 1' 156.162 
HOH non-polymer                  . WATER                                                  ? 'H2 O'           18.015  
ILE 'L-peptide linking'          y ISOLEUCINE                                             ? 'C6 H13 N O2'    131.173 
LEU 'L-peptide linking'          y LEUCINE                                                ? 'C6 H13 N O2'    131.173 
LYS 'L-peptide linking'          y LYSINE                                                 ? 'C6 H15 N2 O2 1' 147.195 
MET 'L-peptide linking'          y METHIONINE                                             ? 'C5 H11 N O2 S'  149.211 
MGC D-saccharide                 n 'methyl 2-acetamido-2-deoxy-alpha-D-galactopyranoside' 
;ALPHA-METHYL-N-ACETYL-D-GALACTOSAMINE; methyl 2-acetamido-2-deoxy-alpha-D-galactoside; methyl 2-acetamido-2-deoxy-D-galactoside; methyl 2-acetamido-2-deoxy-galactoside
;
'C9 H17 N O6'    235.234 
PHE 'L-peptide linking'          y PHENYLALANINE                                          ? 'C9 H11 N O2'    165.189 
PRO 'L-peptide linking'          y PROLINE                                                ? 'C5 H9 N O2'     115.130 
SER 'L-peptide linking'          y SERINE                                                 ? 'C3 H7 N O3'     105.093 
THR 'L-peptide linking'          y THREONINE                                              ? 'C4 H9 N O3'     119.119 
TRP 'L-peptide linking'          y TRYPTOPHAN                                             ? 'C11 H12 N2 O2'  204.225 
TYR 'L-peptide linking'          y TYROSINE                                               ? 'C9 H11 N O3'    181.189 
VAL 'L-peptide linking'          y VALINE                                                 ? 'C5 H11 N O2'    117.146 
# 
loop_
_pdbx_chem_comp_identifier.comp_id 
_pdbx_chem_comp_identifier.type 
_pdbx_chem_comp_identifier.program 
_pdbx_chem_comp_identifier.program_version 
_pdbx_chem_comp_identifier.identifier 
GAL 'CONDENSED IUPAC CARBOHYDRATE SYMBOL' GMML     1.0 DGalpb                                
GAL 'COMMON NAME'                         GMML     1.0 b-D-galactopyranose                   
GAL 'IUPAC CARBOHYDRATE SYMBOL'           PDB-CARE 1.0 b-D-Galp                              
GAL 'SNFG CARBOHYDRATE SYMBOL'            GMML     1.0 Gal                                   
MGC 'CONDENSED IUPAC CARBOHYDRATE SYMBOL' GMML     1.0 'DGalpNAc[1Me]a'                      
MGC 'COMMON NAME'                         GMML     1.0 1-methyl-N-acetyl-a-D-galactopyranose 
MGC 'IUPAC CARBOHYDRATE SYMBOL'           PDB-CARE 1.0 a-methyl-N-acetyl-D-galactosamine     
# 
loop_
_pdbx_poly_seq_scheme.asym_id 
_pdbx_poly_seq_scheme.entity_id 
_pdbx_poly_seq_scheme.seq_id 
_pdbx_poly_seq_scheme.mon_id 
_pdbx_poly_seq_scheme.ndb_seq_num 
_pdbx_poly_seq_scheme.pdb_seq_num 
_pdbx_poly_seq_scheme.auth_seq_num 
_pdbx_poly_seq_scheme.pdb_mon_id 
_pdbx_poly_seq_scheme.auth_mon_id 
_pdbx_poly_seq_scheme.pdb_strand_id 
_pdbx_poly_seq_scheme.pdb_ins_code 
_pdbx_poly_seq_scheme.hetero 
A 1 1   GLY 1   1   1   GLY GLY A . n 
A 1 2   LYS 2   2   2   LYS LYS A . n 
A 1 3   ALA 3   3   3   ALA ALA A . n 
A 1 4   PHE 4   4   4   PHE PHE A . n 
A 1 5   ASP 5   5   5   ASP ASP A . n 
A 1 6   ASP 6   6   6   ASP ASP A . n 
A 1 7   GLY 7   7   7   GLY GLY A . n 
A 1 8   ALA 8   8   8   ALA ALA A . n 
A 1 9   PHE 9   9   9   PHE PHE A . n 
A 1 10  THR 10  10  10  THR THR A . n 
A 1 11  GLY 11  11  11  GLY GLY A . n 
A 1 12  ILE 12  12  12  ILE ILE A . n 
A 1 13  ARG 13  13  13  ARG ARG A . n 
A 1 14  GLU 14  14  14  GLU GLU A . n 
A 1 15  ILE 15  15  15  ILE ILE A . n 
A 1 16  ASN 16  16  16  ASN ASN A . n 
A 1 17  LEU 17  17  17  LEU LEU A . n 
A 1 18  SER 18  18  18  SER SER A . n 
A 1 19  TYR 19  19  19  TYR TYR A . n 
A 1 20  ASN 20  20  20  ASN ASN A . n 
A 1 21  LYS 21  21  21  LYS LYS A . n 
A 1 22  GLU 22  22  22  GLU GLU A . n 
A 1 23  THR 23  23  23  THR THR A . n 
A 1 24  ALA 24  24  24  ALA ALA A . n 
A 1 25  ILE 25  25  25  ILE ILE A . n 
A 1 26  GLY 26  26  26  GLY GLY A . n 
A 1 27  ASP 27  27  27  ASP ASP A . n 
A 1 28  PHE 28  28  28  PHE PHE A . n 
A 1 29  GLN 29  29  29  GLN GLN A . n 
A 1 30  VAL 30  30  30  VAL VAL A . n 
A 1 31  VAL 31  31  31  VAL VAL A . n 
A 1 32  TYR 32  32  32  TYR TYR A . n 
A 1 33  ASP 33  33  33  ASP ASP A . n 
A 1 34  LEU 34  34  34  LEU LEU A . n 
A 1 35  ASN 35  35  35  ASN ASN A . n 
A 1 36  GLY 36  36  36  GLY GLY A . n 
A 1 37  SER 37  37  37  SER SER A . n 
A 1 38  PRO 38  38  38  PRO PRO A . n 
A 1 39  TYR 39  39  39  TYR TYR A . n 
A 1 40  VAL 40  40  40  VAL VAL A . n 
A 1 41  GLY 41  41  41  GLY GLY A . n 
A 1 42  GLN 42  42  42  GLN GLN A . n 
A 1 43  ASN 43  43  43  ASN ASN A . n 
A 1 44  HIS 44  44  44  HIS HIS A . n 
A 1 45  VAL 45  45  45  VAL VAL A . n 
A 1 46  SER 46  46  46  SER SER A . n 
A 1 47  PHE 47  47  47  PHE PHE A . n 
A 1 48  ILE 48  48  48  ILE ILE A . n 
A 1 49  THR 49  49  49  THR THR A . n 
A 1 50  GLY 50  50  50  GLY GLY A . n 
A 1 51  PHE 51  51  51  PHE PHE A . n 
A 1 52  THR 52  52  52  THR THR A . n 
A 1 53  PRO 53  53  53  PRO PRO A . n 
A 1 54  VAL 54  54  54  VAL VAL A . n 
A 1 55  LYS 55  55  55  LYS LYS A . n 
A 1 56  ILE 56  56  56  ILE ILE A . n 
A 1 57  SER 57  57  57  SER SER A . n 
A 1 58  LEU 58  58  58  LEU LEU A . n 
A 1 59  ASP 59  59  59  ASP ASP A . n 
A 1 60  PHE 60  60  60  PHE PHE A . n 
A 1 61  PRO 61  61  61  PRO PRO A . n 
A 1 62  SER 62  62  62  SER SER A . n 
A 1 63  GLU 63  63  63  GLU GLU A . n 
A 1 64  TYR 64  64  64  TYR TYR A . n 
A 1 65  ILE 65  65  65  ILE ILE A . n 
A 1 66  MET 66  66  66  MET MET A . n 
A 1 67  GLU 67  67  67  GLU GLU A . n 
A 1 68  VAL 68  68  68  VAL VAL A . n 
A 1 69  SER 69  69  69  SER SER A . n 
A 1 70  GLY 70  70  70  GLY GLY A . n 
A 1 71  TYR 71  71  71  TYR TYR A . n 
A 1 72  THR 72  72  72  THR THR A . n 
A 1 73  GLY 73  73  73  GLY GLY A . n 
A 1 74  ASN 74  74  74  ASN ASN A . n 
A 1 75  VAL 75  75  75  VAL VAL A . n 
A 1 76  SER 76  76  76  SER SER A . n 
A 1 77  GLY 77  77  77  GLY GLY A . n 
A 1 78  TYR 78  78  78  TYR TYR A . n 
A 1 79  VAL 79  79  79  VAL VAL A . n 
A 1 80  VAL 80  80  80  VAL VAL A . n 
A 1 81  VAL 81  81  81  VAL VAL A . n 
A 1 82  ARG 82  82  82  ARG ARG A . n 
A 1 83  SER 83  83  83  SER SER A . n 
A 1 84  LEU 84  84  84  LEU LEU A . n 
A 1 85  THR 85  85  85  THR THR A . n 
A 1 86  PHE 86  86  86  PHE PHE A . n 
A 1 87  LYS 87  87  87  LYS LYS A . n 
A 1 88  THR 88  88  88  THR THR A . n 
A 1 89  ASN 89  89  89  ASN ASN A . n 
A 1 90  LYS 90  90  90  LYS LYS A . n 
A 1 91  LYS 91  91  91  LYS LYS A . n 
A 1 92  THR 92  92  92  THR THR A . n 
A 1 93  TYR 93  93  93  TYR TYR A . n 
A 1 94  GLY 94  94  94  GLY GLY A . n 
A 1 95  PRO 95  95  95  PRO PRO A . n 
A 1 96  TYR 96  96  96  TYR TYR A . n 
A 1 97  GLY 97  97  97  GLY GLY A . n 
A 1 98  VAL 98  98  98  VAL VAL A . n 
A 1 99  THR 99  99  99  THR THR A . n 
A 1 100 SER 100 100 100 SER SER A . n 
A 1 101 GLY 101 101 101 GLY GLY A . n 
A 1 102 THR 102 102 102 THR THR A . n 
A 1 103 PRO 103 103 103 PRO PRO A . n 
A 1 104 PHE 104 104 104 PHE PHE A . n 
A 1 105 ASN 105 105 105 ASN ASN A . n 
A 1 106 LEU 106 106 106 LEU LEU A . n 
A 1 107 PRO 107 107 107 PRO PRO A . n 
A 1 108 ILE 108 108 108 ILE ILE A . n 
A 1 109 GLU 109 109 109 GLU GLU A . n 
A 1 110 ASN 110 110 110 ASN ASN A . n 
A 1 111 GLY 111 111 111 GLY GLY A . n 
A 1 112 LEU 112 112 112 LEU LEU A . n 
A 1 113 ILE 113 113 113 ILE ILE A . n 
A 1 114 VAL 114 114 114 VAL VAL A . n 
A 1 115 GLY 115 115 115 GLY GLY A . n 
A 1 116 PHE 116 116 116 PHE PHE A . n 
A 1 117 LYS 117 117 117 LYS LYS A . n 
A 1 118 GLY 118 118 118 GLY GLY A . n 
A 1 119 SER 119 119 119 SER SER A . n 
A 1 120 ILE 120 120 120 ILE ILE A . n 
A 1 121 GLY 121 121 121 GLY GLY A . n 
A 1 122 TYR 122 122 122 TYR TYR A . n 
A 1 123 TRP 123 123 123 TRP TRP A . n 
A 1 124 LEU 124 124 124 LEU LEU A . n 
A 1 125 ASP 125 125 125 ASP ASP A . n 
A 1 126 TYR 126 126 126 TYR TYR A . n 
A 1 127 PHE 127 127 127 PHE PHE A . n 
A 1 128 SER 128 128 128 SER SER A . n 
A 1 129 MET 129 129 129 MET MET A . n 
A 1 130 TYR 130 130 130 TYR TYR A . n 
A 1 131 LEU 131 131 131 LEU LEU A . n 
A 1 132 SER 132 132 132 SER SER A . n 
A 1 133 LEU 133 133 133 LEU LEU A . n 
B 2 1   ASP 1   1   ?   ?   ?   B . n 
B 2 2   GLU 2   2   ?   ?   ?   B . n 
B 2 3   GLN 3   3   ?   ?   ?   B . n 
B 2 4   SER 4   4   4   SER SER B . n 
B 2 5   GLY 5   5   5   GLY GLY B . n 
B 2 6   ILE 6   6   6   ILE ILE B . n 
B 2 7   SER 7   7   7   SER SER B . n 
B 2 8   GLN 8   8   8   GLN GLN B . n 
B 2 9   THR 9   9   9   THR THR B . n 
B 2 10  VAL 10  10  10  VAL VAL B . n 
B 2 11  ILE 11  11  11  ILE ILE B . n 
B 2 12  VAL 12  12  12  VAL VAL B . n 
B 2 13  GLY 13  13  13  GLY GLY B . n 
B 2 14  PRO 14  14  14  PRO PRO B . n 
B 2 15  TRP 15  15  15  TRP TRP B . n 
B 2 16  GLY 16  16  16  GLY GLY B . n 
B 2 17  ALA 17  17  17  ALA ALA B . n 
B 2 18  LYS 18  18  18  LYS LYS B . n 
B 2 19  VAL 19  19  ?   ?   ?   B . n 
B 2 20  SER 20  20  ?   ?   ?   B . n 
# 
loop_
_pdbx_branch_scheme.asym_id 
_pdbx_branch_scheme.entity_id 
_pdbx_branch_scheme.mon_id 
_pdbx_branch_scheme.num 
_pdbx_branch_scheme.pdb_asym_id 
_pdbx_branch_scheme.pdb_mon_id 
_pdbx_branch_scheme.pdb_seq_num 
_pdbx_branch_scheme.auth_asym_id 
_pdbx_branch_scheme.auth_mon_id 
_pdbx_branch_scheme.auth_seq_num 
_pdbx_branch_scheme.hetero 
C 3 MGC 1 C MGC 1 A MTN 134 n 
C 3 GAL 2 C GAL 2 A MTN 134 n 
# 
loop_
_pdbx_nonpoly_scheme.asym_id 
_pdbx_nonpoly_scheme.entity_id 
_pdbx_nonpoly_scheme.mon_id 
_pdbx_nonpoly_scheme.ndb_seq_num 
_pdbx_nonpoly_scheme.pdb_seq_num 
_pdbx_nonpoly_scheme.auth_seq_num 
_pdbx_nonpoly_scheme.pdb_mon_id 
_pdbx_nonpoly_scheme.auth_mon_id 
_pdbx_nonpoly_scheme.pdb_strand_id 
_pdbx_nonpoly_scheme.pdb_ins_code 
D 4 HOH 1   201 201 HOH HOH A . 
D 4 HOH 2   202 202 HOH HOH A . 
D 4 HOH 3   203 203 HOH HOH A . 
D 4 HOH 4   204 204 HOH HOH A . 
D 4 HOH 5   206 206 HOH HOH A . 
D 4 HOH 6   207 207 HOH HOH A . 
D 4 HOH 7   208 208 HOH HOH A . 
D 4 HOH 8   209 209 HOH HOH A . 
D 4 HOH 9   210 210 HOH HOH A . 
D 4 HOH 10  212 212 HOH HOH A . 
D 4 HOH 11  213 213 HOH HOH A . 
D 4 HOH 12  214 214 HOH HOH A . 
D 4 HOH 13  216 216 HOH HOH A . 
D 4 HOH 14  217 217 HOH HOH A . 
D 4 HOH 15  218 218 HOH HOH A . 
D 4 HOH 16  219 219 HOH HOH A . 
D 4 HOH 17  220 220 HOH HOH A . 
D 4 HOH 18  221 221 HOH HOH A . 
D 4 HOH 19  222 222 HOH HOH A . 
D 4 HOH 20  223 223 HOH HOH A . 
D 4 HOH 21  224 224 HOH HOH A . 
D 4 HOH 22  225 225 HOH HOH A . 
D 4 HOH 23  226 226 HOH HOH A . 
D 4 HOH 24  227 227 HOH HOH A . 
D 4 HOH 25  228 228 HOH HOH A . 
D 4 HOH 26  229 229 HOH HOH A . 
D 4 HOH 27  231 231 HOH HOH A . 
D 4 HOH 28  232 232 HOH HOH A . 
D 4 HOH 29  233 233 HOH HOH A . 
D 4 HOH 30  234 234 HOH HOH A . 
D 4 HOH 31  235 235 HOH HOH A . 
D 4 HOH 32  236 236 HOH HOH A . 
D 4 HOH 33  237 237 HOH HOH A . 
D 4 HOH 34  238 238 HOH HOH A . 
D 4 HOH 35  239 239 HOH HOH A . 
D 4 HOH 36  240 240 HOH HOH A . 
D 4 HOH 37  241 241 HOH HOH A . 
D 4 HOH 38  243 243 HOH HOH A . 
D 4 HOH 39  244 244 HOH HOH A . 
D 4 HOH 40  246 246 HOH HOH A . 
D 4 HOH 41  247 247 HOH HOH A . 
D 4 HOH 42  248 248 HOH HOH A . 
D 4 HOH 43  249 249 HOH HOH A . 
D 4 HOH 44  250 250 HOH HOH A . 
D 4 HOH 45  251 251 HOH HOH A . 
D 4 HOH 46  252 252 HOH HOH A . 
D 4 HOH 47  253 253 HOH HOH A . 
D 4 HOH 48  254 254 HOH HOH A . 
D 4 HOH 49  255 255 HOH HOH A . 
D 4 HOH 50  256 256 HOH HOH A . 
D 4 HOH 51  257 257 HOH HOH A . 
D 4 HOH 52  258 258 HOH HOH A . 
D 4 HOH 53  259 259 HOH HOH A . 
D 4 HOH 54  260 260 HOH HOH A . 
D 4 HOH 55  261 261 HOH HOH A . 
D 4 HOH 56  262 262 HOH HOH A . 
D 4 HOH 57  264 264 HOH HOH A . 
D 4 HOH 58  265 265 HOH HOH A . 
D 4 HOH 59  266 266 HOH HOH A . 
D 4 HOH 60  267 267 HOH HOH A . 
D 4 HOH 61  268 268 HOH HOH A . 
D 4 HOH 62  269 269 HOH HOH A . 
D 4 HOH 63  270 270 HOH HOH A . 
D 4 HOH 64  271 271 HOH HOH A . 
D 4 HOH 65  272 272 HOH HOH A . 
D 4 HOH 66  274 274 HOH HOH A . 
D 4 HOH 67  277 277 HOH HOH A . 
D 4 HOH 68  278 278 HOH HOH A . 
D 4 HOH 69  279 279 HOH HOH A . 
D 4 HOH 70  280 280 HOH HOH A . 
D 4 HOH 71  281 281 HOH HOH A . 
D 4 HOH 72  282 282 HOH HOH A . 
D 4 HOH 73  283 283 HOH HOH A . 
D 4 HOH 74  284 284 HOH HOH A . 
D 4 HOH 75  285 285 HOH HOH A . 
D 4 HOH 76  286 286 HOH HOH A . 
D 4 HOH 77  287 287 HOH HOH A . 
D 4 HOH 78  288 288 HOH HOH A . 
D 4 HOH 79  290 290 HOH HOH A . 
D 4 HOH 80  291 291 HOH HOH A . 
D 4 HOH 81  292 292 HOH HOH A . 
D 4 HOH 82  293 293 HOH HOH A . 
D 4 HOH 83  294 294 HOH HOH A . 
D 4 HOH 84  295 295 HOH HOH A . 
D 4 HOH 85  296 296 HOH HOH A . 
D 4 HOH 86  297 297 HOH HOH A . 
D 4 HOH 87  298 298 HOH HOH A . 
D 4 HOH 88  299 299 HOH HOH A . 
D 4 HOH 89  300 300 HOH HOH A . 
D 4 HOH 90  301 301 HOH HOH A . 
D 4 HOH 91  302 302 HOH HOH A . 
D 4 HOH 92  303 303 HOH HOH A . 
D 4 HOH 93  304 304 HOH HOH A . 
D 4 HOH 94  305 305 HOH HOH A . 
D 4 HOH 95  306 306 HOH HOH A . 
D 4 HOH 96  308 308 HOH HOH A . 
D 4 HOH 97  309 309 HOH HOH A . 
D 4 HOH 98  311 311 HOH HOH A . 
D 4 HOH 99  312 312 HOH HOH A . 
D 4 HOH 100 313 313 HOH HOH A . 
D 4 HOH 101 314 314 HOH HOH A . 
D 4 HOH 102 315 315 HOH HOH A . 
D 4 HOH 103 316 316 HOH HOH A . 
D 4 HOH 104 317 317 HOH HOH A . 
D 4 HOH 105 319 319 HOH HOH A . 
D 4 HOH 106 320 320 HOH HOH A . 
D 4 HOH 107 321 321 HOH HOH A . 
D 4 HOH 108 322 322 HOH HOH A . 
D 4 HOH 109 323 323 HOH HOH A . 
E 4 HOH 1   205 205 HOH HOH B . 
E 4 HOH 2   211 211 HOH HOH B . 
E 4 HOH 3   215 215 HOH HOH B . 
E 4 HOH 4   230 230 HOH HOH B . 
E 4 HOH 5   242 242 HOH HOH B . 
E 4 HOH 6   245 245 HOH HOH B . 
E 4 HOH 7   263 263 HOH HOH B . 
E 4 HOH 8   273 273 HOH HOH B . 
E 4 HOH 9   275 275 HOH HOH B . 
E 4 HOH 10  276 276 HOH HOH B . 
E 4 HOH 11  289 289 HOH HOH B . 
E 4 HOH 12  307 307 HOH HOH B . 
E 4 HOH 13  310 310 HOH HOH B . 
E 4 HOH 14  318 318 HOH HOH B . 
# 
loop_
_software.name 
_software.classification 
_software.version 
_software.citation_id 
_software.pdbx_ordinal 
CNS       refinement       1.0 ? 1 
DENZO     'data reduction' .   ? 2 
SCALEPACK 'data scaling'   .   ? 3 
AMoRE     phasing          .   ? 4 
# 
_cell.entry_id           1UGX 
_cell.length_a           43.287 
_cell.length_b           100.556 
_cell.length_c           102.399 
_cell.angle_alpha        90.00 
_cell.angle_beta         90.00 
_cell.angle_gamma        90.00 
_cell.Z_PDB              8 
_cell.pdbx_unique_axis   ? 
# 
_symmetry.entry_id                         1UGX 
_symmetry.space_group_name_H-M             'I 2 2 2' 
_symmetry.pdbx_full_space_group_name_H-M   ? 
_symmetry.cell_setting                     ? 
_symmetry.Int_Tables_number                23 
# 
_exptl.entry_id          1UGX 
_exptl.method            'X-RAY DIFFRACTION' 
_exptl.crystals_number   1 
# 
_exptl_crystal.id                    1 
_exptl_crystal.density_meas          ? 
_exptl_crystal.density_Matthews      3.08 
_exptl_crystal.density_percent_sol   59.69 
_exptl_crystal.description           ? 
# 
_exptl_crystal_grow.crystal_id      1 
_exptl_crystal_grow.method          'VAPOR DIFFUSION, HANGING DROP' 
_exptl_crystal_grow.temp            293 
_exptl_crystal_grow.temp_details    ? 
_exptl_crystal_grow.pH              7.3 
_exptl_crystal_grow.pdbx_details    
'PEG 4000, NaCl, sodium azide, Phosphate buffer, pH 7.3, VAPOR DIFFUSION, HANGING DROP, temperature 293K' 
_exptl_crystal_grow.pdbx_pH_range   . 
# 
_diffrn.id                     1 
_diffrn.ambient_temp           293 
_diffrn.ambient_temp_details   ? 
_diffrn.crystal_id             1 
# 
_diffrn_detector.diffrn_id              1 
_diffrn_detector.detector               'IMAGE PLATE' 
_diffrn_detector.type                   MARRESEARCH 
_diffrn_detector.pdbx_collection_date   ? 
_diffrn_detector.details                ? 
# 
_diffrn_radiation.diffrn_id                        1 
_diffrn_radiation.wavelength_id                    1 
_diffrn_radiation.pdbx_monochromatic_or_laue_m_l   M 
_diffrn_radiation.monochromator                    Mirror 
_diffrn_radiation.pdbx_diffrn_protocol             'SINGLE WAVELENGTH' 
_diffrn_radiation.pdbx_scattering_type             x-ray 
# 
_diffrn_radiation_wavelength.id           1 
_diffrn_radiation_wavelength.wavelength   1.0 
_diffrn_radiation_wavelength.wt           1.0 
# 
_diffrn_source.diffrn_id                   1 
_diffrn_source.source                      SYNCHROTRON 
_diffrn_source.type                        'ELETTRA BEAMLINE 5.2R' 
_diffrn_source.pdbx_synchrotron_site       ELETTRA 
_diffrn_source.pdbx_synchrotron_beamline   5.2R 
_diffrn_source.pdbx_wavelength             ? 
_diffrn_source.pdbx_wavelength_list        1.0 
# 
_reflns.entry_id                     1UGX 
_reflns.observed_criterion_sigma_I   0 
_reflns.observed_criterion_sigma_F   0 
_reflns.d_resolution_low             30 
_reflns.d_resolution_high            1.6 
_reflns.number_obs                   27418 
_reflns.number_all                   27418 
_reflns.percent_possible_obs         91.5 
_reflns.pdbx_Rmerge_I_obs            0.086 
_reflns.pdbx_Rsym_value              ? 
_reflns.pdbx_netI_over_sigmaI        ? 
_reflns.B_iso_Wilson_estimate        32.9 
_reflns.pdbx_redundancy              5.1 
_reflns.R_free_details               ? 
_reflns.limit_h_max                  ? 
_reflns.limit_h_min                  ? 
_reflns.limit_k_max                  ? 
_reflns.limit_k_min                  ? 
_reflns.limit_l_max                  ? 
_reflns.limit_l_min                  ? 
_reflns.observed_criterion_F_max     ? 
_reflns.observed_criterion_F_min     ? 
_reflns.pdbx_ordinal                 1 
_reflns.pdbx_diffrn_id               1 
# 
_reflns_shell.d_res_high             1.6 
_reflns_shell.d_res_low              1.63 
_reflns_shell.percent_possible_all   ? 
_reflns_shell.Rmerge_I_obs           0.163 
_reflns_shell.pdbx_Rsym_value        ? 
_reflns_shell.meanI_over_sigI_obs    ? 
_reflns_shell.pdbx_redundancy        ? 
_reflns_shell.percent_possible_obs   ? 
_reflns_shell.number_unique_all      2452 
_reflns_shell.pdbx_ordinal           1 
_reflns_shell.pdbx_diffrn_id         1 
# 
_refine.entry_id                                 1UGX 
_refine.ls_number_reflns_obs                     27409 
_refine.ls_number_reflns_all                     27418 
_refine.pdbx_ls_sigma_I                          ? 
_refine.pdbx_ls_sigma_F                          0.0 
_refine.pdbx_data_cutoff_high_absF               1230623.38 
_refine.pdbx_data_cutoff_low_absF                0.0 
_refine.pdbx_data_cutoff_high_rms_absF           ? 
_refine.ls_d_res_low                             26.80 
_refine.ls_d_res_high                            1.60 
_refine.ls_percent_reflns_obs                    91.3 
_refine.ls_R_factor_obs                          0.189 
_refine.ls_R_factor_all                          ? 
_refine.ls_R_factor_R_work                       0.189 
_refine.ls_R_factor_R_free                       0.205 
_refine.ls_R_factor_R_free_error                 0.006 
_refine.ls_R_factor_R_free_error_details         ? 
_refine.ls_percent_reflns_R_free                 4.9 
_refine.ls_number_reflns_R_free                  1344 
_refine.ls_number_parameters                     ? 
_refine.ls_number_restraints                     ? 
_refine.occupancy_min                            ? 
_refine.occupancy_max                            ? 
_refine.correlation_coeff_Fo_to_Fc               ? 
_refine.correlation_coeff_Fo_to_Fc_free          ? 
_refine.B_iso_mean                               31.4 
_refine.aniso_B[1][1]                            1.25 
_refine.aniso_B[2][2]                            2.11 
_refine.aniso_B[3][3]                            -3.36 
_refine.aniso_B[1][2]                            0.00 
_refine.aniso_B[1][3]                            0.00 
_refine.aniso_B[2][3]                            0.00 
_refine.solvent_model_details                    'FLAT MODEL' 
_refine.solvent_model_param_ksol                 0.353446 
_refine.solvent_model_param_bsol                 52.0741 
_refine.pdbx_solvent_vdw_probe_radii             ? 
_refine.pdbx_solvent_ion_probe_radii             ? 
_refine.pdbx_solvent_shrinkage_radii             ? 
_refine.pdbx_ls_cross_valid_method               THROUGHOUT 
_refine.details                                  ? 
_refine.pdbx_starting_model                      ? 
_refine.pdbx_method_to_determine_struct          'MOLECULAR REPLACEMENT' 
_refine.pdbx_isotropic_thermal_model             RESTRAINED 
_refine.pdbx_stereochemistry_target_values       'Engh & Huber' 
_refine.pdbx_stereochem_target_val_spec_case     ? 
_refine.pdbx_R_Free_selection_details            RANDOM 
_refine.pdbx_overall_ESU_R                       ? 
_refine.pdbx_overall_ESU_R_Free                  ? 
_refine.overall_SU_ML                            ? 
_refine.overall_SU_B                             ? 
_refine.ls_redundancy_reflns_obs                 ? 
_refine.B_iso_min                                ? 
_refine.B_iso_max                                ? 
_refine.overall_SU_R_Cruickshank_DPI             ? 
_refine.overall_SU_R_free                        ? 
_refine.pdbx_refine_id                           'X-RAY DIFFRACTION' 
_refine.pdbx_diffrn_id                           1 
_refine.pdbx_TLS_residual_ADP_flag               ? 
_refine.pdbx_overall_phase_error                 ? 
_refine.pdbx_overall_SU_R_free_Cruickshank_DPI   ? 
_refine.pdbx_overall_SU_R_Blow_DPI               ? 
_refine.pdbx_overall_SU_R_free_Blow_DPI          ? 
# 
_refine_analyze.entry_id                        1UGX 
_refine_analyze.Luzzati_coordinate_error_obs    0.21 
_refine_analyze.Luzzati_sigma_a_obs             0.17 
_refine_analyze.Luzzati_d_res_low_obs           5.00 
_refine_analyze.Luzzati_coordinate_error_free   0.22 
_refine_analyze.Luzzati_sigma_a_free            0.17 
_refine_analyze.Luzzati_d_res_low_free          ? 
_refine_analyze.number_disordered_residues      ? 
_refine_analyze.occupancy_sum_hydrogen          ? 
_refine_analyze.occupancy_sum_non_hydrogen      ? 
_refine_analyze.pdbx_Luzzati_d_res_high_obs     ? 
_refine_analyze.pdbx_refine_id                  'X-RAY DIFFRACTION' 
# 
_refine_hist.pdbx_refine_id                   'X-RAY DIFFRACTION' 
_refine_hist.cycle_id                         LAST 
_refine_hist.pdbx_number_atoms_protein        1143 
_refine_hist.pdbx_number_atoms_nucleic_acid   0 
_refine_hist.pdbx_number_atoms_ligand         27 
_refine_hist.number_atoms_solvent             123 
_refine_hist.number_atoms_total               1293 
_refine_hist.d_res_high                       1.60 
_refine_hist.d_res_low                        26.80 
# 
loop_
_refine_ls_restr.type 
_refine_ls_restr.dev_ideal 
_refine_ls_restr.dev_ideal_target 
_refine_ls_restr.weight 
_refine_ls_restr.number 
_refine_ls_restr.pdbx_refine_id 
_refine_ls_restr.pdbx_restraint_function 
c_bond_d           0.005 ?    ? ? 'X-RAY DIFFRACTION' ? 
c_angle_deg        1.3   ?    ? ? 'X-RAY DIFFRACTION' ? 
c_dihedral_angle_d 26.4  ?    ? ? 'X-RAY DIFFRACTION' ? 
c_improper_angle_d 0.80  ?    ? ? 'X-RAY DIFFRACTION' ? 
c_mcbond_it        1.08  1.50 ? ? 'X-RAY DIFFRACTION' ? 
c_mcangle_it       1.68  2.00 ? ? 'X-RAY DIFFRACTION' ? 
c_scbond_it        1.99  2.00 ? ? 'X-RAY DIFFRACTION' ? 
c_scangle_it       2.91  2.50 ? ? 'X-RAY DIFFRACTION' ? 
# 
_refine_ls_shell.pdbx_total_number_of_bins_used   6 
_refine_ls_shell.d_res_high                       1.60 
_refine_ls_shell.d_res_low                        1.70 
_refine_ls_shell.number_reflns_R_work             3907 
_refine_ls_shell.R_factor_R_work                  0.326 
_refine_ls_shell.percent_reflns_obs               83.3 
_refine_ls_shell.R_factor_R_free                  0.331 
_refine_ls_shell.R_factor_R_free_error            0.024 
_refine_ls_shell.percent_reflns_R_free            4.5 
_refine_ls_shell.number_reflns_R_free             183 
_refine_ls_shell.number_reflns_obs                ? 
_refine_ls_shell.redundancy_reflns_obs            ? 
_refine_ls_shell.number_reflns_all                ? 
_refine_ls_shell.pdbx_refine_id                   'X-RAY DIFFRACTION' 
_refine_ls_shell.R_factor_all                     ? 
# 
loop_
_pdbx_xplor_file.serial_no 
_pdbx_xplor_file.param_file 
_pdbx_xplor_file.topol_file 
_pdbx_xplor_file.pdbx_refine_id 
1 PROTEIN_REP.PARAM ? 'X-RAY DIFFRACTION' 
2 CIS.PARAM         ? 'X-RAY DIFFRACTION' 
3 WATER_REP.PARAM   ? 'X-RAY DIFFRACTION' 
4 MTN.PARAM         ? 'X-RAY DIFFRACTION' 
# 
_struct.entry_id                  1UGX 
_struct.title                     'Crystal structure of jacalin- Me-alpha-T-antigen (Gal-beta(1-3)-GalNAc-alpha-o-Me) complex' 
_struct.pdbx_model_details        ? 
_struct.pdbx_CASP_flag            ? 
_struct.pdbx_model_type_details   ? 
# 
_struct_keywords.entry_id        1UGX 
_struct_keywords.pdbx_keywords   'SUGAR BINDING PROTEIN' 
_struct_keywords.text            'All beta sheet protein, Beta-prism I fold, Galactose-specific, SUGAR BINDING PROTEIN' 
# 
loop_
_struct_asym.id 
_struct_asym.pdbx_blank_PDB_chainid_flag 
_struct_asym.pdbx_modified 
_struct_asym.entity_id 
_struct_asym.details 
A N N 1 ? 
B N N 2 ? 
C N N 3 ? 
D N N 4 ? 
E N N 4 ? 
# 
loop_
_struct_ref.id 
_struct_ref.db_name 
_struct_ref.db_code 
_struct_ref.entity_id 
_struct_ref.pdbx_seq_one_letter_code 
_struct_ref.pdbx_align_begin 
_struct_ref.pdbx_db_accession 
_struct_ref.pdbx_db_isoform 
1 UNP LECA_ARTIN 1 
;GKAFDDGAFTGIREINLSYNKETAIGDFQVVYDLNGSPYVGQNHKSFITGFTPVKISLDFPSEYIMEVSGYTGNVSGYVV
VRSLTFKTNKKTYGPYGVTSGTPFNLPIENGLIVGFKGSIGYWLDYFSMYLSL
;
1 P18670 ? 
2 UNP LEC3_ARTIN 2 DEQSGISQTVIVGPWGAKVS 1 P18673 ? 
# 
loop_
_struct_ref_seq.align_id 
_struct_ref_seq.ref_id 
_struct_ref_seq.pdbx_PDB_id_code 
_struct_ref_seq.pdbx_strand_id 
_struct_ref_seq.seq_align_beg 
_struct_ref_seq.pdbx_seq_align_beg_ins_code 
_struct_ref_seq.seq_align_end 
_struct_ref_seq.pdbx_seq_align_end_ins_code 
_struct_ref_seq.pdbx_db_accession 
_struct_ref_seq.db_align_beg 
_struct_ref_seq.pdbx_db_align_beg_ins_code 
_struct_ref_seq.db_align_end 
_struct_ref_seq.pdbx_db_align_end_ins_code 
_struct_ref_seq.pdbx_auth_seq_align_beg 
_struct_ref_seq.pdbx_auth_seq_align_end 
1 1 1UGX A 1 ? 133 ? P18670 1 ? 133 ? 1 133 
2 2 1UGX B 1 ? 20  ? P18673 1 ? 20  ? 1 20  
# 
_struct_ref_seq_dif.align_id                     1 
_struct_ref_seq_dif.pdbx_pdb_id_code             1UGX 
_struct_ref_seq_dif.mon_id                       VAL 
_struct_ref_seq_dif.pdbx_pdb_strand_id           A 
_struct_ref_seq_dif.seq_num                      45 
_struct_ref_seq_dif.pdbx_pdb_ins_code            ? 
_struct_ref_seq_dif.pdbx_seq_db_name             UNP 
_struct_ref_seq_dif.pdbx_seq_db_accession_code   P18670 
_struct_ref_seq_dif.db_mon_id                    LYS 
_struct_ref_seq_dif.pdbx_seq_db_seq_num          45 
_struct_ref_seq_dif.details                      'SEE REMARK 999' 
_struct_ref_seq_dif.pdbx_auth_seq_num            45 
_struct_ref_seq_dif.pdbx_ordinal                 1 
# 
_pdbx_struct_assembly.id                   1 
_pdbx_struct_assembly.details              author_and_software_defined_assembly 
_pdbx_struct_assembly.method_details       PISA,PQS 
_pdbx_struct_assembly.oligomeric_details   octameric 
_pdbx_struct_assembly.oligomeric_count     8 
# 
loop_
_pdbx_struct_assembly_prop.biol_id 
_pdbx_struct_assembly_prop.type 
_pdbx_struct_assembly_prop.value 
_pdbx_struct_assembly_prop.details 
1 'ABSA (A^2)' 15180 ? 
1 MORE         -56   ? 
1 'SSA (A^2)'  23030 ? 
# 
_pdbx_struct_assembly_gen.assembly_id       1 
_pdbx_struct_assembly_gen.oper_expression   1,2,3,4 
_pdbx_struct_assembly_gen.asym_id_list      A,B,C,D,E 
# 
loop_
_pdbx_struct_oper_list.id 
_pdbx_struct_oper_list.type 
_pdbx_struct_oper_list.name 
_pdbx_struct_oper_list.symmetry_operation 
_pdbx_struct_oper_list.matrix[1][1] 
_pdbx_struct_oper_list.matrix[1][2] 
_pdbx_struct_oper_list.matrix[1][3] 
_pdbx_struct_oper_list.vector[1] 
_pdbx_struct_oper_list.matrix[2][1] 
_pdbx_struct_oper_list.matrix[2][2] 
_pdbx_struct_oper_list.matrix[2][3] 
_pdbx_struct_oper_list.vector[2] 
_pdbx_struct_oper_list.matrix[3][1] 
_pdbx_struct_oper_list.matrix[3][2] 
_pdbx_struct_oper_list.matrix[3][3] 
_pdbx_struct_oper_list.vector[3] 
1 'identity operation'         1_555 x,y,z       1.0000000000  0.0000000000  0.0000000000  0.0000000000   0.0000000000  1.0000000000  0.0000000000  0.0000000000  0.0000000000  0.0000000000  1.0000000000  0.0000000000   
2 'crystal symmetry operation' 2_665 -x+1,-y+1,z -0.1450707790 0.1243202332  -0.9815798229 -19.4207893097 0.1243202332  -0.9819218714 -0.1427372342 -4.3760946389 -0.9815798229 -0.1427372342 0.1269926505  -17.4692235735 
3 'crystal symmetry operation' 3_655 -x+1,y,-z   0.0417241907  0.3170973712  0.9474747221  22.8831137556  0.3170973712  -0.9034766172 0.2884081471  4.8097435041  0.9474747221  0.2884081471  -0.1382475735 -26.7691048490 
4 'crystal symmetry operation' 4_565 x,-y+1,-z   -0.8966534117 -0.4414176044 0.0341051007  4.1335011817   -0.4414176044 0.8853984886  -0.1456709129 -2.4331049543 0.0341051007  -0.1456709129 -0.9887450770 -44.0168353809 
# 
_struct_biol.id   1 
# 
_struct_conn.id                            covale1 
_struct_conn.conn_type_id                  covale 
_struct_conn.pdbx_leaving_atom_flag        both 
_struct_conn.pdbx_PDB_id                   ? 
_struct_conn.ptnr1_label_asym_id           C 
_struct_conn.ptnr1_label_comp_id           MGC 
_struct_conn.ptnr1_label_seq_id            . 
_struct_conn.ptnr1_label_atom_id           O3 
_struct_conn.pdbx_ptnr1_label_alt_id       ? 
_struct_conn.pdbx_ptnr1_PDB_ins_code       ? 
_struct_conn.pdbx_ptnr1_standard_comp_id   ? 
_struct_conn.ptnr1_symmetry                1_555 
_struct_conn.ptnr2_label_asym_id           C 
_struct_conn.ptnr2_label_comp_id           GAL 
_struct_conn.ptnr2_label_seq_id            . 
_struct_conn.ptnr2_label_atom_id           C1 
_struct_conn.pdbx_ptnr2_label_alt_id       ? 
_struct_conn.pdbx_ptnr2_PDB_ins_code       ? 
_struct_conn.ptnr1_auth_asym_id            C 
_struct_conn.ptnr1_auth_comp_id            MGC 
_struct_conn.ptnr1_auth_seq_id             1 
_struct_conn.ptnr2_auth_asym_id            C 
_struct_conn.ptnr2_auth_comp_id            GAL 
_struct_conn.ptnr2_auth_seq_id             2 
_struct_conn.ptnr2_symmetry                1_555 
_struct_conn.pdbx_ptnr3_label_atom_id      ? 
_struct_conn.pdbx_ptnr3_label_seq_id       ? 
_struct_conn.pdbx_ptnr3_label_comp_id      ? 
_struct_conn.pdbx_ptnr3_label_asym_id      ? 
_struct_conn.pdbx_ptnr3_label_alt_id       ? 
_struct_conn.pdbx_ptnr3_PDB_ins_code       ? 
_struct_conn.details                       ? 
_struct_conn.pdbx_dist_value               1.437 
_struct_conn.pdbx_value_order              ? 
_struct_conn.pdbx_role                     ? 
# 
_struct_conn_type.id          covale 
_struct_conn_type.criteria    ? 
_struct_conn_type.reference   ? 
# 
loop_
_struct_mon_prot_cis.pdbx_id 
_struct_mon_prot_cis.label_comp_id 
_struct_mon_prot_cis.label_seq_id 
_struct_mon_prot_cis.label_asym_id 
_struct_mon_prot_cis.label_alt_id 
_struct_mon_prot_cis.pdbx_PDB_ins_code 
_struct_mon_prot_cis.auth_comp_id 
_struct_mon_prot_cis.auth_seq_id 
_struct_mon_prot_cis.auth_asym_id 
_struct_mon_prot_cis.pdbx_label_comp_id_2 
_struct_mon_prot_cis.pdbx_label_seq_id_2 
_struct_mon_prot_cis.pdbx_label_asym_id_2 
_struct_mon_prot_cis.pdbx_PDB_ins_code_2 
_struct_mon_prot_cis.pdbx_auth_comp_id_2 
_struct_mon_prot_cis.pdbx_auth_seq_id_2 
_struct_mon_prot_cis.pdbx_auth_asym_id_2 
_struct_mon_prot_cis.pdbx_PDB_model_num 
_struct_mon_prot_cis.pdbx_omega_angle 
1 PHE 60 A . ? PHE 60 A PRO 61 A ? PRO 61 A 1 0.20 
2 GLY 94 A . ? GLY 94 A PRO 95 A ? PRO 95 A 1 0.96 
3 GLY 13 B . ? GLY 13 B PRO 14 B ? PRO 14 B 1 0.61 
# 
loop_
_struct_sheet.id 
_struct_sheet.type 
_struct_sheet.number_strands 
_struct_sheet.details 
A ? 4 ? 
B ? 4 ? 
C ? 4 ? 
# 
loop_
_struct_sheet_order.sheet_id 
_struct_sheet_order.range_id_1 
_struct_sheet_order.range_id_2 
_struct_sheet_order.offset 
_struct_sheet_order.sense 
A 1 2 ? anti-parallel 
A 2 3 ? anti-parallel 
A 3 4 ? anti-parallel 
B 1 2 ? anti-parallel 
B 2 3 ? anti-parallel 
B 3 4 ? anti-parallel 
C 1 2 ? anti-parallel 
C 2 3 ? anti-parallel 
C 3 4 ? anti-parallel 
# 
loop_
_struct_sheet_range.sheet_id 
_struct_sheet_range.id 
_struct_sheet_range.beg_label_comp_id 
_struct_sheet_range.beg_label_asym_id 
_struct_sheet_range.beg_label_seq_id 
_struct_sheet_range.pdbx_beg_PDB_ins_code 
_struct_sheet_range.end_label_comp_id 
_struct_sheet_range.end_label_asym_id 
_struct_sheet_range.end_label_seq_id 
_struct_sheet_range.pdbx_end_PDB_ins_code 
_struct_sheet_range.beg_auth_comp_id 
_struct_sheet_range.beg_auth_asym_id 
_struct_sheet_range.beg_auth_seq_id 
_struct_sheet_range.end_auth_comp_id 
_struct_sheet_range.end_auth_asym_id 
_struct_sheet_range.end_auth_seq_id 
A 1 LYS A 2   ? ASP A 5   ? LYS A 2   ASP A 5   
A 2 LEU A 112 ? ILE A 120 ? LEU A 112 ILE A 120 
A 3 LEU A 124 ? SER A 132 ? LEU A 124 SER A 132 
A 4 VAL B 10  ? GLY B 16  ? VAL B 10  GLY B 16  
B 1 SER A 37  ? VAL A 40  ? SER A 37  VAL A 40  
B 2 ILE A 25  ? LEU A 34  ? ILE A 25  LEU A 34  
B 3 GLY A 11  ? TYR A 19  ? GLY A 11  TYR A 19  
B 4 THR A 52  ? SER A 57  ? THR A 52  SER A 57  
C 1 THR A 92  ? GLY A 97  ? THR A 92  GLY A 97  
C 2 TYR A 78  ? THR A 88  ? TYR A 78  THR A 88  
C 3 ILE A 65  ? VAL A 75  ? ILE A 65  VAL A 75  
C 4 THR A 102 ? PRO A 107 ? THR A 102 PRO A 107 
# 
loop_
_pdbx_struct_sheet_hbond.sheet_id 
_pdbx_struct_sheet_hbond.range_id_1 
_pdbx_struct_sheet_hbond.range_id_2 
_pdbx_struct_sheet_hbond.range_1_label_atom_id 
_pdbx_struct_sheet_hbond.range_1_label_comp_id 
_pdbx_struct_sheet_hbond.range_1_label_asym_id 
_pdbx_struct_sheet_hbond.range_1_label_seq_id 
_pdbx_struct_sheet_hbond.range_1_PDB_ins_code 
_pdbx_struct_sheet_hbond.range_1_auth_atom_id 
_pdbx_struct_sheet_hbond.range_1_auth_comp_id 
_pdbx_struct_sheet_hbond.range_1_auth_asym_id 
_pdbx_struct_sheet_hbond.range_1_auth_seq_id 
_pdbx_struct_sheet_hbond.range_2_label_atom_id 
_pdbx_struct_sheet_hbond.range_2_label_comp_id 
_pdbx_struct_sheet_hbond.range_2_label_asym_id 
_pdbx_struct_sheet_hbond.range_2_label_seq_id 
_pdbx_struct_sheet_hbond.range_2_PDB_ins_code 
_pdbx_struct_sheet_hbond.range_2_auth_atom_id 
_pdbx_struct_sheet_hbond.range_2_auth_comp_id 
_pdbx_struct_sheet_hbond.range_2_auth_asym_id 
_pdbx_struct_sheet_hbond.range_2_auth_seq_id 
A 1 2 N LYS A 2   ? N LYS A 2   O ILE A 120 ? O ILE A 120 
A 2 3 N LEU A 112 ? N LEU A 112 O SER A 132 ? O SER A 132 
A 3 4 N MET A 129 ? N MET A 129 O VAL B 12  ? O VAL B 12  
B 1 2 O SER A 37  ? O SER A 37  N LEU A 34  ? N LEU A 34  
B 2 3 O GLN A 29  ? O GLN A 29  N ASN A 16  ? N ASN A 16  
B 3 4 N TYR A 19  ? N TYR A 19  O THR A 52  ? O THR A 52  
C 1 2 O TYR A 93  ? O TYR A 93  N PHE A 86  ? N PHE A 86  
C 2 3 O LYS A 87  ? O LYS A 87  N GLU A 67  ? N GLU A 67  
C 3 4 N VAL A 68  ? N VAL A 68  O LEU A 106 ? O LEU A 106 
# 
loop_
_pdbx_validate_torsion.id 
_pdbx_validate_torsion.PDB_model_num 
_pdbx_validate_torsion.auth_comp_id 
_pdbx_validate_torsion.auth_asym_id 
_pdbx_validate_torsion.auth_seq_id 
_pdbx_validate_torsion.PDB_ins_code 
_pdbx_validate_torsion.label_alt_id 
_pdbx_validate_torsion.phi 
_pdbx_validate_torsion.psi 
1 1 THR A 23 ? ? -125.10 -91.64  
2 1 ALA A 24 ? ? -160.14 -167.41 
# 
loop_
_pdbx_struct_special_symmetry.id 
_pdbx_struct_special_symmetry.PDB_model_num 
_pdbx_struct_special_symmetry.auth_asym_id 
_pdbx_struct_special_symmetry.auth_comp_id 
_pdbx_struct_special_symmetry.auth_seq_id 
_pdbx_struct_special_symmetry.PDB_ins_code 
_pdbx_struct_special_symmetry.label_asym_id 
_pdbx_struct_special_symmetry.label_comp_id 
_pdbx_struct_special_symmetry.label_seq_id 
1 1 A HOH 285 ? D HOH . 
2 1 A HOH 287 ? D HOH . 
3 1 A HOH 288 ? D HOH . 
4 1 A HOH 290 ? D HOH . 
# 
loop_
_pdbx_unobs_or_zero_occ_residues.id 
_pdbx_unobs_or_zero_occ_residues.PDB_model_num 
_pdbx_unobs_or_zero_occ_residues.polymer_flag 
_pdbx_unobs_or_zero_occ_residues.occupancy_flag 
_pdbx_unobs_or_zero_occ_residues.auth_asym_id 
_pdbx_unobs_or_zero_occ_residues.auth_comp_id 
_pdbx_unobs_or_zero_occ_residues.auth_seq_id 
_pdbx_unobs_or_zero_occ_residues.PDB_ins_code 
_pdbx_unobs_or_zero_occ_residues.label_asym_id 
_pdbx_unobs_or_zero_occ_residues.label_comp_id 
_pdbx_unobs_or_zero_occ_residues.label_seq_id 
1 1 Y 1 B ASP 1  ? B ASP 1  
2 1 Y 1 B GLU 2  ? B GLU 2  
3 1 Y 1 B GLN 3  ? B GLN 3  
4 1 Y 1 B VAL 19 ? B VAL 19 
5 1 Y 1 B SER 20 ? B SER 20 
# 
loop_
_chem_comp_atom.comp_id 
_chem_comp_atom.atom_id 
_chem_comp_atom.type_symbol 
_chem_comp_atom.pdbx_aromatic_flag 
_chem_comp_atom.pdbx_stereo_config 
_chem_comp_atom.pdbx_ordinal 
ALA N    N N N 1   
ALA CA   C N S 2   
ALA C    C N N 3   
ALA O    O N N 4   
ALA CB   C N N 5   
ALA OXT  O N N 6   
ALA H    H N N 7   
ALA H2   H N N 8   
ALA HA   H N N 9   
ALA HB1  H N N 10  
ALA HB2  H N N 11  
ALA HB3  H N N 12  
ALA HXT  H N N 13  
ARG N    N N N 14  
ARG CA   C N S 15  
ARG C    C N N 16  
ARG O    O N N 17  
ARG CB   C N N 18  
ARG CG   C N N 19  
ARG CD   C N N 20  
ARG NE   N N N 21  
ARG CZ   C N N 22  
ARG NH1  N N N 23  
ARG NH2  N N N 24  
ARG OXT  O N N 25  
ARG H    H N N 26  
ARG H2   H N N 27  
ARG HA   H N N 28  
ARG HB2  H N N 29  
ARG HB3  H N N 30  
ARG HG2  H N N 31  
ARG HG3  H N N 32  
ARG HD2  H N N 33  
ARG HD3  H N N 34  
ARG HE   H N N 35  
ARG HH11 H N N 36  
ARG HH12 H N N 37  
ARG HH21 H N N 38  
ARG HH22 H N N 39  
ARG HXT  H N N 40  
ASN N    N N N 41  
ASN CA   C N S 42  
ASN C    C N N 43  
ASN O    O N N 44  
ASN CB   C N N 45  
ASN CG   C N N 46  
ASN OD1  O N N 47  
ASN ND2  N N N 48  
ASN OXT  O N N 49  
ASN H    H N N 50  
ASN H2   H N N 51  
ASN HA   H N N 52  
ASN HB2  H N N 53  
ASN HB3  H N N 54  
ASN HD21 H N N 55  
ASN HD22 H N N 56  
ASN HXT  H N N 57  
ASP N    N N N 58  
ASP CA   C N S 59  
ASP C    C N N 60  
ASP O    O N N 61  
ASP CB   C N N 62  
ASP CG   C N N 63  
ASP OD1  O N N 64  
ASP OD2  O N N 65  
ASP OXT  O N N 66  
ASP H    H N N 67  
ASP H2   H N N 68  
ASP HA   H N N 69  
ASP HB2  H N N 70  
ASP HB3  H N N 71  
ASP HD2  H N N 72  
ASP HXT  H N N 73  
GAL C1   C N R 74  
GAL C2   C N R 75  
GAL C3   C N S 76  
GAL C4   C N R 77  
GAL C5   C N R 78  
GAL C6   C N N 79  
GAL O1   O N N 80  
GAL O2   O N N 81  
GAL O3   O N N 82  
GAL O4   O N N 83  
GAL O5   O N N 84  
GAL O6   O N N 85  
GAL H1   H N N 86  
GAL H2   H N N 87  
GAL H3   H N N 88  
GAL H4   H N N 89  
GAL H5   H N N 90  
GAL H61  H N N 91  
GAL H62  H N N 92  
GAL HO1  H N N 93  
GAL HO2  H N N 94  
GAL HO3  H N N 95  
GAL HO4  H N N 96  
GAL HO6  H N N 97  
GLN N    N N N 98  
GLN CA   C N S 99  
GLN C    C N N 100 
GLN O    O N N 101 
GLN CB   C N N 102 
GLN CG   C N N 103 
GLN CD   C N N 104 
GLN OE1  O N N 105 
GLN NE2  N N N 106 
GLN OXT  O N N 107 
GLN H    H N N 108 
GLN H2   H N N 109 
GLN HA   H N N 110 
GLN HB2  H N N 111 
GLN HB3  H N N 112 
GLN HG2  H N N 113 
GLN HG3  H N N 114 
GLN HE21 H N N 115 
GLN HE22 H N N 116 
GLN HXT  H N N 117 
GLU N    N N N 118 
GLU CA   C N S 119 
GLU C    C N N 120 
GLU O    O N N 121 
GLU CB   C N N 122 
GLU CG   C N N 123 
GLU CD   C N N 124 
GLU OE1  O N N 125 
GLU OE2  O N N 126 
GLU OXT  O N N 127 
GLU H    H N N 128 
GLU H2   H N N 129 
GLU HA   H N N 130 
GLU HB2  H N N 131 
GLU HB3  H N N 132 
GLU HG2  H N N 133 
GLU HG3  H N N 134 
GLU HE2  H N N 135 
GLU HXT  H N N 136 
GLY N    N N N 137 
GLY CA   C N N 138 
GLY C    C N N 139 
GLY O    O N N 140 
GLY OXT  O N N 141 
GLY H    H N N 142 
GLY H2   H N N 143 
GLY HA2  H N N 144 
GLY HA3  H N N 145 
GLY HXT  H N N 146 
HIS N    N N N 147 
HIS CA   C N S 148 
HIS C    C N N 149 
HIS O    O N N 150 
HIS CB   C N N 151 
HIS CG   C Y N 152 
HIS ND1  N Y N 153 
HIS CD2  C Y N 154 
HIS CE1  C Y N 155 
HIS NE2  N Y N 156 
HIS OXT  O N N 157 
HIS H    H N N 158 
HIS H2   H N N 159 
HIS HA   H N N 160 
HIS HB2  H N N 161 
HIS HB3  H N N 162 
HIS HD1  H N N 163 
HIS HD2  H N N 164 
HIS HE1  H N N 165 
HIS HE2  H N N 166 
HIS HXT  H N N 167 
HOH O    O N N 168 
HOH H1   H N N 169 
HOH H2   H N N 170 
ILE N    N N N 171 
ILE CA   C N S 172 
ILE C    C N N 173 
ILE O    O N N 174 
ILE CB   C N S 175 
ILE CG1  C N N 176 
ILE CG2  C N N 177 
ILE CD1  C N N 178 
ILE OXT  O N N 179 
ILE H    H N N 180 
ILE H2   H N N 181 
ILE HA   H N N 182 
ILE HB   H N N 183 
ILE HG12 H N N 184 
ILE HG13 H N N 185 
ILE HG21 H N N 186 
ILE HG22 H N N 187 
ILE HG23 H N N 188 
ILE HD11 H N N 189 
ILE HD12 H N N 190 
ILE HD13 H N N 191 
ILE HXT  H N N 192 
LEU N    N N N 193 
LEU CA   C N S 194 
LEU C    C N N 195 
LEU O    O N N 196 
LEU CB   C N N 197 
LEU CG   C N N 198 
LEU CD1  C N N 199 
LEU CD2  C N N 200 
LEU OXT  O N N 201 
LEU H    H N N 202 
LEU H2   H N N 203 
LEU HA   H N N 204 
LEU HB2  H N N 205 
LEU HB3  H N N 206 
LEU HG   H N N 207 
LEU HD11 H N N 208 
LEU HD12 H N N 209 
LEU HD13 H N N 210 
LEU HD21 H N N 211 
LEU HD22 H N N 212 
LEU HD23 H N N 213 
LEU HXT  H N N 214 
LYS N    N N N 215 
LYS CA   C N S 216 
LYS C    C N N 217 
LYS O    O N N 218 
LYS CB   C N N 219 
LYS CG   C N N 220 
LYS CD   C N N 221 
LYS CE   C N N 222 
LYS NZ   N N N 223 
LYS OXT  O N N 224 
LYS H    H N N 225 
LYS H2   H N N 226 
LYS HA   H N N 227 
LYS HB2  H N N 228 
LYS HB3  H N N 229 
LYS HG2  H N N 230 
LYS HG3  H N N 231 
LYS HD2  H N N 232 
LYS HD3  H N N 233 
LYS HE2  H N N 234 
LYS HE3  H N N 235 
LYS HZ1  H N N 236 
LYS HZ2  H N N 237 
LYS HZ3  H N N 238 
LYS HXT  H N N 239 
MET N    N N N 240 
MET CA   C N S 241 
MET C    C N N 242 
MET O    O N N 243 
MET CB   C N N 244 
MET CG   C N N 245 
MET SD   S N N 246 
MET CE   C N N 247 
MET OXT  O N N 248 
MET H    H N N 249 
MET H2   H N N 250 
MET HA   H N N 251 
MET HB2  H N N 252 
MET HB3  H N N 253 
MET HG2  H N N 254 
MET HG3  H N N 255 
MET HE1  H N N 256 
MET HE2  H N N 257 
MET HE3  H N N 258 
MET HXT  H N N 259 
MGC O6   O N N 260 
MGC C6   C N N 261 
MGC C5   C N R 262 
MGC O5   O N N 263 
MGC C1   C N S 264 
MGC O1   O N N 265 
MGC CM   C N N 266 
MGC C2   C N R 267 
MGC N2   N N N 268 
MGC C7   C N N 269 
MGC O7   O N N 270 
MGC C8   C N N 271 
MGC C3   C N R 272 
MGC O3   O N N 273 
MGC C4   C N R 274 
MGC O4   O N N 275 
MGC HO6  H N N 276 
MGC H61  H N N 277 
MGC H62  H N N 278 
MGC H5   H N N 279 
MGC H1   H N N 280 
MGC HM1  H N N 281 
MGC HM2  H N N 282 
MGC HM3  H N N 283 
MGC H2   H N N 284 
MGC HN2  H N N 285 
MGC H81  H N N 286 
MGC H82  H N N 287 
MGC H83  H N N 288 
MGC H3   H N N 289 
MGC HO3  H N N 290 
MGC H4   H N N 291 
MGC HO4  H N N 292 
PHE N    N N N 293 
PHE CA   C N S 294 
PHE C    C N N 295 
PHE O    O N N 296 
PHE CB   C N N 297 
PHE CG   C Y N 298 
PHE CD1  C Y N 299 
PHE CD2  C Y N 300 
PHE CE1  C Y N 301 
PHE CE2  C Y N 302 
PHE CZ   C Y N 303 
PHE OXT  O N N 304 
PHE H    H N N 305 
PHE H2   H N N 306 
PHE HA   H N N 307 
PHE HB2  H N N 308 
PHE HB3  H N N 309 
PHE HD1  H N N 310 
PHE HD2  H N N 311 
PHE HE1  H N N 312 
PHE HE2  H N N 313 
PHE HZ   H N N 314 
PHE HXT  H N N 315 
PRO N    N N N 316 
PRO CA   C N S 317 
PRO C    C N N 318 
PRO O    O N N 319 
PRO CB   C N N 320 
PRO CG   C N N 321 
PRO CD   C N N 322 
PRO OXT  O N N 323 
PRO H    H N N 324 
PRO HA   H N N 325 
PRO HB2  H N N 326 
PRO HB3  H N N 327 
PRO HG2  H N N 328 
PRO HG3  H N N 329 
PRO HD2  H N N 330 
PRO HD3  H N N 331 
PRO HXT  H N N 332 
SER N    N N N 333 
SER CA   C N S 334 
SER C    C N N 335 
SER O    O N N 336 
SER CB   C N N 337 
SER OG   O N N 338 
SER OXT  O N N 339 
SER H    H N N 340 
SER H2   H N N 341 
SER HA   H N N 342 
SER HB2  H N N 343 
SER HB3  H N N 344 
SER HG   H N N 345 
SER HXT  H N N 346 
THR N    N N N 347 
THR CA   C N S 348 
THR C    C N N 349 
THR O    O N N 350 
THR CB   C N R 351 
THR OG1  O N N 352 
THR CG2  C N N 353 
THR OXT  O N N 354 
THR H    H N N 355 
THR H2   H N N 356 
THR HA   H N N 357 
THR HB   H N N 358 
THR HG1  H N N 359 
THR HG21 H N N 360 
THR HG22 H N N 361 
THR HG23 H N N 362 
THR HXT  H N N 363 
TRP N    N N N 364 
TRP CA   C N S 365 
TRP C    C N N 366 
TRP O    O N N 367 
TRP CB   C N N 368 
TRP CG   C Y N 369 
TRP CD1  C Y N 370 
TRP CD2  C Y N 371 
TRP NE1  N Y N 372 
TRP CE2  C Y N 373 
TRP CE3  C Y N 374 
TRP CZ2  C Y N 375 
TRP CZ3  C Y N 376 
TRP CH2  C Y N 377 
TRP OXT  O N N 378 
TRP H    H N N 379 
TRP H2   H N N 380 
TRP HA   H N N 381 
TRP HB2  H N N 382 
TRP HB3  H N N 383 
TRP HD1  H N N 384 
TRP HE1  H N N 385 
TRP HE3  H N N 386 
TRP HZ2  H N N 387 
TRP HZ3  H N N 388 
TRP HH2  H N N 389 
TRP HXT  H N N 390 
TYR N    N N N 391 
TYR CA   C N S 392 
TYR C    C N N 393 
TYR O    O N N 394 
TYR CB   C N N 395 
TYR CG   C Y N 396 
TYR CD1  C Y N 397 
TYR CD2  C Y N 398 
TYR CE1  C Y N 399 
TYR CE2  C Y N 400 
TYR CZ   C Y N 401 
TYR OH   O N N 402 
TYR OXT  O N N 403 
TYR H    H N N 404 
TYR H2   H N N 405 
TYR HA   H N N 406 
TYR HB2  H N N 407 
TYR HB3  H N N 408 
TYR HD1  H N N 409 
TYR HD2  H N N 410 
TYR HE1  H N N 411 
TYR HE2  H N N 412 
TYR HH   H N N 413 
TYR HXT  H N N 414 
VAL N    N N N 415 
VAL CA   C N S 416 
VAL C    C N N 417 
VAL O    O N N 418 
VAL CB   C N N 419 
VAL CG1  C N N 420 
VAL CG2  C N N 421 
VAL OXT  O N N 422 
VAL H    H N N 423 
VAL H2   H N N 424 
VAL HA   H N N 425 
VAL HB   H N N 426 
VAL HG11 H N N 427 
VAL HG12 H N N 428 
VAL HG13 H N N 429 
VAL HG21 H N N 430 
VAL HG22 H N N 431 
VAL HG23 H N N 432 
VAL HXT  H N N 433 
# 
loop_
_chem_comp_bond.comp_id 
_chem_comp_bond.atom_id_1 
_chem_comp_bond.atom_id_2 
_chem_comp_bond.value_order 
_chem_comp_bond.pdbx_aromatic_flag 
_chem_comp_bond.pdbx_stereo_config 
_chem_comp_bond.pdbx_ordinal 
ALA N   CA   sing N N 1   
ALA N   H    sing N N 2   
ALA N   H2   sing N N 3   
ALA CA  C    sing N N 4   
ALA CA  CB   sing N N 5   
ALA CA  HA   sing N N 6   
ALA C   O    doub N N 7   
ALA C   OXT  sing N N 8   
ALA CB  HB1  sing N N 9   
ALA CB  HB2  sing N N 10  
ALA CB  HB3  sing N N 11  
ALA OXT HXT  sing N N 12  
ARG N   CA   sing N N 13  
ARG N   H    sing N N 14  
ARG N   H2   sing N N 15  
ARG CA  C    sing N N 16  
ARG CA  CB   sing N N 17  
ARG CA  HA   sing N N 18  
ARG C   O    doub N N 19  
ARG C   OXT  sing N N 20  
ARG CB  CG   sing N N 21  
ARG CB  HB2  sing N N 22  
ARG CB  HB3  sing N N 23  
ARG CG  CD   sing N N 24  
ARG CG  HG2  sing N N 25  
ARG CG  HG3  sing N N 26  
ARG CD  NE   sing N N 27  
ARG CD  HD2  sing N N 28  
ARG CD  HD3  sing N N 29  
ARG NE  CZ   sing N N 30  
ARG NE  HE   sing N N 31  
ARG CZ  NH1  sing N N 32  
ARG CZ  NH2  doub N N 33  
ARG NH1 HH11 sing N N 34  
ARG NH1 HH12 sing N N 35  
ARG NH2 HH21 sing N N 36  
ARG NH2 HH22 sing N N 37  
ARG OXT HXT  sing N N 38  
ASN N   CA   sing N N 39  
ASN N   H    sing N N 40  
ASN N   H2   sing N N 41  
ASN CA  C    sing N N 42  
ASN CA  CB   sing N N 43  
ASN CA  HA   sing N N 44  
ASN C   O    doub N N 45  
ASN C   OXT  sing N N 46  
ASN CB  CG   sing N N 47  
ASN CB  HB2  sing N N 48  
ASN CB  HB3  sing N N 49  
ASN CG  OD1  doub N N 50  
ASN CG  ND2  sing N N 51  
ASN ND2 HD21 sing N N 52  
ASN ND2 HD22 sing N N 53  
ASN OXT HXT  sing N N 54  
ASP N   CA   sing N N 55  
ASP N   H    sing N N 56  
ASP N   H2   sing N N 57  
ASP CA  C    sing N N 58  
ASP CA  CB   sing N N 59  
ASP CA  HA   sing N N 60  
ASP C   O    doub N N 61  
ASP C   OXT  sing N N 62  
ASP CB  CG   sing N N 63  
ASP CB  HB2  sing N N 64  
ASP CB  HB3  sing N N 65  
ASP CG  OD1  doub N N 66  
ASP CG  OD2  sing N N 67  
ASP OD2 HD2  sing N N 68  
ASP OXT HXT  sing N N 69  
GAL C1  C2   sing N N 70  
GAL C1  O1   sing N N 71  
GAL C1  O5   sing N N 72  
GAL C1  H1   sing N N 73  
GAL C2  C3   sing N N 74  
GAL C2  O2   sing N N 75  
GAL C2  H2   sing N N 76  
GAL C3  C4   sing N N 77  
GAL C3  O3   sing N N 78  
GAL C3  H3   sing N N 79  
GAL C4  C5   sing N N 80  
GAL C4  O4   sing N N 81  
GAL C4  H4   sing N N 82  
GAL C5  C6   sing N N 83  
GAL C5  O5   sing N N 84  
GAL C5  H5   sing N N 85  
GAL C6  O6   sing N N 86  
GAL C6  H61  sing N N 87  
GAL C6  H62  sing N N 88  
GAL O1  HO1  sing N N 89  
GAL O2  HO2  sing N N 90  
GAL O3  HO3  sing N N 91  
GAL O4  HO4  sing N N 92  
GAL O6  HO6  sing N N 93  
GLN N   CA   sing N N 94  
GLN N   H    sing N N 95  
GLN N   H2   sing N N 96  
GLN CA  C    sing N N 97  
GLN CA  CB   sing N N 98  
GLN CA  HA   sing N N 99  
GLN C   O    doub N N 100 
GLN C   OXT  sing N N 101 
GLN CB  CG   sing N N 102 
GLN CB  HB2  sing N N 103 
GLN CB  HB3  sing N N 104 
GLN CG  CD   sing N N 105 
GLN CG  HG2  sing N N 106 
GLN CG  HG3  sing N N 107 
GLN CD  OE1  doub N N 108 
GLN CD  NE2  sing N N 109 
GLN NE2 HE21 sing N N 110 
GLN NE2 HE22 sing N N 111 
GLN OXT HXT  sing N N 112 
GLU N   CA   sing N N 113 
GLU N   H    sing N N 114 
GLU N   H2   sing N N 115 
GLU CA  C    sing N N 116 
GLU CA  CB   sing N N 117 
GLU CA  HA   sing N N 118 
GLU C   O    doub N N 119 
GLU C   OXT  sing N N 120 
GLU CB  CG   sing N N 121 
GLU CB  HB2  sing N N 122 
GLU CB  HB3  sing N N 123 
GLU CG  CD   sing N N 124 
GLU CG  HG2  sing N N 125 
GLU CG  HG3  sing N N 126 
GLU CD  OE1  doub N N 127 
GLU CD  OE2  sing N N 128 
GLU OE2 HE2  sing N N 129 
GLU OXT HXT  sing N N 130 
GLY N   CA   sing N N 131 
GLY N   H    sing N N 132 
GLY N   H2   sing N N 133 
GLY CA  C    sing N N 134 
GLY CA  HA2  sing N N 135 
GLY CA  HA3  sing N N 136 
GLY C   O    doub N N 137 
GLY C   OXT  sing N N 138 
GLY OXT HXT  sing N N 139 
HIS N   CA   sing N N 140 
HIS N   H    sing N N 141 
HIS N   H2   sing N N 142 
HIS CA  C    sing N N 143 
HIS CA  CB   sing N N 144 
HIS CA  HA   sing N N 145 
HIS C   O    doub N N 146 
HIS C   OXT  sing N N 147 
HIS CB  CG   sing N N 148 
HIS CB  HB2  sing N N 149 
HIS CB  HB3  sing N N 150 
HIS CG  ND1  sing Y N 151 
HIS CG  CD2  doub Y N 152 
HIS ND1 CE1  doub Y N 153 
HIS ND1 HD1  sing N N 154 
HIS CD2 NE2  sing Y N 155 
HIS CD2 HD2  sing N N 156 
HIS CE1 NE2  sing Y N 157 
HIS CE1 HE1  sing N N 158 
HIS NE2 HE2  sing N N 159 
HIS OXT HXT  sing N N 160 
HOH O   H1   sing N N 161 
HOH O   H2   sing N N 162 
ILE N   CA   sing N N 163 
ILE N   H    sing N N 164 
ILE N   H2   sing N N 165 
ILE CA  C    sing N N 166 
ILE CA  CB   sing N N 167 
ILE CA  HA   sing N N 168 
ILE C   O    doub N N 169 
ILE C   OXT  sing N N 170 
ILE CB  CG1  sing N N 171 
ILE CB  CG2  sing N N 172 
ILE CB  HB   sing N N 173 
ILE CG1 CD1  sing N N 174 
ILE CG1 HG12 sing N N 175 
ILE CG1 HG13 sing N N 176 
ILE CG2 HG21 sing N N 177 
ILE CG2 HG22 sing N N 178 
ILE CG2 HG23 sing N N 179 
ILE CD1 HD11 sing N N 180 
ILE CD1 HD12 sing N N 181 
ILE CD1 HD13 sing N N 182 
ILE OXT HXT  sing N N 183 
LEU N   CA   sing N N 184 
LEU N   H    sing N N 185 
LEU N   H2   sing N N 186 
LEU CA  C    sing N N 187 
LEU CA  CB   sing N N 188 
LEU CA  HA   sing N N 189 
LEU C   O    doub N N 190 
LEU C   OXT  sing N N 191 
LEU CB  CG   sing N N 192 
LEU CB  HB2  sing N N 193 
LEU CB  HB3  sing N N 194 
LEU CG  CD1  sing N N 195 
LEU CG  CD2  sing N N 196 
LEU CG  HG   sing N N 197 
LEU CD1 HD11 sing N N 198 
LEU CD1 HD12 sing N N 199 
LEU CD1 HD13 sing N N 200 
LEU CD2 HD21 sing N N 201 
LEU CD2 HD22 sing N N 202 
LEU CD2 HD23 sing N N 203 
LEU OXT HXT  sing N N 204 
LYS N   CA   sing N N 205 
LYS N   H    sing N N 206 
LYS N   H2   sing N N 207 
LYS CA  C    sing N N 208 
LYS CA  CB   sing N N 209 
LYS CA  HA   sing N N 210 
LYS C   O    doub N N 211 
LYS C   OXT  sing N N 212 
LYS CB  CG   sing N N 213 
LYS CB  HB2  sing N N 214 
LYS CB  HB3  sing N N 215 
LYS CG  CD   sing N N 216 
LYS CG  HG2  sing N N 217 
LYS CG  HG3  sing N N 218 
LYS CD  CE   sing N N 219 
LYS CD  HD2  sing N N 220 
LYS CD  HD3  sing N N 221 
LYS CE  NZ   sing N N 222 
LYS CE  HE2  sing N N 223 
LYS CE  HE3  sing N N 224 
LYS NZ  HZ1  sing N N 225 
LYS NZ  HZ2  sing N N 226 
LYS NZ  HZ3  sing N N 227 
LYS OXT HXT  sing N N 228 
MET N   CA   sing N N 229 
MET N   H    sing N N 230 
MET N   H2   sing N N 231 
MET CA  C    sing N N 232 
MET CA  CB   sing N N 233 
MET CA  HA   sing N N 234 
MET C   O    doub N N 235 
MET C   OXT  sing N N 236 
MET CB  CG   sing N N 237 
MET CB  HB2  sing N N 238 
MET CB  HB3  sing N N 239 
MET CG  SD   sing N N 240 
MET CG  HG2  sing N N 241 
MET CG  HG3  sing N N 242 
MET SD  CE   sing N N 243 
MET CE  HE1  sing N N 244 
MET CE  HE2  sing N N 245 
MET CE  HE3  sing N N 246 
MET OXT HXT  sing N N 247 
MGC O6  C6   sing N N 248 
MGC O6  HO6  sing N N 249 
MGC C6  C5   sing N N 250 
MGC C6  H61  sing N N 251 
MGC C6  H62  sing N N 252 
MGC C5  O5   sing N N 253 
MGC C5  C4   sing N N 254 
MGC C5  H5   sing N N 255 
MGC O5  C1   sing N N 256 
MGC C1  O1   sing N N 257 
MGC C1  C2   sing N N 258 
MGC C1  H1   sing N N 259 
MGC O1  CM   sing N N 260 
MGC CM  HM1  sing N N 261 
MGC CM  HM2  sing N N 262 
MGC CM  HM3  sing N N 263 
MGC C2  N2   sing N N 264 
MGC C2  C3   sing N N 265 
MGC C2  H2   sing N N 266 
MGC N2  C7   sing N N 267 
MGC N2  HN2  sing N N 268 
MGC C7  O7   doub N N 269 
MGC C7  C8   sing N N 270 
MGC C8  H81  sing N N 271 
MGC C8  H82  sing N N 272 
MGC C8  H83  sing N N 273 
MGC C3  O3   sing N N 274 
MGC C3  C4   sing N N 275 
MGC C3  H3   sing N N 276 
MGC O3  HO3  sing N N 277 
MGC C4  O4   sing N N 278 
MGC C4  H4   sing N N 279 
MGC O4  HO4  sing N N 280 
PHE N   CA   sing N N 281 
PHE N   H    sing N N 282 
PHE N   H2   sing N N 283 
PHE CA  C    sing N N 284 
PHE CA  CB   sing N N 285 
PHE CA  HA   sing N N 286 
PHE C   O    doub N N 287 
PHE C   OXT  sing N N 288 
PHE CB  CG   sing N N 289 
PHE CB  HB2  sing N N 290 
PHE CB  HB3  sing N N 291 
PHE CG  CD1  doub Y N 292 
PHE CG  CD2  sing Y N 293 
PHE CD1 CE1  sing Y N 294 
PHE CD1 HD1  sing N N 295 
PHE CD2 CE2  doub Y N 296 
PHE CD2 HD2  sing N N 297 
PHE CE1 CZ   doub Y N 298 
PHE CE1 HE1  sing N N 299 
PHE CE2 CZ   sing Y N 300 
PHE CE2 HE2  sing N N 301 
PHE CZ  HZ   sing N N 302 
PHE OXT HXT  sing N N 303 
PRO N   CA   sing N N 304 
PRO N   CD   sing N N 305 
PRO N   H    sing N N 306 
PRO CA  C    sing N N 307 
PRO CA  CB   sing N N 308 
PRO CA  HA   sing N N 309 
PRO C   O    doub N N 310 
PRO C   OXT  sing N N 311 
PRO CB  CG   sing N N 312 
PRO CB  HB2  sing N N 313 
PRO CB  HB3  sing N N 314 
PRO CG  CD   sing N N 315 
PRO CG  HG2  sing N N 316 
PRO CG  HG3  sing N N 317 
PRO CD  HD2  sing N N 318 
PRO CD  HD3  sing N N 319 
PRO OXT HXT  sing N N 320 
SER N   CA   sing N N 321 
SER N   H    sing N N 322 
SER N   H2   sing N N 323 
SER CA  C    sing N N 324 
SER CA  CB   sing N N 325 
SER CA  HA   sing N N 326 
SER C   O    doub N N 327 
SER C   OXT  sing N N 328 
SER CB  OG   sing N N 329 
SER CB  HB2  sing N N 330 
SER CB  HB3  sing N N 331 
SER OG  HG   sing N N 332 
SER OXT HXT  sing N N 333 
THR N   CA   sing N N 334 
THR N   H    sing N N 335 
THR N   H2   sing N N 336 
THR CA  C    sing N N 337 
THR CA  CB   sing N N 338 
THR CA  HA   sing N N 339 
THR C   O    doub N N 340 
THR C   OXT  sing N N 341 
THR CB  OG1  sing N N 342 
THR CB  CG2  sing N N 343 
THR CB  HB   sing N N 344 
THR OG1 HG1  sing N N 345 
THR CG2 HG21 sing N N 346 
THR CG2 HG22 sing N N 347 
THR CG2 HG23 sing N N 348 
THR OXT HXT  sing N N 349 
TRP N   CA   sing N N 350 
TRP N   H    sing N N 351 
TRP N   H2   sing N N 352 
TRP CA  C    sing N N 353 
TRP CA  CB   sing N N 354 
TRP CA  HA   sing N N 355 
TRP C   O    doub N N 356 
TRP C   OXT  sing N N 357 
TRP CB  CG   sing N N 358 
TRP CB  HB2  sing N N 359 
TRP CB  HB3  sing N N 360 
TRP CG  CD1  doub Y N 361 
TRP CG  CD2  sing Y N 362 
TRP CD1 NE1  sing Y N 363 
TRP CD1 HD1  sing N N 364 
TRP CD2 CE2  doub Y N 365 
TRP CD2 CE3  sing Y N 366 
TRP NE1 CE2  sing Y N 367 
TRP NE1 HE1  sing N N 368 
TRP CE2 CZ2  sing Y N 369 
TRP CE3 CZ3  doub Y N 370 
TRP CE3 HE3  sing N N 371 
TRP CZ2 CH2  doub Y N 372 
TRP CZ2 HZ2  sing N N 373 
TRP CZ3 CH2  sing Y N 374 
TRP CZ3 HZ3  sing N N 375 
TRP CH2 HH2  sing N N 376 
TRP OXT HXT  sing N N 377 
TYR N   CA   sing N N 378 
TYR N   H    sing N N 379 
TYR N   H2   sing N N 380 
TYR CA  C    sing N N 381 
TYR CA  CB   sing N N 382 
TYR CA  HA   sing N N 383 
TYR C   O    doub N N 384 
TYR C   OXT  sing N N 385 
TYR CB  CG   sing N N 386 
TYR CB  HB2  sing N N 387 
TYR CB  HB3  sing N N 388 
TYR CG  CD1  doub Y N 389 
TYR CG  CD2  sing Y N 390 
TYR CD1 CE1  sing Y N 391 
TYR CD1 HD1  sing N N 392 
TYR CD2 CE2  doub Y N 393 
TYR CD2 HD2  sing N N 394 
TYR CE1 CZ   doub Y N 395 
TYR CE1 HE1  sing N N 396 
TYR CE2 CZ   sing Y N 397 
TYR CE2 HE2  sing N N 398 
TYR CZ  OH   sing N N 399 
TYR OH  HH   sing N N 400 
TYR OXT HXT  sing N N 401 
VAL N   CA   sing N N 402 
VAL N   H    sing N N 403 
VAL N   H2   sing N N 404 
VAL CA  C    sing N N 405 
VAL CA  CB   sing N N 406 
VAL CA  HA   sing N N 407 
VAL C   O    doub N N 408 
VAL C   OXT  sing N N 409 
VAL CB  CG1  sing N N 410 
VAL CB  CG2  sing N N 411 
VAL CB  HB   sing N N 412 
VAL CG1 HG11 sing N N 413 
VAL CG1 HG12 sing N N 414 
VAL CG1 HG13 sing N N 415 
VAL CG2 HG21 sing N N 416 
VAL CG2 HG22 sing N N 417 
VAL CG2 HG23 sing N N 418 
VAL OXT HXT  sing N N 419 
# 
loop_
_pdbx_entity_branch_list.entity_id 
_pdbx_entity_branch_list.comp_id 
_pdbx_entity_branch_list.num 
_pdbx_entity_branch_list.hetero 
3 MGC 1 n 
3 GAL 2 n 
# 
_atom_sites.entry_id                    1UGX 
_atom_sites.fract_transf_matrix[1][1]   -0.00525149 
_atom_sites.fract_transf_matrix[1][2]   0.02243036 
_atom_sites.fract_transf_matrix[1][3]   -0.00173303 
_atom_sites.fract_transf_matrix[2][1]   -0.00717738 
_atom_sites.fract_transf_matrix[2][2]   -0.00218477 
_atom_sites.fract_transf_matrix[2][3]   -0.00652801 
_atom_sites.fract_transf_matrix[3][1]   -0.00638509 
_atom_sites.fract_transf_matrix[3][2]   -0.00092849 
_atom_sites.fract_transf_matrix[3][3]   0.00733098 
_atom_sites.fract_transf_vector[1]      0.482955 
_atom_sites.fract_transf_vector[2]      0.368519 
_atom_sites.fract_transf_vector[3]      0.173410 
# 
loop_
_atom_type.symbol 
C 
N 
O 
S 
# 
loop_
_atom_site.group_PDB 
_atom_site.id 
_atom_site.type_symbol 
_atom_site.label_atom_id 
_atom_site.label_alt_id 
_atom_site.label_comp_id 
_atom_site.label_asym_id 
_atom_site.label_entity_id 
_atom_site.label_seq_id 
_atom_site.pdbx_PDB_ins_code 
_atom_site.Cartn_x 
_atom_site.Cartn_y 
_atom_site.Cartn_z 
_atom_site.occupancy 
_atom_site.B_iso_or_equiv 
_atom_site.pdbx_formal_charge 
_atom_site.auth_seq_id 
_atom_site.auth_comp_id 
_atom_site.auth_asym_id 
_atom_site.auth_atom_id 
_atom_site.pdbx_PDB_model_num 
ATOM   1    N N   . GLY A 1 1   ? -3.662  15.221  5.094   1.00 26.33 ? 1   GLY A N   1 
ATOM   2    C CA  . GLY A 1 1   ? -2.363  14.539  5.315   1.00 26.52 ? 1   GLY A CA  1 
ATOM   3    C C   . GLY A 1 1   ? -1.313  14.972  4.313   1.00 27.21 ? 1   GLY A C   1 
ATOM   4    O O   . GLY A 1 1   ? -1.574  15.813  3.450   1.00 29.09 ? 1   GLY A O   1 
ATOM   5    N N   . LYS A 1 2   ? -0.121  14.400  4.426   1.00 27.14 ? 2   LYS A N   1 
ATOM   6    C CA  . LYS A 1 2   ? 0.968   14.728  3.518   1.00 28.41 ? 2   LYS A CA  1 
ATOM   7    C C   . LYS A 1 2   ? 0.964   13.747  2.354   1.00 27.10 ? 2   LYS A C   1 
ATOM   8    O O   . LYS A 1 2   ? 1.143   12.550  2.543   1.00 26.71 ? 2   LYS A O   1 
ATOM   9    C CB  . LYS A 1 2   ? 2.306   14.645  4.249   1.00 30.50 ? 2   LYS A CB  1 
ATOM   10   C CG  . LYS A 1 2   ? 3.501   15.040  3.405   1.00 34.29 ? 2   LYS A CG  1 
ATOM   11   C CD  . LYS A 1 2   ? 4.789   14.909  4.205   1.00 39.85 ? 2   LYS A CD  1 
ATOM   12   C CE  . LYS A 1 2   ? 6.007   15.236  3.360   1.00 43.01 ? 2   LYS A CE  1 
ATOM   13   N NZ  . LYS A 1 2   ? 7.267   15.110  4.151   1.00 47.24 ? 2   LYS A NZ  1 
ATOM   14   N N   . ALA A 1 3   ? 0.770   14.258  1.145   1.00 27.10 ? 3   ALA A N   1 
ATOM   15   C CA  . ALA A 1 3   ? 0.740   13.384  -0.021  1.00 27.30 ? 3   ALA A CA  1 
ATOM   16   C C   . ALA A 1 3   ? 2.119   12.848  -0.369  1.00 27.14 ? 3   ALA A C   1 
ATOM   17   O O   . ALA A 1 3   ? 3.135   13.494  -0.110  1.00 28.06 ? 3   ALA A O   1 
ATOM   18   C CB  . ALA A 1 3   ? 0.159   14.134  -1.212  1.00 27.16 ? 3   ALA A CB  1 
ATOM   19   N N   . PHE A 1 4   ? 2.155   11.651  -0.943  1.00 25.13 ? 4   PHE A N   1 
ATOM   20   C CA  . PHE A 1 4   ? 3.409   11.049  -1.370  1.00 25.11 ? 4   PHE A CA  1 
ATOM   21   C C   . PHE A 1 4   ? 3.151   10.345  -2.692  1.00 24.54 ? 4   PHE A C   1 
ATOM   22   O O   . PHE A 1 4   ? 2.012   10.012  -3.010  1.00 23.98 ? 4   PHE A O   1 
ATOM   23   C CB  . PHE A 1 4   ? 3.953   10.051  -0.329  1.00 25.75 ? 4   PHE A CB  1 
ATOM   24   C CG  . PHE A 1 4   ? 3.153   8.775   -0.206  1.00 25.94 ? 4   PHE A CG  1 
ATOM   25   C CD1 . PHE A 1 4   ? 2.103   8.675   0.704   1.00 26.07 ? 4   PHE A CD1 1 
ATOM   26   C CD2 . PHE A 1 4   ? 3.462   7.664   -0.991  1.00 25.43 ? 4   PHE A CD2 1 
ATOM   27   C CE1 . PHE A 1 4   ? 1.374   7.490   0.834   1.00 26.53 ? 4   PHE A CE1 1 
ATOM   28   C CE2 . PHE A 1 4   ? 2.740   6.480   -0.867  1.00 25.44 ? 4   PHE A CE2 1 
ATOM   29   C CZ  . PHE A 1 4   ? 1.695   6.389   0.047   1.00 26.19 ? 4   PHE A CZ  1 
ATOM   30   N N   . ASP A 1 5   ? 4.210   10.135  -3.459  1.00 24.80 ? 5   ASP A N   1 
ATOM   31   C CA  . ASP A 1 5   ? 4.099   9.466   -4.750  1.00 25.30 ? 5   ASP A CA  1 
ATOM   32   C C   . ASP A 1 5   ? 5.446   8.823   -5.035  1.00 25.09 ? 5   ASP A C   1 
ATOM   33   O O   . ASP A 1 5   ? 6.389   9.510   -5.429  1.00 26.56 ? 5   ASP A O   1 
ATOM   34   C CB  . ASP A 1 5   ? 3.756   10.490  -5.835  1.00 26.09 ? 5   ASP A CB  1 
ATOM   35   C CG  . ASP A 1 5   ? 3.475   9.846   -7.180  1.00 26.89 ? 5   ASP A CG  1 
ATOM   36   O OD1 . ASP A 1 5   ? 3.080   10.586  -8.107  1.00 30.17 ? 5   ASP A OD1 1 
ATOM   37   O OD2 . ASP A 1 5   ? 3.648   8.616   -7.307  1.00 26.14 ? 5   ASP A OD2 1 
ATOM   38   N N   . ASP A 1 6   ? 5.545   7.512   -4.829  1.00 24.40 ? 6   ASP A N   1 
ATOM   39   C CA  . ASP A 1 6   ? 6.810   6.811   -5.061  1.00 23.73 ? 6   ASP A CA  1 
ATOM   40   C C   . ASP A 1 6   ? 7.123   6.687   -6.542  1.00 24.84 ? 6   ASP A C   1 
ATOM   41   O O   . ASP A 1 6   ? 8.283   6.653   -6.936  1.00 26.04 ? 6   ASP A O   1 
ATOM   42   C CB  . ASP A 1 6   ? 6.792   5.404   -4.460  1.00 24.11 ? 6   ASP A CB  1 
ATOM   43   C CG  . ASP A 1 6   ? 6.813   5.408   -2.944  1.00 22.99 ? 6   ASP A CG  1 
ATOM   44   O OD1 . ASP A 1 6   ? 7.143   6.452   -2.349  1.00 26.45 ? 6   ASP A OD1 1 
ATOM   45   O OD2 . ASP A 1 6   ? 6.512   4.350   -2.361  1.00 24.85 ? 6   ASP A OD2 1 
ATOM   46   N N   . GLY A 1 7   ? 6.084   6.622   -7.361  1.00 24.71 ? 7   GLY A N   1 
ATOM   47   C CA  . GLY A 1 7   ? 6.304   6.473   -8.789  1.00 24.97 ? 7   GLY A CA  1 
ATOM   48   C C   . GLY A 1 7   ? 6.279   5.006   -9.180  1.00 24.93 ? 7   GLY A C   1 
ATOM   49   O O   . GLY A 1 7   ? 5.883   4.143   -8.389  1.00 25.40 ? 7   GLY A O   1 
ATOM   50   N N   . ALA A 1 8   ? 6.719   4.714   -10.402 1.00 24.44 ? 8   ALA A N   1 
ATOM   51   C CA  . ALA A 1 8   ? 6.721   3.346   -10.904 1.00 24.67 ? 8   ALA A CA  1 
ATOM   52   C C   . ALA A 1 8   ? 8.110   2.717   -10.951 1.00 24.05 ? 8   ALA A C   1 
ATOM   53   O O   . ALA A 1 8   ? 9.106   3.392   -11.257 1.00 25.09 ? 8   ALA A O   1 
ATOM   54   C CB  . ALA A 1 8   ? 6.090   3.313   -12.298 1.00 26.26 ? 8   ALA A CB  1 
ATOM   55   N N   . PHE A 1 9   ? 8.161   1.422   -10.649 1.00 23.34 ? 9   PHE A N   1 
ATOM   56   C CA  . PHE A 1 9   ? 9.401   0.658   -10.641 1.00 23.93 ? 9   PHE A CA  1 
ATOM   57   C C   . PHE A 1 9   ? 9.236   -0.641  -11.420 1.00 25.58 ? 9   PHE A C   1 
ATOM   58   O O   . PHE A 1 9   ? 8.307   -0.765  -12.224 1.00 26.77 ? 9   PHE A O   1 
ATOM   59   C CB  . PHE A 1 9   ? 9.829   0.373   -9.197  1.00 24.33 ? 9   PHE A CB  1 
ATOM   60   C CG  . PHE A 1 9   ? 10.123  1.618   -8.410  1.00 24.89 ? 9   PHE A CG  1 
ATOM   61   C CD1 . PHE A 1 9   ? 9.092   2.381   -7.881  1.00 26.71 ? 9   PHE A CD1 1 
ATOM   62   C CD2 . PHE A 1 9   ? 11.433  2.064   -8.261  1.00 25.60 ? 9   PHE A CD2 1 
ATOM   63   C CE1 . PHE A 1 9   ? 9.354   3.578   -7.217  1.00 26.19 ? 9   PHE A CE1 1 
ATOM   64   C CE2 . PHE A 1 9   ? 11.706  3.258   -7.600  1.00 27.20 ? 9   PHE A CE2 1 
ATOM   65   C CZ  . PHE A 1 9   ? 10.664  4.017   -7.078  1.00 27.99 ? 9   PHE A CZ  1 
ATOM   66   N N   . THR A 1 10  ? 10.129  -1.602  -11.183 1.00 25.71 ? 10  THR A N   1 
ATOM   67   C CA  . THR A 1 10  ? 10.113  -2.883  -11.894 1.00 26.54 ? 10  THR A CA  1 
ATOM   68   C C   . THR A 1 10  ? 9.360   -3.990  -11.161 1.00 26.43 ? 10  THR A C   1 
ATOM   69   O O   . THR A 1 10  ? 8.995   -5.003  -11.754 1.00 26.29 ? 10  THR A O   1 
ATOM   70   C CB  . THR A 1 10  ? 11.555  -3.404  -12.144 1.00 28.08 ? 10  THR A CB  1 
ATOM   71   O OG1 . THR A 1 10  ? 12.416  -2.314  -12.482 1.00 32.98 ? 10  THR A OG1 1 
ATOM   72   C CG2 . THR A 1 10  ? 11.561  -4.407  -13.293 1.00 31.80 ? 10  THR A CG2 1 
ATOM   73   N N   . GLY A 1 11  ? 9.145   -3.803  -9.865  1.00 26.13 ? 11  GLY A N   1 
ATOM   74   C CA  . GLY A 1 11  ? 8.448   -4.811  -9.094  1.00 24.65 ? 11  GLY A CA  1 
ATOM   75   C C   . GLY A 1 11  ? 8.490   -4.437  -7.628  1.00 24.77 ? 11  GLY A C   1 
ATOM   76   O O   . GLY A 1 11  ? 8.927   -3.340  -7.287  1.00 25.13 ? 11  GLY A O   1 
ATOM   77   N N   . ILE A 1 12  ? 8.033   -5.341  -6.773  1.00 24.70 ? 12  ILE A N   1 
ATOM   78   C CA  . ILE A 1 12  ? 8.013   -5.099  -5.334  1.00 25.23 ? 12  ILE A CA  1 
ATOM   79   C C   . ILE A 1 12  ? 8.738   -6.221  -4.607  1.00 25.04 ? 12  ILE A C   1 
ATOM   80   O O   . ILE A 1 12  ? 8.503   -7.399  -4.867  1.00 25.75 ? 12  ILE A O   1 
ATOM   81   C CB  . ILE A 1 12  ? 6.566   -5.013  -4.818  1.00 25.07 ? 12  ILE A CB  1 
ATOM   82   C CG1 . ILE A 1 12  ? 5.858   -3.819  -5.464  1.00 26.68 ? 12  ILE A CG1 1 
ATOM   83   C CG2 . ILE A 1 12  ? 6.555   -4.869  -3.296  1.00 25.91 ? 12  ILE A CG2 1 
ATOM   84   C CD1 . ILE A 1 12  ? 4.394   -3.726  -5.108  1.00 27.63 ? 12  ILE A CD1 1 
ATOM   85   N N   . ARG A 1 13  ? 9.625   -5.846  -3.689  1.00 25.19 ? 13  ARG A N   1 
ATOM   86   C CA  . ARG A 1 13  ? 10.385  -6.829  -2.929  1.00 26.56 ? 13  ARG A CA  1 
ATOM   87   C C   . ARG A 1 13  ? 9.926   -6.925  -1.483  1.00 25.82 ? 13  ARG A C   1 
ATOM   88   O O   . ARG A 1 13  ? 9.870   -8.017  -0.922  1.00 27.77 ? 13  ARG A O   1 
ATOM   89   C CB  . ARG A 1 13  ? 11.875  -6.480  -2.961  1.00 26.39 ? 13  ARG A CB  1 
ATOM   90   C CG  . ARG A 1 13  ? 12.557  -6.758  -4.293  1.00 28.22 ? 13  ARG A CG  1 
ATOM   91   C CD  . ARG A 1 13  ? 13.920  -6.082  -4.350  1.00 29.47 ? 13  ARG A CD  1 
ATOM   92   N NE  . ARG A 1 13  ? 14.679  -6.461  -5.539  1.00 31.88 ? 13  ARG A NE  1 
ATOM   93   C CZ  . ARG A 1 13  ? 15.472  -7.526  -5.618  1.00 32.87 ? 13  ARG A CZ  1 
ATOM   94   N NH1 . ARG A 1 13  ? 16.118  -7.788  -6.745  1.00 35.07 ? 13  ARG A NH1 1 
ATOM   95   N NH2 . ARG A 1 13  ? 15.633  -8.321  -4.569  1.00 35.63 ? 13  ARG A NH2 1 
ATOM   96   N N   . GLU A 1 14  ? 9.585   -5.789  -0.886  1.00 26.40 ? 14  GLU A N   1 
ATOM   97   C CA  . GLU A 1 14  ? 9.177   -5.788  0.513   1.00 27.20 ? 14  GLU A CA  1 
ATOM   98   C C   . GLU A 1 14  ? 8.285   -4.604  0.872   1.00 25.97 ? 14  GLU A C   1 
ATOM   99   O O   . GLU A 1 14  ? 8.427   -3.517  0.325   1.00 27.07 ? 14  GLU A O   1 
ATOM   100  C CB  . GLU A 1 14  ? 10.438  -5.779  1.376   1.00 28.60 ? 14  GLU A CB  1 
ATOM   101  C CG  . GLU A 1 14  ? 10.223  -5.712  2.868   1.00 33.64 ? 14  GLU A CG  1 
ATOM   102  C CD  . GLU A 1 14  ? 11.542  -5.718  3.612   1.00 35.60 ? 14  GLU A CD  1 
ATOM   103  O OE1 . GLU A 1 14  ? 12.252  -6.746  3.540   1.00 38.43 ? 14  GLU A OE1 1 
ATOM   104  O OE2 . GLU A 1 14  ? 11.877  -4.694  4.250   1.00 36.85 ? 14  GLU A OE2 1 
ATOM   105  N N   . ILE A 1 15  ? 7.359   -4.825  1.797   1.00 26.35 ? 15  ILE A N   1 
ATOM   106  C CA  . ILE A 1 15  ? 6.474   -3.761  2.236   1.00 24.86 ? 15  ILE A CA  1 
ATOM   107  C C   . ILE A 1 15  ? 6.561   -3.672  3.750   1.00 24.75 ? 15  ILE A C   1 
ATOM   108  O O   . ILE A 1 15  ? 6.467   -4.679  4.437   1.00 26.71 ? 15  ILE A O   1 
ATOM   109  C CB  . ILE A 1 15  ? 5.016   -4.034  1.835   1.00 25.85 ? 15  ILE A CB  1 
ATOM   110  C CG1 . ILE A 1 15  ? 4.918   -4.131  0.309   1.00 26.79 ? 15  ILE A CG1 1 
ATOM   111  C CG2 . ILE A 1 15  ? 4.115   -2.923  2.364   1.00 27.99 ? 15  ILE A CG2 1 
ATOM   112  C CD1 . ILE A 1 15  ? 3.533   -4.489  -0.194  1.00 29.87 ? 15  ILE A CD1 1 
ATOM   113  N N   . ASN A 1 16  ? 6.757   -2.459  4.249   1.00 24.87 ? 16  ASN A N   1 
ATOM   114  C CA  . ASN A 1 16  ? 6.859   -2.216  5.685   1.00 26.01 ? 16  ASN A CA  1 
ATOM   115  C C   . ASN A 1 16  ? 5.771   -1.223  6.049   1.00 26.42 ? 16  ASN A C   1 
ATOM   116  O O   . ASN A 1 16  ? 5.789   -0.087  5.585   1.00 27.97 ? 16  ASN A O   1 
ATOM   117  C CB  . ASN A 1 16  ? 8.224   -1.619  6.016   1.00 27.88 ? 16  ASN A CB  1 
ATOM   118  C CG  . ASN A 1 16  ? 9.359   -2.602  5.811   1.00 30.10 ? 16  ASN A CG  1 
ATOM   119  O OD1 . ASN A 1 16  ? 9.487   -3.578  6.546   1.00 32.26 ? 16  ASN A OD1 1 
ATOM   120  N ND2 . ASN A 1 16  ? 10.186  -2.350  4.803   1.00 31.15 ? 16  ASN A ND2 1 
ATOM   121  N N   . LEU A 1 17  ? 4.814   -1.648  6.864   1.00 25.59 ? 17  LEU A N   1 
ATOM   122  C CA  . LEU A 1 17  ? 3.736   -0.756  7.260   1.00 25.75 ? 17  LEU A CA  1 
ATOM   123  C C   . LEU A 1 17  ? 3.442   -0.946  8.731   1.00 25.95 ? 17  LEU A C   1 
ATOM   124  O O   . LEU A 1 17  ? 3.921   -1.895  9.346   1.00 28.35 ? 17  LEU A O   1 
ATOM   125  C CB  . LEU A 1 17  ? 2.474   -1.037  6.436   1.00 28.09 ? 17  LEU A CB  1 
ATOM   126  C CG  . LEU A 1 17  ? 1.800   -2.410  6.544   1.00 29.57 ? 17  LEU A CG  1 
ATOM   127  C CD1 . LEU A 1 17  ? 0.989   -2.498  7.829   1.00 31.29 ? 17  LEU A CD1 1 
ATOM   128  C CD2 . LEU A 1 17  ? 0.875   -2.609  5.349   1.00 31.51 ? 17  LEU A CD2 1 
ATOM   129  N N   . SER A 1 18  ? 2.664   -0.035  9.296   1.00 26.00 ? 18  SER A N   1 
ATOM   130  C CA  . SER A 1 18  ? 2.303   -0.148  10.698  1.00 26.73 ? 18  SER A CA  1 
ATOM   131  C C   . SER A 1 18  ? 0.807   0.087   10.815  1.00 26.98 ? 18  SER A C   1 
ATOM   132  O O   . SER A 1 18  ? 0.207   0.766   9.984   1.00 27.03 ? 18  SER A O   1 
ATOM   133  C CB  . SER A 1 18  ? 3.078   0.864   11.543  1.00 27.31 ? 18  SER A CB  1 
ATOM   134  O OG  . SER A 1 18  ? 2.657   2.186   11.292  1.00 29.02 ? 18  SER A OG  1 
ATOM   135  N N   . TYR A 1 19  ? 0.209   -0.479  11.853  1.00 27.16 ? 19  TYR A N   1 
ATOM   136  C CA  . TYR A 1 19  ? -1.222  -0.347  12.061  1.00 28.80 ? 19  TYR A CA  1 
ATOM   137  C C   . TYR A 1 19  ? -1.528  -0.314  13.544  1.00 29.14 ? 19  TYR A C   1 
ATOM   138  O O   . TYR A 1 19  ? -0.681  -0.640  14.368  1.00 29.77 ? 19  TYR A O   1 
ATOM   139  C CB  . TYR A 1 19  ? -1.946  -1.547  11.451  1.00 29.65 ? 19  TYR A CB  1 
ATOM   140  C CG  . TYR A 1 19  ? -1.482  -2.861  12.044  1.00 31.36 ? 19  TYR A CG  1 
ATOM   141  C CD1 . TYR A 1 19  ? -0.301  -3.459  11.615  1.00 33.36 ? 19  TYR A CD1 1 
ATOM   142  C CD2 . TYR A 1 19  ? -2.192  -3.471  13.079  1.00 34.31 ? 19  TYR A CD2 1 
ATOM   143  C CE1 . TYR A 1 19  ? 0.171   -4.629  12.197  1.00 34.89 ? 19  TYR A CE1 1 
ATOM   144  C CE2 . TYR A 1 19  ? -1.730  -4.644  13.673  1.00 35.58 ? 19  TYR A CE2 1 
ATOM   145  C CZ  . TYR A 1 19  ? -0.546  -5.216  13.227  1.00 36.28 ? 19  TYR A CZ  1 
ATOM   146  O OH  . TYR A 1 19  ? -0.072  -6.361  13.821  1.00 39.50 ? 19  TYR A OH  1 
ATOM   147  N N   . ASN A 1 20  ? -2.755  0.075   13.863  1.00 30.18 ? 20  ASN A N   1 
ATOM   148  C CA  . ASN A 1 20  ? -3.228  0.118   15.237  1.00 32.00 ? 20  ASN A CA  1 
ATOM   149  C C   . ASN A 1 20  ? -4.586  -0.568  15.168  1.00 33.86 ? 20  ASN A C   1 
ATOM   150  O O   . ASN A 1 20  ? -5.463  -0.135  14.420  1.00 33.53 ? 20  ASN A O   1 
ATOM   151  C CB  . ASN A 1 20  ? -3.372  1.562   15.716  1.00 32.07 ? 20  ASN A CB  1 
ATOM   152  C CG  . ASN A 1 20  ? -3.800  1.647   17.163  1.00 33.71 ? 20  ASN A CG  1 
ATOM   153  O OD1 . ASN A 1 20  ? -4.814  1.071   17.551  1.00 34.92 ? 20  ASN A OD1 1 
ATOM   154  N ND2 . ASN A 1 20  ? -3.029  2.366   17.972  1.00 34.53 ? 20  ASN A ND2 1 
ATOM   155  N N   . LYS A 1 21  ? -4.749  -1.645  15.931  1.00 35.33 ? 21  LYS A N   1 
ATOM   156  C CA  . LYS A 1 21  ? -5.990  -2.412  15.921  1.00 37.80 ? 21  LYS A CA  1 
ATOM   157  C C   . LYS A 1 21  ? -7.219  -1.662  16.417  1.00 38.10 ? 21  LYS A C   1 
ATOM   158  O O   . LYS A 1 21  ? -8.324  -2.201  16.399  1.00 39.29 ? 21  LYS A O   1 
ATOM   159  C CB  . LYS A 1 21  ? -5.814  -3.705  16.722  1.00 40.51 ? 21  LYS A CB  1 
ATOM   160  C CG  . LYS A 1 21  ? -5.480  -3.501  18.191  1.00 44.97 ? 21  LYS A CG  1 
ATOM   161  C CD  . LYS A 1 21  ? -5.221  -4.836  18.881  1.00 47.64 ? 21  LYS A CD  1 
ATOM   162  C CE  . LYS A 1 21  ? -4.967  -4.659  20.371  1.00 49.42 ? 21  LYS A CE  1 
ATOM   163  N NZ  . LYS A 1 21  ? -3.801  -3.767  20.642  1.00 51.42 ? 21  LYS A NZ  1 
ATOM   164  N N   . GLU A 1 22  ? -7.035  -0.423  16.860  1.00 38.18 ? 22  GLU A N   1 
ATOM   165  C CA  . GLU A 1 22  ? -8.160  0.371   17.337  1.00 39.06 ? 22  GLU A CA  1 
ATOM   166  C C   . GLU A 1 22  ? -8.491  1.508   16.382  1.00 36.73 ? 22  GLU A C   1 
ATOM   167  O O   . GLU A 1 22  ? -9.576  2.085   16.441  1.00 37.15 ? 22  GLU A O   1 
ATOM   168  C CB  . GLU A 1 22  ? -7.864  0.951   18.722  1.00 42.16 ? 22  GLU A CB  1 
ATOM   169  C CG  . GLU A 1 22  ? -7.668  -0.094  19.801  1.00 47.00 ? 22  GLU A CG  1 
ATOM   170  C CD  . GLU A 1 22  ? -7.669  0.506   21.191  1.00 50.14 ? 22  GLU A CD  1 
ATOM   171  O OE1 . GLU A 1 22  ? -6.830  1.394   21.460  1.00 52.14 ? 22  GLU A OE1 1 
ATOM   172  O OE2 . GLU A 1 22  ? -8.511  0.089   22.014  1.00 52.31 ? 22  GLU A OE2 1 
ATOM   173  N N   . THR A 1 23  ? -7.557  1.830   15.494  1.00 33.98 ? 23  THR A N   1 
ATOM   174  C CA  . THR A 1 23  ? -7.780  2.920   14.560  1.00 31.21 ? 23  THR A CA  1 
ATOM   175  C C   . THR A 1 23  ? -7.615  2.559   13.090  1.00 29.77 ? 23  THR A C   1 
ATOM   176  O O   . THR A 1 23  ? -8.565  2.119   12.442  1.00 30.01 ? 23  THR A O   1 
ATOM   177  C CB  . THR A 1 23  ? -6.861  4.117   14.881  1.00 31.17 ? 23  THR A CB  1 
ATOM   178  O OG1 . THR A 1 23  ? -5.501  3.672   14.959  1.00 30.03 ? 23  THR A OG1 1 
ATOM   179  C CG2 . THR A 1 23  ? -7.261  4.753   16.211  1.00 31.66 ? 23  THR A CG2 1 
ATOM   180  N N   . ALA A 1 24  ? -6.409  2.735   12.563  1.00 27.90 ? 24  ALA A N   1 
ATOM   181  C CA  . ALA A 1 24  ? -6.180  2.456   11.148  1.00 27.35 ? 24  ALA A CA  1 
ATOM   182  C C   . ALA A 1 24  ? -4.711  2.238   10.803  1.00 26.81 ? 24  ALA A C   1 
ATOM   183  O O   . ALA A 1 24  ? -3.870  2.058   11.679  1.00 28.17 ? 24  ALA A O   1 
ATOM   184  C CB  . ALA A 1 24  ? -6.733  3.611   10.322  1.00 26.14 ? 24  ALA A CB  1 
ATOM   185  N N   . ILE A 1 25  ? -4.418  2.241   9.503   1.00 25.96 ? 25  ILE A N   1 
ATOM   186  C CA  . ILE A 1 25  ? -3.057  2.073   9.012   1.00 25.11 ? 25  ILE A CA  1 
ATOM   187  C C   . ILE A 1 25  ? -2.276  3.360   9.252   1.00 24.47 ? 25  ILE A C   1 
ATOM   188  O O   . ILE A 1 25  ? -2.806  4.458   9.082   1.00 25.38 ? 25  ILE A O   1 
ATOM   189  C CB  . ILE A 1 25  ? -3.046  1.772   7.491   1.00 25.60 ? 25  ILE A CB  1 
ATOM   190  C CG1 . ILE A 1 25  ? -3.800  0.467   7.216   1.00 26.07 ? 25  ILE A CG1 1 
ATOM   191  C CG2 . ILE A 1 25  ? -1.606  1.714   6.970   1.00 24.90 ? 25  ILE A CG2 1 
ATOM   192  C CD1 . ILE A 1 25  ? -3.248  -0.730  7.955   1.00 28.40 ? 25  ILE A CD1 1 
ATOM   193  N N   . GLY A 1 26  ? -1.011  3.215   9.639   1.00 24.70 ? 26  GLY A N   1 
ATOM   194  C CA  . GLY A 1 26  ? -0.176  4.372   9.892   1.00 26.57 ? 26  GLY A CA  1 
ATOM   195  C C   . GLY A 1 26  ? 0.923   4.558   8.859   1.00 27.86 ? 26  GLY A C   1 
ATOM   196  O O   . GLY A 1 26  ? 0.686   5.100   7.779   1.00 31.65 ? 26  GLY A O   1 
ATOM   197  N N   . ASP A 1 27  ? 2.124   4.092   9.188   1.00 26.23 ? 27  ASP A N   1 
ATOM   198  C CA  . ASP A 1 27  ? 3.282   4.224   8.309   1.00 26.15 ? 27  ASP A CA  1 
ATOM   199  C C   . ASP A 1 27  ? 3.254   3.283   7.116   1.00 25.04 ? 27  ASP A C   1 
ATOM   200  O O   . ASP A 1 27  ? 2.681   2.195   7.181   1.00 25.02 ? 27  ASP A O   1 
ATOM   201  C CB  . ASP A 1 27  ? 4.556   3.978   9.108   1.00 27.40 ? 27  ASP A CB  1 
ATOM   202  C CG  . ASP A 1 27  ? 4.552   4.703   10.432  1.00 30.89 ? 27  ASP A CG  1 
ATOM   203  O OD1 . ASP A 1 27  ? 4.368   5.934   10.431  1.00 29.75 ? 27  ASP A OD1 1 
ATOM   204  O OD2 . ASP A 1 27  ? 4.726   4.034   11.474  1.00 36.43 ? 27  ASP A OD2 1 
ATOM   205  N N   . PHE A 1 28  ? 3.897   3.706   6.032   1.00 25.28 ? 28  PHE A N   1 
ATOM   206  C CA  . PHE A 1 28  ? 3.944   2.911   4.810   1.00 25.36 ? 28  PHE A CA  1 
ATOM   207  C C   . PHE A 1 28  ? 5.262   3.151   4.077   1.00 25.35 ? 28  PHE A C   1 
ATOM   208  O O   . PHE A 1 28  ? 5.627   4.294   3.799   1.00 25.82 ? 28  PHE A O   1 
ATOM   209  C CB  . PHE A 1 28  ? 2.775   3.294   3.905   1.00 26.58 ? 28  PHE A CB  1 
ATOM   210  C CG  . PHE A 1 28  ? 2.556   2.347   2.768   1.00 29.08 ? 28  PHE A CG  1 
ATOM   211  C CD1 . PHE A 1 28  ? 1.909   1.132   2.973   1.00 29.95 ? 28  PHE A CD1 1 
ATOM   212  C CD2 . PHE A 1 28  ? 2.995   2.667   1.490   1.00 30.30 ? 28  PHE A CD2 1 
ATOM   213  C CE1 . PHE A 1 28  ? 1.702   0.247   1.915   1.00 31.12 ? 28  PHE A CE1 1 
ATOM   214  C CE2 . PHE A 1 28  ? 2.794   1.789   0.428   1.00 29.96 ? 28  PHE A CE2 1 
ATOM   215  C CZ  . PHE A 1 28  ? 2.146   0.578   0.641   1.00 29.92 ? 28  PHE A CZ  1 
ATOM   216  N N   . GLN A 1 29  ? 5.963   2.067   3.757   1.00 25.30 ? 29  GLN A N   1 
ATOM   217  C CA  . GLN A 1 29  ? 7.248   2.152   3.067   1.00 26.26 ? 29  GLN A CA  1 
ATOM   218  C C   . GLN A 1 29  ? 7.417   0.904   2.215   1.00 25.73 ? 29  GLN A C   1 
ATOM   219  O O   . GLN A 1 29  ? 7.038   -0.194  2.621   1.00 26.49 ? 29  GLN A O   1 
ATOM   220  C CB  . GLN A 1 29  ? 8.372   2.259   4.102   1.00 27.72 ? 29  GLN A CB  1 
ATOM   221  C CG  . GLN A 1 29  ? 9.777   2.472   3.546   1.00 31.67 ? 29  GLN A CG  1 
ATOM   222  C CD  . GLN A 1 29  ? 10.453  1.180   3.139   1.00 34.26 ? 29  GLN A CD  1 
ATOM   223  O OE1 . GLN A 1 29  ? 10.136  0.108   3.659   1.00 37.21 ? 29  GLN A OE1 1 
ATOM   224  N NE2 . GLN A 1 29  ? 11.409  1.275   2.219   1.00 35.36 ? 29  GLN A NE2 1 
ATOM   225  N N   . VAL A 1 30  ? 7.982   1.066   1.028   1.00 24.57 ? 30  VAL A N   1 
ATOM   226  C CA  . VAL A 1 30  ? 8.154   -0.074  0.148   1.00 25.54 ? 30  VAL A CA  1 
ATOM   227  C C   . VAL A 1 30  ? 9.571   -0.190  -0.394  1.00 24.48 ? 30  VAL A C   1 
ATOM   228  O O   . VAL A 1 30  ? 10.210  0.815   -0.707  1.00 26.57 ? 30  VAL A O   1 
ATOM   229  C CB  . VAL A 1 30  ? 7.197   0.019   -1.066  1.00 25.41 ? 30  VAL A CB  1 
ATOM   230  C CG1 . VAL A 1 30  ? 7.293   -1.251  -1.906  1.00 27.22 ? 30  VAL A CG1 1 
ATOM   231  C CG2 . VAL A 1 30  ? 5.774   0.258   -0.594  1.00 26.40 ? 30  VAL A CG2 1 
ATOM   232  N N   . VAL A 1 31  ? 10.070  -1.418  -0.463  1.00 24.76 ? 31  VAL A N   1 
ATOM   233  C CA  . VAL A 1 31  ? 11.379  -1.659  -1.051  1.00 25.26 ? 31  VAL A CA  1 
ATOM   234  C C   . VAL A 1 31  ? 11.011  -2.227  -2.414  1.00 24.93 ? 31  VAL A C   1 
ATOM   235  O O   . VAL A 1 31  ? 10.446  -3.320  -2.515  1.00 25.57 ? 31  VAL A O   1 
ATOM   236  C CB  . VAL A 1 31  ? 12.211  -2.692  -0.274  1.00 26.65 ? 31  VAL A CB  1 
ATOM   237  C CG1 . VAL A 1 31  ? 13.535  -2.935  -1.002  1.00 27.72 ? 31  VAL A CG1 1 
ATOM   238  C CG2 . VAL A 1 31  ? 12.484  -2.180  1.134   1.00 27.95 ? 31  VAL A CG2 1 
ATOM   239  N N   . TYR A 1 32  ? 11.298  -1.461  -3.454  1.00 24.61 ? 32  TYR A N   1 
ATOM   240  C CA  . TYR A 1 32  ? 10.976  -1.876  -4.812  1.00 25.26 ? 32  TYR A CA  1 
ATOM   241  C C   . TYR A 1 32  ? 12.132  -2.570  -5.485  1.00 26.48 ? 32  TYR A C   1 
ATOM   242  O O   . TYR A 1 32  ? 13.252  -2.600  -4.973  1.00 27.71 ? 32  TYR A O   1 
ATOM   243  C CB  . TYR A 1 32  ? 10.628  -0.663  -5.678  1.00 24.64 ? 32  TYR A CB  1 
ATOM   244  C CG  . TYR A 1 32  ? 9.438   0.134   -5.225  1.00 24.50 ? 32  TYR A CG  1 
ATOM   245  C CD1 . TYR A 1 32  ? 9.585   1.240   -4.381  1.00 23.10 ? 32  TYR A CD1 1 
ATOM   246  C CD2 . TYR A 1 32  ? 8.154   -0.218  -5.637  1.00 24.87 ? 32  TYR A CD2 1 
ATOM   247  C CE1 . TYR A 1 32  ? 8.478   1.976   -3.967  1.00 24.74 ? 32  TYR A CE1 1 
ATOM   248  C CE2 . TYR A 1 32  ? 7.048   0.502   -5.227  1.00 23.65 ? 32  TYR A CE2 1 
ATOM   249  C CZ  . TYR A 1 32  ? 7.213   1.598   -4.393  1.00 25.91 ? 32  TYR A CZ  1 
ATOM   250  O OH  . TYR A 1 32  ? 6.107   2.307   -3.993  1.00 24.60 ? 32  TYR A OH  1 
ATOM   251  N N   . ASP A 1 33  ? 11.844  -3.152  -6.642  1.00 26.10 ? 33  ASP A N   1 
ATOM   252  C CA  . ASP A 1 33  ? 12.901  -3.738  -7.435  1.00 27.38 ? 33  ASP A CA  1 
ATOM   253  C C   . ASP A 1 33  ? 13.093  -2.696  -8.513  1.00 27.13 ? 33  ASP A C   1 
ATOM   254  O O   . ASP A 1 33  ? 12.118  -2.128  -9.009  1.00 28.03 ? 33  ASP A O   1 
ATOM   255  C CB  . ASP A 1 33  ? 12.494  -5.032  -8.126  1.00 27.97 ? 33  ASP A CB  1 
ATOM   256  C CG  . ASP A 1 33  ? 13.601  -5.559  -9.018  1.00 30.33 ? 33  ASP A CG  1 
ATOM   257  O OD1 . ASP A 1 33  ? 14.629  -6.005  -8.468  1.00 31.02 ? 33  ASP A OD1 1 
ATOM   258  O OD2 . ASP A 1 33  ? 13.464  -5.502  -10.263 1.00 30.66 ? 33  ASP A OD2 1 
ATOM   259  N N   . LEU A 1 34  ? 14.342  -2.420  -8.855  1.00 27.34 ? 34  LEU A N   1 
ATOM   260  C CA  . LEU A 1 34  ? 14.634  -1.471  -9.914  1.00 27.46 ? 34  LEU A CA  1 
ATOM   261  C C   . LEU A 1 34  ? 15.608  -2.173  -10.840 1.00 27.85 ? 34  LEU A C   1 
ATOM   262  O O   . LEU A 1 34  ? 16.815  -2.185  -10.601 1.00 28.97 ? 34  LEU A O   1 
ATOM   263  C CB  . LEU A 1 34  ? 15.263  -0.190  -9.364  1.00 27.94 ? 34  LEU A CB  1 
ATOM   264  C CG  . LEU A 1 34  ? 15.655  0.854   -10.419 1.00 29.18 ? 34  LEU A CG  1 
ATOM   265  C CD1 . LEU A 1 34  ? 14.424  1.297   -11.210 1.00 29.85 ? 34  LEU A CD1 1 
ATOM   266  C CD2 . LEU A 1 34  ? 16.303  2.046   -9.733  1.00 32.08 ? 34  LEU A CD2 1 
ATOM   267  N N   . ASN A 1 35  ? 15.063  -2.793  -11.880 1.00 28.33 ? 35  ASN A N   1 
ATOM   268  C CA  . ASN A 1 35  ? 15.870  -3.493  -12.860 1.00 29.57 ? 35  ASN A CA  1 
ATOM   269  C C   . ASN A 1 35  ? 16.831  -4.513  -12.260 1.00 30.96 ? 35  ASN A C   1 
ATOM   270  O O   . ASN A 1 35  ? 18.007  -4.565  -12.629 1.00 31.99 ? 35  ASN A O   1 
ATOM   271  C CB  . ASN A 1 35  ? 16.625  -2.464  -13.705 1.00 29.06 ? 35  ASN A CB  1 
ATOM   272  C CG  . ASN A 1 35  ? 15.684  -1.500  -14.400 1.00 27.11 ? 35  ASN A CG  1 
ATOM   273  O OD1 . ASN A 1 35  ? 15.850  -0.281  -14.335 1.00 29.39 ? 35  ASN A OD1 1 
ATOM   274  N ND2 . ASN A 1 35  ? 14.677  -2.047  -15.061 1.00 26.03 ? 35  ASN A ND2 1 
ATOM   275  N N   . GLY A 1 36  ? 16.328  -5.319  -11.327 1.00 31.13 ? 36  GLY A N   1 
ATOM   276  C CA  . GLY A 1 36  ? 17.150  -6.354  -10.726 1.00 32.77 ? 36  GLY A CA  1 
ATOM   277  C C   . GLY A 1 36  ? 17.820  -6.042  -9.407  1.00 34.53 ? 36  GLY A C   1 
ATOM   278  O O   . GLY A 1 36  ? 18.391  -6.936  -8.786  1.00 36.06 ? 36  GLY A O   1 
ATOM   279  N N   . SER A 1 37  ? 17.768  -4.786  -8.978  1.00 34.51 ? 37  SER A N   1 
ATOM   280  C CA  . SER A 1 37  ? 18.382  -4.394  -7.718  1.00 34.91 ? 37  SER A CA  1 
ATOM   281  C C   . SER A 1 37  ? 17.349  -3.774  -6.796  1.00 34.30 ? 37  SER A C   1 
ATOM   282  O O   . SER A 1 37  ? 16.380  -3.164  -7.245  1.00 32.97 ? 37  SER A O   1 
ATOM   283  C CB  . SER A 1 37  ? 19.514  -3.394  -7.957  1.00 37.22 ? 37  SER A CB  1 
ATOM   284  O OG  . SER A 1 37  ? 20.561  -3.982  -8.713  1.00 42.09 ? 37  SER A OG  1 
ATOM   285  N N   . PRO A 1 38  ? 17.541  -3.930  -5.484  1.00 34.01 ? 38  PRO A N   1 
ATOM   286  C CA  . PRO A 1 38  ? 16.576  -3.351  -4.550  1.00 33.06 ? 38  PRO A CA  1 
ATOM   287  C C   . PRO A 1 38  ? 16.672  -1.833  -4.553  1.00 32.34 ? 38  PRO A C   1 
ATOM   288  O O   . PRO A 1 38  ? 17.756  -1.267  -4.708  1.00 32.68 ? 38  PRO A O   1 
ATOM   289  C CB  . PRO A 1 38  ? 17.003  -3.933  -3.198  1.00 33.52 ? 38  PRO A CB  1 
ATOM   290  C CG  . PRO A 1 38  ? 17.764  -5.175  -3.559  1.00 35.06 ? 38  PRO A CG  1 
ATOM   291  C CD  . PRO A 1 38  ? 18.533  -4.755  -4.776  1.00 33.89 ? 38  PRO A CD  1 
ATOM   292  N N   . TYR A 1 39  ? 15.531  -1.174  -4.405  1.00 31.22 ? 39  TYR A N   1 
ATOM   293  C CA  . TYR A 1 39  ? 15.506  0.276   -4.329  1.00 30.05 ? 39  TYR A CA  1 
ATOM   294  C C   . TYR A 1 39  ? 14.619  0.616   -3.145  1.00 29.73 ? 39  TYR A C   1 
ATOM   295  O O   . TYR A 1 39  ? 13.416  0.368   -3.167  1.00 27.91 ? 39  TYR A O   1 
ATOM   296  C CB  . TYR A 1 39  ? 14.954  0.897   -5.613  1.00 31.25 ? 39  TYR A CB  1 
ATOM   297  C CG  . TYR A 1 39  ? 14.918  2.404   -5.554  1.00 32.68 ? 39  TYR A CG  1 
ATOM   298  C CD1 . TYR A 1 39  ? 13.849  3.070   -4.957  1.00 33.41 ? 39  TYR A CD1 1 
ATOM   299  C CD2 . TYR A 1 39  ? 15.976  3.167   -6.050  1.00 33.66 ? 39  TYR A CD2 1 
ATOM   300  C CE1 . TYR A 1 39  ? 13.832  4.456   -4.851  1.00 35.44 ? 39  TYR A CE1 1 
ATOM   301  C CE2 . TYR A 1 39  ? 15.969  4.559   -5.947  1.00 35.60 ? 39  TYR A CE2 1 
ATOM   302  C CZ  . TYR A 1 39  ? 14.892  5.194   -5.346  1.00 36.44 ? 39  TYR A CZ  1 
ATOM   303  O OH  . TYR A 1 39  ? 14.869  6.565   -5.234  1.00 40.20 ? 39  TYR A OH  1 
ATOM   304  N N   . VAL A 1 40  ? 15.223  1.176   -2.106  1.00 29.68 ? 40  VAL A N   1 
ATOM   305  C CA  . VAL A 1 40  ? 14.492  1.521   -0.896  1.00 29.98 ? 40  VAL A CA  1 
ATOM   306  C C   . VAL A 1 40  ? 13.680  2.801   -1.046  1.00 27.82 ? 40  VAL A C   1 
ATOM   307  O O   . VAL A 1 40  ? 14.232  3.896   -1.162  1.00 29.76 ? 40  VAL A O   1 
ATOM   308  C CB  . VAL A 1 40  ? 15.465  1.662   0.294   1.00 30.39 ? 40  VAL A CB  1 
ATOM   309  C CG1 . VAL A 1 40  ? 14.699  1.965   1.566   1.00 31.88 ? 40  VAL A CG1 1 
ATOM   310  C CG2 . VAL A 1 40  ? 16.268  0.382   0.451   1.00 32.71 ? 40  VAL A CG2 1 
ATOM   311  N N   . GLY A 1 41  ? 12.359  2.661   -1.044  1.00 27.12 ? 41  GLY A N   1 
ATOM   312  C CA  . GLY A 1 41  ? 11.509  3.826   -1.170  1.00 27.60 ? 41  GLY A CA  1 
ATOM   313  C C   . GLY A 1 41  ? 11.497  4.638   0.113   1.00 28.53 ? 41  GLY A C   1 
ATOM   314  O O   . GLY A 1 41  ? 11.863  4.142   1.179   1.00 29.82 ? 41  GLY A O   1 
ATOM   315  N N   . GLN A 1 42  ? 11.077  5.892   0.009   1.00 29.84 ? 42  GLN A N   1 
ATOM   316  C CA  . GLN A 1 42  ? 11.012  6.779   1.160   1.00 31.99 ? 42  GLN A CA  1 
ATOM   317  C C   . GLN A 1 42  ? 10.015  6.252   2.185   1.00 31.15 ? 42  GLN A C   1 
ATOM   318  O O   . GLN A 1 42  ? 8.995   5.661   1.829   1.00 30.06 ? 42  GLN A O   1 
ATOM   319  C CB  . GLN A 1 42  ? 10.596  8.179   0.707   1.00 35.58 ? 42  GLN A CB  1 
ATOM   320  C CG  . GLN A 1 42  ? 10.384  9.182   1.829   1.00 42.78 ? 42  GLN A CG  1 
ATOM   321  C CD  . GLN A 1 42  ? 9.972   10.548  1.305   1.00 46.80 ? 42  GLN A CD  1 
ATOM   322  O OE1 . GLN A 1 42  ? 10.745  11.221  0.619   1.00 50.15 ? 42  GLN A OE1 1 
ATOM   323  N NE2 . GLN A 1 42  ? 8.747   10.960  1.619   1.00 48.54 ? 42  GLN A NE2 1 
ATOM   324  N N   . ASN A 1 43  ? 10.315  6.452   3.462   1.00 31.46 ? 43  ASN A N   1 
ATOM   325  C CA  . ASN A 1 43  ? 9.405   6.006   4.500   1.00 31.76 ? 43  ASN A CA  1 
ATOM   326  C C   . ASN A 1 43  ? 8.369   7.106   4.697   1.00 30.92 ? 43  ASN A C   1 
ATOM   327  O O   . ASN A 1 43  ? 8.707   8.254   4.989   1.00 32.40 ? 43  ASN A O   1 
ATOM   328  C CB  . ASN A 1 43  ? 10.165  5.729   5.804   1.00 35.20 ? 43  ASN A CB  1 
ATOM   329  C CG  . ASN A 1 43  ? 9.257   5.235   6.917   1.00 36.75 ? 43  ASN A CG  1 
ATOM   330  O OD1 . ASN A 1 43  ? 8.262   4.549   6.677   1.00 36.58 ? 43  ASN A OD1 1 
ATOM   331  N ND2 . ASN A 1 43  ? 9.609   5.572   8.151   1.00 40.23 ? 43  ASN A ND2 1 
ATOM   332  N N   . HIS A 1 44  ? 7.104   6.755   4.507   1.00 28.41 ? 44  HIS A N   1 
ATOM   333  C CA  . HIS A 1 44  ? 6.018   7.709   4.652   1.00 28.02 ? 44  HIS A CA  1 
ATOM   334  C C   . HIS A 1 44  ? 5.427   7.471   6.028   1.00 27.87 ? 44  HIS A C   1 
ATOM   335  O O   . HIS A 1 44  ? 4.743   6.477   6.264   1.00 28.41 ? 44  HIS A O   1 
ATOM   336  C CB  . HIS A 1 44  ? 4.999   7.469   3.538   1.00 26.81 ? 44  HIS A CB  1 
ATOM   337  C CG  . HIS A 1 44  ? 5.615   7.458   2.176   1.00 26.34 ? 44  HIS A CG  1 
ATOM   338  N ND1 . HIS A 1 44  ? 6.226   8.572   1.632   1.00 26.51 ? 44  HIS A ND1 1 
ATOM   339  C CD2 . HIS A 1 44  ? 5.784   6.462   1.276   1.00 25.98 ? 44  HIS A CD2 1 
ATOM   340  C CE1 . HIS A 1 44  ? 6.746   8.258   0.462   1.00 26.16 ? 44  HIS A CE1 1 
ATOM   341  N NE2 . HIS A 1 44  ? 6.494   6.982   0.219   1.00 24.80 ? 44  HIS A NE2 1 
ATOM   342  N N   . VAL A 1 45  ? 5.697   8.396   6.939   1.00 28.39 ? 45  VAL A N   1 
ATOM   343  C CA  . VAL A 1 45  ? 5.245   8.231   8.310   1.00 29.46 ? 45  VAL A CA  1 
ATOM   344  C C   . VAL A 1 45  ? 4.058   9.050   8.783   1.00 28.09 ? 45  VAL A C   1 
ATOM   345  O O   . VAL A 1 45  ? 3.805   10.162  8.316   1.00 28.18 ? 45  VAL A O   1 
ATOM   346  C CB  . VAL A 1 45  ? 6.409   8.480   9.293   1.00 31.59 ? 45  VAL A CB  1 
ATOM   347  C CG1 . VAL A 1 45  ? 7.494   7.434   9.092   1.00 34.49 ? 45  VAL A CG1 1 
ATOM   348  C CG2 . VAL A 1 45  ? 6.976   9.865   9.079   1.00 35.06 ? 45  VAL A CG2 1 
ATOM   349  N N   . SER A 1 46  ? 3.333   8.462   9.726   1.00 27.52 ? 46  SER A N   1 
ATOM   350  C CA  . SER A 1 46  ? 2.178   9.097   10.340  1.00 27.60 ? 46  SER A CA  1 
ATOM   351  C C   . SER A 1 46  ? 2.673   10.288  11.158  1.00 27.11 ? 46  SER A C   1 
ATOM   352  O O   . SER A 1 46  ? 3.844   10.332  11.554  1.00 27.68 ? 46  SER A O   1 
ATOM   353  C CB  . SER A 1 46  ? 1.478   8.096   11.264  1.00 26.96 ? 46  SER A CB  1 
ATOM   354  O OG  . SER A 1 46  ? 0.544   8.742   12.109  1.00 26.65 ? 46  SER A OG  1 
ATOM   355  N N   . PHE A 1 47  ? 1.794   11.256  11.394  1.00 27.31 ? 47  PHE A N   1 
ATOM   356  C CA  . PHE A 1 47  ? 2.149   12.427  12.195  1.00 27.93 ? 47  PHE A CA  1 
ATOM   357  C C   . PHE A 1 47  ? 2.224   12.026  13.663  1.00 28.89 ? 47  PHE A C   1 
ATOM   358  O O   . PHE A 1 47  ? 2.796   12.747  14.478  1.00 29.91 ? 47  PHE A O   1 
ATOM   359  C CB  . PHE A 1 47  ? 1.098   13.534  12.068  1.00 27.27 ? 47  PHE A CB  1 
ATOM   360  C CG  . PHE A 1 47  ? 0.938   14.087  10.678  1.00 26.83 ? 47  PHE A CG  1 
ATOM   361  C CD1 . PHE A 1 47  ? 1.946   13.961  9.733   1.00 27.51 ? 47  PHE A CD1 1 
ATOM   362  C CD2 . PHE A 1 47  ? -0.215  14.792  10.340  1.00 28.37 ? 47  PHE A CD2 1 
ATOM   363  C CE1 . PHE A 1 47  ? 1.812   14.533  8.469   1.00 27.19 ? 47  PHE A CE1 1 
ATOM   364  C CE2 . PHE A 1 47  ? -0.359  15.371  9.078   1.00 27.72 ? 47  PHE A CE2 1 
ATOM   365  C CZ  . PHE A 1 47  ? 0.656   15.240  8.144   1.00 26.49 ? 47  PHE A CZ  1 
ATOM   366  N N   . ILE A 1 48  ? 1.630   10.884  13.997  1.00 28.95 ? 48  ILE A N   1 
ATOM   367  C CA  . ILE A 1 48  ? 1.624   10.410  15.379  1.00 29.51 ? 48  ILE A CA  1 
ATOM   368  C C   . ILE A 1 48  ? 2.309   9.057   15.531  1.00 31.12 ? 48  ILE A C   1 
ATOM   369  O O   . ILE A 1 48  ? 2.798   8.485   14.556  1.00 30.59 ? 48  ILE A O   1 
ATOM   370  C CB  . ILE A 1 48  ? 0.179   10.322  15.931  1.00 29.29 ? 48  ILE A CB  1 
ATOM   371  C CG1 . ILE A 1 48  ? -0.687  9.440   15.028  1.00 31.07 ? 48  ILE A CG1 1 
ATOM   372  C CG2 . ILE A 1 48  ? -0.416  11.726  16.040  1.00 30.12 ? 48  ILE A CG2 1 
ATOM   373  C CD1 . ILE A 1 48  ? -2.070  9.160   15.587  1.00 30.78 ? 48  ILE A CD1 1 
ATOM   374  N N   . THR A 1 49  ? 2.346   8.551   16.761  1.00 32.04 ? 49  THR A N   1 
ATOM   375  C CA  . THR A 1 49  ? 2.975   7.266   17.044  1.00 33.73 ? 49  THR A CA  1 
ATOM   376  C C   . THR A 1 49  ? 1.987   6.288   17.673  1.00 32.48 ? 49  THR A C   1 
ATOM   377  O O   . THR A 1 49  ? 0.787   6.556   17.737  1.00 32.46 ? 49  THR A O   1 
ATOM   378  C CB  . THR A 1 49  ? 4.164   7.438   18.007  1.00 36.11 ? 49  THR A CB  1 
ATOM   379  O OG1 . THR A 1 49  ? 3.708   8.057   19.215  1.00 38.56 ? 49  THR A OG1 1 
ATOM   380  C CG2 . THR A 1 49  ? 5.244   8.307   17.376  1.00 38.81 ? 49  THR A CG2 1 
ATOM   381  N N   . GLY A 1 50  ? 2.500   5.149   18.130  1.00 32.27 ? 50  GLY A N   1 
ATOM   382  C CA  . GLY A 1 50  ? 1.657   4.152   18.767  1.00 31.97 ? 50  GLY A CA  1 
ATOM   383  C C   . GLY A 1 50  ? 1.192   3.036   17.854  1.00 31.80 ? 50  GLY A C   1 
ATOM   384  O O   . GLY A 1 50  ? 0.243   2.319   18.177  1.00 33.59 ? 50  GLY A O   1 
ATOM   385  N N   . PHE A 1 51  ? 1.859   2.882   16.714  1.00 30.95 ? 51  PHE A N   1 
ATOM   386  C CA  . PHE A 1 51  ? 1.491   1.847   15.754  1.00 30.06 ? 51  PHE A CA  1 
ATOM   387  C C   . PHE A 1 51  ? 2.341   0.595   15.893  1.00 30.03 ? 51  PHE A C   1 
ATOM   388  O O   . PHE A 1 51  ? 3.464   0.644   16.391  1.00 32.20 ? 51  PHE A O   1 
ATOM   389  C CB  . PHE A 1 51  ? 1.637   2.375   14.327  1.00 28.55 ? 51  PHE A CB  1 
ATOM   390  C CG  . PHE A 1 51  ? 0.741   3.533   14.014  1.00 27.37 ? 51  PHE A CG  1 
ATOM   391  C CD1 . PHE A 1 51  ? -0.593  3.325   13.673  1.00 26.95 ? 51  PHE A CD1 1 
ATOM   392  C CD2 . PHE A 1 51  ? 1.226   4.833   14.064  1.00 25.54 ? 51  PHE A CD2 1 
ATOM   393  C CE1 . PHE A 1 51  ? -1.430  4.406   13.385  1.00 26.82 ? 51  PHE A CE1 1 
ATOM   394  C CE2 . PHE A 1 51  ? 0.400   5.918   13.779  1.00 27.22 ? 51  PHE A CE2 1 
ATOM   395  C CZ  . PHE A 1 51  ? -0.933  5.703   13.438  1.00 26.85 ? 51  PHE A CZ  1 
ATOM   396  N N   . THR A 1 52  ? 1.791   -0.526  15.441  1.00 29.17 ? 52  THR A N   1 
ATOM   397  C CA  . THR A 1 52  ? 2.491   -1.800  15.479  1.00 29.02 ? 52  THR A CA  1 
ATOM   398  C C   . THR A 1 52  ? 3.032   -2.055  14.078  1.00 28.92 ? 52  THR A C   1 
ATOM   399  O O   . THR A 1 52  ? 2.267   -2.115  13.119  1.00 29.44 ? 52  THR A O   1 
ATOM   400  C CB  . THR A 1 52  ? 1.540   -2.947  15.851  1.00 30.57 ? 52  THR A CB  1 
ATOM   401  O OG1 . THR A 1 52  ? 0.967   -2.693  17.143  1.00 31.91 ? 52  THR A OG1 1 
ATOM   402  C CG2 . THR A 1 52  ? 2.292   -4.272  15.883  1.00 32.02 ? 52  THR A CG2 1 
ATOM   403  N N   . PRO A 1 53  ? 4.360   -2.195  13.940  1.00 28.03 ? 53  PRO A N   1 
ATOM   404  C CA  . PRO A 1 53  ? 4.950   -2.441  12.621  1.00 27.73 ? 53  PRO A CA  1 
ATOM   405  C C   . PRO A 1 53  ? 4.897   -3.901  12.187  1.00 28.11 ? 53  PRO A C   1 
ATOM   406  O O   . PRO A 1 53  ? 4.737   -4.812  13.002  1.00 28.77 ? 53  PRO A O   1 
ATOM   407  C CB  . PRO A 1 53  ? 6.384   -1.959  12.798  1.00 28.53 ? 53  PRO A CB  1 
ATOM   408  C CG  . PRO A 1 53  ? 6.674   -2.383  14.224  1.00 28.47 ? 53  PRO A CG  1 
ATOM   409  C CD  . PRO A 1 53  ? 5.408   -1.981  14.955  1.00 29.49 ? 53  PRO A CD  1 
ATOM   410  N N   . VAL A 1 54  ? 5.019   -4.114  10.882  1.00 27.35 ? 54  VAL A N   1 
ATOM   411  C CA  . VAL A 1 54  ? 5.045   -5.453  10.321  1.00 28.60 ? 54  VAL A CA  1 
ATOM   412  C C   . VAL A 1 54  ? 5.834   -5.363  9.030   1.00 29.02 ? 54  VAL A C   1 
ATOM   413  O O   . VAL A 1 54  ? 5.779   -4.352  8.322   1.00 28.12 ? 54  VAL A O   1 
ATOM   414  C CB  . VAL A 1 54  ? 3.631   -6.005  10.022  1.00 29.40 ? 54  VAL A CB  1 
ATOM   415  C CG1 . VAL A 1 54  ? 2.955   -5.177  8.951   1.00 30.72 ? 54  VAL A CG1 1 
ATOM   416  C CG2 . VAL A 1 54  ? 3.727   -7.459  9.593   1.00 31.33 ? 54  VAL A CG2 1 
ATOM   417  N N   . LYS A 1 55  ? 6.596   -6.408  8.746   1.00 29.79 ? 55  LYS A N   1 
ATOM   418  C CA  . LYS A 1 55  ? 7.400   -6.457  7.537   1.00 30.70 ? 55  LYS A CA  1 
ATOM   419  C C   . LYS A 1 55  ? 6.880   -7.584  6.666   1.00 31.46 ? 55  LYS A C   1 
ATOM   420  O O   . LYS A 1 55  ? 6.673   -8.700  7.135   1.00 31.81 ? 55  LYS A O   1 
ATOM   421  C CB  . LYS A 1 55  ? 8.871   -6.704  7.887   1.00 32.03 ? 55  LYS A CB  1 
ATOM   422  C CG  . LYS A 1 55  ? 9.773   -6.879  6.674   1.00 34.41 ? 55  LYS A CG  1 
ATOM   423  C CD  . LYS A 1 55  ? 11.206  -7.224  7.070   1.00 36.90 ? 55  LYS A CD  1 
ATOM   424  C CE  . LYS A 1 55  ? 11.895  -6.077  7.798   1.00 38.53 ? 55  LYS A CE  1 
ATOM   425  N NZ  . LYS A 1 55  ? 12.016  -4.854  6.955   1.00 40.28 ? 55  LYS A NZ  1 
ATOM   426  N N   . ILE A 1 56  ? 6.657   -7.277  5.394   1.00 31.05 ? 56  ILE A N   1 
ATOM   427  C CA  . ILE A 1 56  ? 6.172   -8.263  4.443   1.00 31.11 ? 56  ILE A CA  1 
ATOM   428  C C   . ILE A 1 56  ? 7.269   -8.454  3.405   1.00 31.17 ? 56  ILE A C   1 
ATOM   429  O O   . ILE A 1 56  ? 7.414   -7.641  2.497   1.00 31.52 ? 56  ILE A O   1 
ATOM   430  C CB  . ILE A 1 56  ? 4.892   -7.774  3.745   1.00 32.27 ? 56  ILE A CB  1 
ATOM   431  C CG1 . ILE A 1 56  ? 3.801   -7.537  4.792   1.00 33.62 ? 56  ILE A CG1 1 
ATOM   432  C CG2 . ILE A 1 56  ? 4.441   -8.793  2.700   1.00 32.88 ? 56  ILE A CG2 1 
ATOM   433  C CD1 . ILE A 1 56  ? 2.584   -6.818  4.261   1.00 36.55 ? 56  ILE A CD1 1 
ATOM   434  N N   . SER A 1 57  ? 8.050   -9.520  3.561   1.00 32.06 ? 57  SER A N   1 
ATOM   435  C CA  . SER A 1 57  ? 9.144   -9.819  2.643   1.00 32.50 ? 57  SER A CA  1 
ATOM   436  C C   . SER A 1 57  ? 8.697   -10.825 1.597   1.00 31.66 ? 57  SER A C   1 
ATOM   437  O O   . SER A 1 57  ? 8.386   -11.969 1.919   1.00 32.98 ? 57  SER A O   1 
ATOM   438  C CB  . SER A 1 57  ? 10.341  -10.387 3.409   1.00 34.13 ? 57  SER A CB  1 
ATOM   439  O OG  . SER A 1 57  ? 10.796  -9.470  4.387   1.00 39.30 ? 57  SER A OG  1 
ATOM   440  N N   . LEU A 1 58  ? 8.675   -10.398 0.340   1.00 30.83 ? 58  LEU A N   1 
ATOM   441  C CA  . LEU A 1 58  ? 8.255   -11.270 -0.747  1.00 31.04 ? 58  LEU A CA  1 
ATOM   442  C C   . LEU A 1 58  ? 9.432   -11.999 -1.377  1.00 31.28 ? 58  LEU A C   1 
ATOM   443  O O   . LEU A 1 58  ? 10.547  -11.475 -1.429  1.00 31.83 ? 58  LEU A O   1 
ATOM   444  C CB  . LEU A 1 58  ? 7.535   -10.461 -1.825  1.00 29.83 ? 58  LEU A CB  1 
ATOM   445  C CG  . LEU A 1 58  ? 6.312   -9.652  -1.394  1.00 31.42 ? 58  LEU A CG  1 
ATOM   446  C CD1 . LEU A 1 58  ? 5.720   -8.974  -2.617  1.00 31.67 ? 58  LEU A CD1 1 
ATOM   447  C CD2 . LEU A 1 58  ? 5.280   -10.554 -0.734  1.00 31.39 ? 58  LEU A CD2 1 
ATOM   448  N N   . ASP A 1 59  ? 9.178   -13.214 -1.850  1.00 32.24 ? 59  ASP A N   1 
ATOM   449  C CA  . ASP A 1 59  ? 10.214  -14.008 -2.492  1.00 33.36 ? 59  ASP A CA  1 
ATOM   450  C C   . ASP A 1 59  ? 10.296  -13.586 -3.957  1.00 32.61 ? 59  ASP A C   1 
ATOM   451  O O   . ASP A 1 59  ? 9.926   -14.335 -4.859  1.00 32.57 ? 59  ASP A O   1 
ATOM   452  C CB  . ASP A 1 59  ? 9.881   -15.497 -2.392  1.00 36.01 ? 59  ASP A CB  1 
ATOM   453  C CG  . ASP A 1 59  ? 10.979  -16.376 -2.956  1.00 38.25 ? 59  ASP A CG  1 
ATOM   454  O OD1 . ASP A 1 59  ? 10.750  -17.596 -3.094  1.00 42.07 ? 59  ASP A OD1 1 
ATOM   455  O OD2 . ASP A 1 59  ? 12.072  -15.848 -3.257  1.00 39.60 ? 59  ASP A OD2 1 
ATOM   456  N N   . PHE A 1 60  ? 10.778  -12.367 -4.173  1.00 32.41 ? 60  PHE A N   1 
ATOM   457  C CA  . PHE A 1 60  ? 10.930  -11.796 -5.507  1.00 33.21 ? 60  PHE A CA  1 
ATOM   458  C C   . PHE A 1 60  ? 11.981  -12.585 -6.286  1.00 33.28 ? 60  PHE A C   1 
ATOM   459  O O   . PHE A 1 60  ? 13.021  -12.945 -5.735  1.00 35.25 ? 60  PHE A O   1 
ATOM   460  C CB  . PHE A 1 60  ? 11.380  -10.339 -5.381  1.00 33.20 ? 60  PHE A CB  1 
ATOM   461  C CG  . PHE A 1 60  ? 11.545  -9.634  -6.693  1.00 31.75 ? 60  PHE A CG  1 
ATOM   462  C CD1 . PHE A 1 60  ? 10.445  -9.100  -7.354  1.00 31.87 ? 60  PHE A CD1 1 
ATOM   463  C CD2 . PHE A 1 60  ? 12.804  -9.500  -7.270  1.00 32.17 ? 60  PHE A CD2 1 
ATOM   464  C CE1 . PHE A 1 60  ? 10.596  -8.441  -8.571  1.00 31.99 ? 60  PHE A CE1 1 
ATOM   465  C CE2 . PHE A 1 60  ? 12.967  -8.841  -8.487  1.00 31.27 ? 60  PHE A CE2 1 
ATOM   466  C CZ  . PHE A 1 60  ? 11.863  -8.312  -9.139  1.00 32.52 ? 60  PHE A CZ  1 
ATOM   467  N N   . PRO A 1 61  ? 11.744  -12.839 -7.587  1.00 33.25 ? 61  PRO A N   1 
ATOM   468  C CA  . PRO A 1 61  ? 10.580  -12.447 -8.387  1.00 32.93 ? 61  PRO A CA  1 
ATOM   469  C C   . PRO A 1 61  ? 9.514   -13.537 -8.528  1.00 32.70 ? 61  PRO A C   1 
ATOM   470  O O   . PRO A 1 61  ? 8.513   -13.335 -9.211  1.00 33.47 ? 61  PRO A O   1 
ATOM   471  C CB  . PRO A 1 61  ? 11.207  -12.099 -9.727  1.00 33.16 ? 61  PRO A CB  1 
ATOM   472  C CG  . PRO A 1 61  ? 12.234  -13.180 -9.861  1.00 33.41 ? 61  PRO A CG  1 
ATOM   473  C CD  . PRO A 1 61  ? 12.851  -13.266 -8.464  1.00 33.43 ? 61  PRO A CD  1 
ATOM   474  N N   . SER A 1 62  ? 9.721   -14.684 -7.889  1.00 31.84 ? 62  SER A N   1 
ATOM   475  C CA  . SER A 1 62  ? 8.755   -15.775 -7.986  1.00 32.78 ? 62  SER A CA  1 
ATOM   476  C C   . SER A 1 62  ? 7.444   -15.456 -7.274  1.00 31.85 ? 62  SER A C   1 
ATOM   477  O O   . SER A 1 62  ? 6.385   -15.951 -7.662  1.00 33.36 ? 62  SER A O   1 
ATOM   478  C CB  . SER A 1 62  ? 9.343   -17.075 -7.426  1.00 33.48 ? 62  SER A CB  1 
ATOM   479  O OG  . SER A 1 62  ? 9.499   -17.006 -6.021  1.00 37.48 ? 62  SER A OG  1 
ATOM   480  N N   . GLU A 1 63  ? 7.509   -14.637 -6.229  1.00 30.54 ? 63  GLU A N   1 
ATOM   481  C CA  . GLU A 1 63  ? 6.303   -14.271 -5.495  1.00 29.54 ? 63  GLU A CA  1 
ATOM   482  C C   . GLU A 1 63  ? 5.910   -12.831 -5.796  1.00 28.70 ? 63  GLU A C   1 
ATOM   483  O O   . GLU A 1 63  ? 6.742   -11.928 -5.746  1.00 29.80 ? 63  GLU A O   1 
ATOM   484  C CB  . GLU A 1 63  ? 6.508   -14.441 -3.986  1.00 28.92 ? 63  GLU A CB  1 
ATOM   485  C CG  . GLU A 1 63  ? 5.292   -14.009 -3.174  1.00 29.64 ? 63  GLU A CG  1 
ATOM   486  C CD  . GLU A 1 63  ? 5.464   -14.219 -1.684  1.00 30.22 ? 63  GLU A CD  1 
ATOM   487  O OE1 . GLU A 1 63  ? 6.619   -14.240 -1.212  1.00 31.13 ? 63  GLU A OE1 1 
ATOM   488  O OE2 . GLU A 1 63  ? 4.440   -14.345 -0.983  1.00 30.43 ? 63  GLU A OE2 1 
ATOM   489  N N   . TYR A 1 64  ? 4.635   -12.623 -6.107  1.00 28.36 ? 64  TYR A N   1 
ATOM   490  C CA  . TYR A 1 64  ? 4.139   -11.289 -6.420  1.00 27.42 ? 64  TYR A CA  1 
ATOM   491  C C   . TYR A 1 64  ? 2.680   -11.134 -5.993  1.00 26.50 ? 64  TYR A C   1 
ATOM   492  O O   . TYR A 1 64  ? 1.930   -12.109 -5.931  1.00 26.00 ? 64  TYR A O   1 
ATOM   493  C CB  . TYR A 1 64  ? 4.287   -11.016 -7.925  1.00 29.30 ? 64  TYR A CB  1 
ATOM   494  C CG  . TYR A 1 64  ? 3.612   -12.043 -8.805  1.00 32.54 ? 64  TYR A CG  1 
ATOM   495  C CD1 . TYR A 1 64  ? 2.261   -11.929 -9.134  1.00 35.11 ? 64  TYR A CD1 1 
ATOM   496  C CD2 . TYR A 1 64  ? 4.315   -13.150 -9.279  1.00 34.03 ? 64  TYR A CD2 1 
ATOM   497  C CE1 . TYR A 1 64  ? 1.626   -12.895 -9.912  1.00 37.79 ? 64  TYR A CE1 1 
ATOM   498  C CE2 . TYR A 1 64  ? 3.688   -14.122 -10.055 1.00 37.81 ? 64  TYR A CE2 1 
ATOM   499  C CZ  . TYR A 1 64  ? 2.343   -13.987 -10.366 1.00 38.55 ? 64  TYR A CZ  1 
ATOM   500  O OH  . TYR A 1 64  ? 1.713   -14.950 -11.122 1.00 43.70 ? 64  TYR A OH  1 
ATOM   501  N N   . ILE A 1 65  ? 2.289   -9.900  -5.703  1.00 25.70 ? 65  ILE A N   1 
ATOM   502  C CA  . ILE A 1 65  ? 0.923   -9.607  -5.274  1.00 26.74 ? 65  ILE A CA  1 
ATOM   503  C C   . ILE A 1 65  ? -0.097  -9.835  -6.387  1.00 26.96 ? 65  ILE A C   1 
ATOM   504  O O   . ILE A 1 65  ? 0.077   -9.353  -7.508  1.00 27.41 ? 65  ILE A O   1 
ATOM   505  C CB  . ILE A 1 65  ? 0.812   -8.147  -4.788  1.00 27.14 ? 65  ILE A CB  1 
ATOM   506  C CG1 . ILE A 1 65  ? 1.707   -7.952  -3.560  1.00 27.67 ? 65  ILE A CG1 1 
ATOM   507  C CG2 . ILE A 1 65  ? -0.643  -7.808  -4.477  1.00 28.02 ? 65  ILE A CG2 1 
ATOM   508  C CD1 . ILE A 1 65  ? 1.939   -6.501  -3.189  1.00 29.41 ? 65  ILE A CD1 1 
ATOM   509  N N   . MET A 1 66  ? -1.160  -10.568 -6.062  1.00 26.80 ? 66  MET A N   1 
ATOM   510  C CA  . MET A 1 66  ? -2.228  -10.864 -7.013  1.00 28.73 ? 66  MET A CA  1 
ATOM   511  C C   . MET A 1 66  ? -3.521  -10.153 -6.629  1.00 27.11 ? 66  MET A C   1 
ATOM   512  O O   . MET A 1 66  ? -4.430  -10.018 -7.447  1.00 27.64 ? 66  MET A O   1 
ATOM   513  C CB  . MET A 1 66  ? -2.485  -12.371 -7.073  1.00 31.53 ? 66  MET A CB  1 
ATOM   514  C CG  . MET A 1 66  ? -1.312  -13.182 -7.582  1.00 37.19 ? 66  MET A CG  1 
ATOM   515  S SD  . MET A 1 66  ? -1.730  -14.932 -7.651  1.00 43.24 ? 66  MET A SD  1 
ATOM   516  C CE  . MET A 1 66  ? -2.362  -15.061 -9.326  1.00 42.54 ? 66  MET A CE  1 
ATOM   517  N N   . GLU A 1 67  ? -3.614  -9.710  -5.379  1.00 25.94 ? 67  GLU A N   1 
ATOM   518  C CA  . GLU A 1 67  ? -4.807  -9.004  -4.927  1.00 26.02 ? 67  GLU A CA  1 
ATOM   519  C C   . GLU A 1 67  ? -4.549  -8.184  -3.672  1.00 25.50 ? 67  GLU A C   1 
ATOM   520  O O   . GLU A 1 67  ? -3.872  -8.638  -2.746  1.00 27.14 ? 67  GLU A O   1 
ATOM   521  C CB  . GLU A 1 67  ? -5.951  -9.990  -4.656  1.00 27.56 ? 67  GLU A CB  1 
ATOM   522  C CG  . GLU A 1 67  ? -7.202  -9.342  -4.061  1.00 30.03 ? 67  GLU A CG  1 
ATOM   523  C CD  . GLU A 1 67  ? -8.379  -10.300 -3.943  1.00 33.99 ? 67  GLU A CD  1 
ATOM   524  O OE1 . GLU A 1 67  ? -8.152  -11.527 -3.897  1.00 37.98 ? 67  GLU A OE1 1 
ATOM   525  O OE2 . GLU A 1 67  ? -9.533  -9.821  -3.881  1.00 36.20 ? 67  GLU A OE2 1 
ATOM   526  N N   . VAL A 1 68  ? -5.072  -6.963  -3.673  1.00 24.08 ? 68  VAL A N   1 
ATOM   527  C CA  . VAL A 1 68  ? -4.967  -6.067  -2.530  1.00 25.15 ? 68  VAL A CA  1 
ATOM   528  C C   . VAL A 1 68  ? -6.395  -5.770  -2.103  1.00 25.96 ? 68  VAL A C   1 
ATOM   529  O O   . VAL A 1 68  ? -7.239  -5.438  -2.927  1.00 26.56 ? 68  VAL A O   1 
ATOM   530  C CB  . VAL A 1 68  ? -4.279  -4.736  -2.889  1.00 25.44 ? 68  VAL A CB  1 
ATOM   531  C CG1 . VAL A 1 68  ? -4.289  -3.806  -1.675  1.00 26.65 ? 68  VAL A CG1 1 
ATOM   532  C CG2 . VAL A 1 68  ? -2.857  -4.989  -3.343  1.00 26.54 ? 68  VAL A CG2 1 
ATOM   533  N N   . SER A 1 69  ? -6.674  -5.905  -0.814  1.00 24.95 ? 69  SER A N   1 
ATOM   534  C CA  . SER A 1 69  ? -8.011  -5.621  -0.322  1.00 26.65 ? 69  SER A CA  1 
ATOM   535  C C   . SER A 1 69  ? -7.889  -4.913  1.011   1.00 26.28 ? 69  SER A C   1 
ATOM   536  O O   . SER A 1 69  ? -6.805  -4.845  1.591   1.00 27.55 ? 69  SER A O   1 
ATOM   537  C CB  . SER A 1 69  ? -8.823  -6.910  -0.162  1.00 26.50 ? 69  SER A CB  1 
ATOM   538  O OG  . SER A 1 69  ? -8.247  -7.780  0.792   1.00 29.75 ? 69  SER A OG  1 
ATOM   539  N N   . GLY A 1 70  ? -9.001  -4.376  1.486   1.00 26.57 ? 70  GLY A N   1 
ATOM   540  C CA  . GLY A 1 70  ? -8.978  -3.675  2.750   1.00 26.99 ? 70  GLY A CA  1 
ATOM   541  C C   . GLY A 1 70  ? -10.316 -3.057  3.068   1.00 27.90 ? 70  GLY A C   1 
ATOM   542  O O   . GLY A 1 70  ? -11.338 -3.410  2.478   1.00 27.51 ? 70  GLY A O   1 
ATOM   543  N N   . TYR A 1 71  ? -10.295 -2.117  4.005   1.00 27.78 ? 71  TYR A N   1 
ATOM   544  C CA  . TYR A 1 71  ? -11.493 -1.422  4.451   1.00 28.26 ? 71  TYR A CA  1 
ATOM   545  C C   . TYR A 1 71  ? -11.203 0.057   4.621   1.00 28.66 ? 71  TYR A C   1 
ATOM   546  O O   . TYR A 1 71  ? -10.098 0.436   5.007   1.00 28.54 ? 71  TYR A O   1 
ATOM   547  C CB  . TYR A 1 71  ? -11.948 -1.972  5.809   1.00 28.07 ? 71  TYR A CB  1 
ATOM   548  C CG  . TYR A 1 71  ? -12.687 -3.284  5.746   1.00 29.41 ? 71  TYR A CG  1 
ATOM   549  C CD1 . TYR A 1 71  ? -14.080 -3.316  5.673   1.00 30.83 ? 71  TYR A CD1 1 
ATOM   550  C CD2 . TYR A 1 71  ? -12.000 -4.493  5.752   1.00 31.20 ? 71  TYR A CD2 1 
ATOM   551  C CE1 . TYR A 1 71  ? -14.767 -4.519  5.608   1.00 32.39 ? 71  TYR A CE1 1 
ATOM   552  C CE2 . TYR A 1 71  ? -12.680 -5.708  5.687   1.00 33.57 ? 71  TYR A CE2 1 
ATOM   553  C CZ  . TYR A 1 71  ? -14.064 -5.708  5.614   1.00 34.28 ? 71  TYR A CZ  1 
ATOM   554  O OH  . TYR A 1 71  ? -14.750 -6.900  5.544   1.00 39.08 ? 71  TYR A OH  1 
ATOM   555  N N   . THR A 1 72  ? -12.189 0.890   4.308   1.00 27.53 ? 72  THR A N   1 
ATOM   556  C CA  . THR A 1 72  ? -12.057 2.326   4.501   1.00 30.11 ? 72  THR A CA  1 
ATOM   557  C C   . THR A 1 72  ? -13.188 2.695   5.454   1.00 30.97 ? 72  THR A C   1 
ATOM   558  O O   . THR A 1 72  ? -14.256 2.078   5.437   1.00 30.91 ? 72  THR A O   1 
ATOM   559  C CB  . THR A 1 72  ? -12.205 3.127   3.185   1.00 30.96 ? 72  THR A CB  1 
ATOM   560  O OG1 . THR A 1 72  ? -13.493 2.883   2.607   1.00 33.19 ? 72  THR A OG1 1 
ATOM   561  C CG2 . THR A 1 72  ? -11.110 2.739   2.198   1.00 31.60 ? 72  THR A CG2 1 
ATOM   562  N N   . GLY A 1 73  ? -12.951 3.681   6.307   1.00 30.44 ? 73  GLY A N   1 
ATOM   563  C CA  . GLY A 1 73  ? -13.979 4.075   7.246   1.00 32.24 ? 73  GLY A CA  1 
ATOM   564  C C   . GLY A 1 73  ? -13.598 5.332   7.990   1.00 33.07 ? 73  GLY A C   1 
ATOM   565  O O   . GLY A 1 73  ? -12.498 5.854   7.819   1.00 31.42 ? 73  GLY A O   1 
ATOM   566  N N   . ASN A 1 74  ? -14.515 5.814   8.821   1.00 34.83 ? 74  ASN A N   1 
ATOM   567  C CA  . ASN A 1 74  ? -14.284 7.024   9.592   1.00 36.19 ? 74  ASN A CA  1 
ATOM   568  C C   . ASN A 1 74  ? -13.567 6.766   10.909  1.00 34.86 ? 74  ASN A C   1 
ATOM   569  O O   . ASN A 1 74  ? -13.911 5.849   11.654  1.00 35.10 ? 74  ASN A O   1 
ATOM   570  C CB  . ASN A 1 74  ? -15.614 7.730   9.881   1.00 40.06 ? 74  ASN A CB  1 
ATOM   571  C CG  . ASN A 1 74  ? -16.287 8.243   8.625   1.00 45.50 ? 74  ASN A CG  1 
ATOM   572  O OD1 . ASN A 1 74  ? -15.738 9.079   7.908   1.00 49.13 ? 74  ASN A OD1 1 
ATOM   573  N ND2 . ASN A 1 74  ? -17.489 7.743   8.351   1.00 47.99 ? 74  ASN A ND2 1 
ATOM   574  N N   . VAL A 1 75  ? -12.552 7.580   11.172  1.00 33.96 ? 75  VAL A N   1 
ATOM   575  C CA  . VAL A 1 75  ? -11.784 7.507   12.407  1.00 34.20 ? 75  VAL A CA  1 
ATOM   576  C C   . VAL A 1 75  ? -11.584 8.958   12.833  1.00 33.50 ? 75  VAL A C   1 
ATOM   577  O O   . VAL A 1 75  ? -10.953 9.736   12.124  1.00 32.98 ? 75  VAL A O   1 
ATOM   578  C CB  . VAL A 1 75  ? -10.406 6.834   12.195  1.00 34.17 ? 75  VAL A CB  1 
ATOM   579  C CG1 . VAL A 1 75  ? -9.618  6.839   13.498  1.00 35.11 ? 75  VAL A CG1 1 
ATOM   580  C CG2 . VAL A 1 75  ? -10.597 5.406   11.703  1.00 35.34 ? 75  VAL A CG2 1 
ATOM   581  N N   . SER A 1 76  ? -12.141 9.315   13.986  1.00 34.23 ? 76  SER A N   1 
ATOM   582  C CA  . SER A 1 76  ? -12.046 10.677  14.500  1.00 35.61 ? 76  SER A CA  1 
ATOM   583  C C   . SER A 1 76  ? -12.555 11.705  13.493  1.00 34.61 ? 76  SER A C   1 
ATOM   584  O O   . SER A 1 76  ? -12.060 12.831  13.436  1.00 35.55 ? 76  SER A O   1 
ATOM   585  C CB  . SER A 1 76  ? -10.601 10.994  14.889  1.00 37.20 ? 76  SER A CB  1 
ATOM   586  O OG  . SER A 1 76  ? -10.185 10.168  15.962  1.00 40.98 ? 76  SER A OG  1 
ATOM   587  N N   . GLY A 1 77  ? -13.542 11.311  12.695  1.00 34.49 ? 77  GLY A N   1 
ATOM   588  C CA  . GLY A 1 77  ? -14.114 12.219  11.716  1.00 34.17 ? 77  GLY A CA  1 
ATOM   589  C C   . GLY A 1 77  ? -13.462 12.232  10.347  1.00 33.72 ? 77  GLY A C   1 
ATOM   590  O O   . GLY A 1 77  ? -13.899 12.968  9.464   1.00 35.44 ? 77  GLY A O   1 
ATOM   591  N N   . TYR A 1 78  ? -12.419 11.428  10.164  1.00 31.62 ? 78  TYR A N   1 
ATOM   592  C CA  . TYR A 1 78  ? -11.718 11.370  8.883   1.00 31.58 ? 78  TYR A CA  1 
ATOM   593  C C   . TYR A 1 78  ? -11.883 10.022  8.207   1.00 30.15 ? 78  TYR A C   1 
ATOM   594  O O   . TYR A 1 78  ? -11.827 8.982   8.861   1.00 31.39 ? 78  TYR A O   1 
ATOM   595  C CB  . TYR A 1 78  ? -10.222 11.606  9.080   1.00 31.71 ? 78  TYR A CB  1 
ATOM   596  C CG  . TYR A 1 78  ? -9.876  12.945  9.667   1.00 32.41 ? 78  TYR A CG  1 
ATOM   597  C CD1 . TYR A 1 78  ? -9.898  14.096  8.884   1.00 32.43 ? 78  TYR A CD1 1 
ATOM   598  C CD2 . TYR A 1 78  ? -9.532  13.065  11.013  1.00 33.36 ? 78  TYR A CD2 1 
ATOM   599  C CE1 . TYR A 1 78  ? -9.582  15.336  9.424   1.00 34.45 ? 78  TYR A CE1 1 
ATOM   600  C CE2 . TYR A 1 78  ? -9.217  14.300  11.565  1.00 33.89 ? 78  TYR A CE2 1 
ATOM   601  C CZ  . TYR A 1 78  ? -9.243  15.429  10.766  1.00 35.05 ? 78  TYR A CZ  1 
ATOM   602  O OH  . TYR A 1 78  ? -8.921  16.650  11.309  1.00 37.29 ? 78  TYR A OH  1 
ATOM   603  N N   . VAL A 1 79  ? -12.073 10.036  6.893   1.00 29.35 ? 79  VAL A N   1 
ATOM   604  C CA  . VAL A 1 79  ? -12.186 8.789   6.153   1.00 28.35 ? 79  VAL A CA  1 
ATOM   605  C C   . VAL A 1 79  ? -10.742 8.360   5.899   1.00 27.75 ? 79  VAL A C   1 
ATOM   606  O O   . VAL A 1 79  ? -9.956  9.124   5.342   1.00 27.16 ? 79  VAL A O   1 
ATOM   607  C CB  . VAL A 1 79  ? -12.920 8.993   4.812   1.00 30.39 ? 79  VAL A CB  1 
ATOM   608  C CG1 . VAL A 1 79  ? -12.959 7.685   4.029   1.00 29.07 ? 79  VAL A CG1 1 
ATOM   609  C CG2 . VAL A 1 79  ? -14.339 9.489   5.078   1.00 32.10 ? 79  VAL A CG2 1 
ATOM   610  N N   . VAL A 1 80  ? -10.396 7.154   6.338   1.00 26.89 ? 80  VAL A N   1 
ATOM   611  C CA  . VAL A 1 80  ? -9.043  6.638   6.170   1.00 27.48 ? 80  VAL A CA  1 
ATOM   612  C C   . VAL A 1 80  ? -9.058  5.154   5.816   1.00 27.91 ? 80  VAL A C   1 
ATOM   613  O O   . VAL A 1 80  ? -10.098 4.506   5.851   1.00 27.77 ? 80  VAL A O   1 
ATOM   614  C CB  . VAL A 1 80  ? -8.212  6.812   7.468   1.00 27.44 ? 80  VAL A CB  1 
ATOM   615  C CG1 . VAL A 1 80  ? -8.092  8.284   7.819   1.00 28.51 ? 80  VAL A CG1 1 
ATOM   616  C CG2 . VAL A 1 80  ? -8.863  6.038   8.610   1.00 27.89 ? 80  VAL A CG2 1 
ATOM   617  N N   . VAL A 1 81  ? -7.891  4.621   5.473   1.00 25.88 ? 81  VAL A N   1 
ATOM   618  C CA  . VAL A 1 81  ? -7.770  3.204   5.149   1.00 26.21 ? 81  VAL A CA  1 
ATOM   619  C C   . VAL A 1 81  ? -7.527  2.507   6.483   1.00 27.60 ? 81  VAL A C   1 
ATOM   620  O O   . VAL A 1 81  ? -6.469  2.670   7.085   1.00 27.12 ? 81  VAL A O   1 
ATOM   621  C CB  . VAL A 1 81  ? -6.584  2.964   4.193   1.00 26.75 ? 81  VAL A CB  1 
ATOM   622  C CG1 . VAL A 1 81  ? -6.438  1.479   3.898   1.00 27.77 ? 81  VAL A CG1 1 
ATOM   623  C CG2 . VAL A 1 81  ? -6.806  3.745   2.899   1.00 26.78 ? 81  VAL A CG2 1 
ATOM   624  N N   . ARG A 1 82  ? -8.507  1.729   6.942   1.00 25.89 ? 82  ARG A N   1 
ATOM   625  C CA  . ARG A 1 82  ? -8.402  1.060   8.241   1.00 25.93 ? 82  ARG A CA  1 
ATOM   626  C C   . ARG A 1 82  ? -7.679  -0.277  8.263   1.00 27.15 ? 82  ARG A C   1 
ATOM   627  O O   . ARG A 1 82  ? -7.150  -0.685  9.295   1.00 27.95 ? 82  ARG A O   1 
ATOM   628  C CB  . ARG A 1 82  ? -9.796  0.904   8.854   1.00 27.31 ? 82  ARG A CB  1 
ATOM   629  C CG  . ARG A 1 82  ? -10.567 2.216   8.929   1.00 27.99 ? 82  ARG A CG  1 
ATOM   630  C CD  . ARG A 1 82  ? -11.714 2.134   9.919   1.00 31.40 ? 82  ARG A CD  1 
ATOM   631  N NE  . ARG A 1 82  ? -11.219 1.973   11.284  1.00 33.07 ? 82  ARG A NE  1 
ATOM   632  C CZ  . ARG A 1 82  ? -11.994 1.921   12.361  1.00 34.50 ? 82  ARG A CZ  1 
ATOM   633  N NH1 . ARG A 1 82  ? -13.312 2.018   12.237  1.00 35.15 ? 82  ARG A NH1 1 
ATOM   634  N NH2 . ARG A 1 82  ? -11.451 1.779   13.562  1.00 34.46 ? 82  ARG A NH2 1 
ATOM   635  N N   . SER A 1 83  ? -7.662  -0.977  7.137   1.00 26.05 ? 83  SER A N   1 
ATOM   636  C CA  . SER A 1 83  ? -6.972  -2.253  7.088   1.00 27.39 ? 83  SER A CA  1 
ATOM   637  C C   . SER A 1 83  ? -6.562  -2.578  5.666   1.00 26.81 ? 83  SER A C   1 
ATOM   638  O O   . SER A 1 83  ? -7.154  -2.080  4.706   1.00 27.49 ? 83  SER A O   1 
ATOM   639  C CB  . SER A 1 83  ? -7.861  -3.376  7.635   1.00 29.72 ? 83  SER A CB  1 
ATOM   640  O OG  . SER A 1 83  ? -8.991  -3.570  6.816   1.00 34.58 ? 83  SER A OG  1 
ATOM   641  N N   . LEU A 1 84  ? -5.529  -3.402  5.551   1.00 26.02 ? 84  LEU A N   1 
ATOM   642  C CA  . LEU A 1 84  ? -5.013  -3.841  4.264   1.00 26.09 ? 84  LEU A CA  1 
ATOM   643  C C   . LEU A 1 84  ? -4.673  -5.318  4.341   1.00 27.00 ? 84  LEU A C   1 
ATOM   644  O O   . LEU A 1 84  ? -4.273  -5.822  5.391   1.00 26.96 ? 84  LEU A O   1 
ATOM   645  C CB  . LEU A 1 84  ? -3.749  -3.060  3.892   1.00 26.88 ? 84  LEU A CB  1 
ATOM   646  C CG  . LEU A 1 84  ? -3.933  -1.613  3.431   1.00 27.11 ? 84  LEU A CG  1 
ATOM   647  C CD1 . LEU A 1 84  ? -2.570  -0.948  3.295   1.00 29.40 ? 84  LEU A CD1 1 
ATOM   648  C CD2 . LEU A 1 84  ? -4.679  -1.590  2.093   1.00 29.62 ? 84  LEU A CD2 1 
ATOM   649  N N   . THR A 1 85  ? -4.850  -6.004  3.221   1.00 25.22 ? 85  THR A N   1 
ATOM   650  C CA  . THR A 1 85  ? -4.537  -7.414  3.099   1.00 25.60 ? 85  THR A CA  1 
ATOM   651  C C   . THR A 1 85  ? -3.857  -7.555  1.740   1.00 26.21 ? 85  THR A C   1 
ATOM   652  O O   . THR A 1 85  ? -4.322  -6.986  0.752   1.00 27.14 ? 85  THR A O   1 
ATOM   653  C CB  . THR A 1 85  ? -5.809  -8.283  3.128   1.00 26.39 ? 85  THR A CB  1 
ATOM   654  O OG1 . THR A 1 85  ? -6.440  -8.165  4.411   1.00 27.68 ? 85  THR A OG1 1 
ATOM   655  C CG2 . THR A 1 85  ? -5.466  -9.743  2.872   1.00 28.45 ? 85  THR A CG2 1 
ATOM   656  N N   . PHE A 1 86  ? -2.743  -8.276  1.707   1.00 26.27 ? 86  PHE A N   1 
ATOM   657  C CA  . PHE A 1 86  ? -2.003  -8.493  0.468   1.00 27.04 ? 86  PHE A CA  1 
ATOM   658  C C   . PHE A 1 86  ? -1.972  -9.980  0.186   1.00 28.61 ? 86  PHE A C   1 
ATOM   659  O O   . PHE A 1 86  ? -1.423  -10.759 0.967   1.00 29.07 ? 86  PHE A O   1 
ATOM   660  C CB  . PHE A 1 86  ? -0.566  -7.985  0.593   1.00 27.27 ? 86  PHE A CB  1 
ATOM   661  C CG  . PHE A 1 86  ? -0.460  -6.506  0.790   1.00 28.19 ? 86  PHE A CG  1 
ATOM   662  C CD1 . PHE A 1 86  ? -0.495  -5.640  -0.300  1.00 29.59 ? 86  PHE A CD1 1 
ATOM   663  C CD2 . PHE A 1 86  ? -0.342  -5.972  2.070   1.00 29.07 ? 86  PHE A CD2 1 
ATOM   664  C CE1 . PHE A 1 86  ? -0.415  -4.262  -0.117  1.00 30.82 ? 86  PHE A CE1 1 
ATOM   665  C CE2 . PHE A 1 86  ? -0.263  -4.594  2.260   1.00 30.33 ? 86  PHE A CE2 1 
ATOM   666  C CZ  . PHE A 1 86  ? -0.299  -3.741  1.167   1.00 30.19 ? 86  PHE A CZ  1 
ATOM   667  N N   . LYS A 1 87  ? -2.559  -10.378 -0.935  1.00 27.91 ? 87  LYS A N   1 
ATOM   668  C CA  . LYS A 1 87  ? -2.575  -11.779 -1.308  1.00 28.75 ? 87  LYS A CA  1 
ATOM   669  C C   . LYS A 1 87  ? -1.627  -11.988 -2.479  1.00 28.72 ? 87  LYS A C   1 
ATOM   670  O O   . LYS A 1 87  ? -1.762  -11.335 -3.512  1.00 28.31 ? 87  LYS A O   1 
ATOM   671  C CB  . LYS A 1 87  ? -3.991  -12.199 -1.701  1.00 30.72 ? 87  LYS A CB  1 
ATOM   672  C CG  . LYS A 1 87  ? -4.109  -13.639 -2.161  1.00 35.14 ? 87  LYS A CG  1 
ATOM   673  C CD  . LYS A 1 87  ? -5.545  -13.975 -2.541  1.00 38.81 ? 87  LYS A CD  1 
ATOM   674  C CE  . LYS A 1 87  ? -5.661  -15.396 -3.069  1.00 41.91 ? 87  LYS A CE  1 
ATOM   675  N NZ  . LYS A 1 87  ? -7.075  -15.742 -3.413  1.00 45.53 ? 87  LYS A NZ  1 
ATOM   676  N N   . THR A 1 88  ? -0.649  -12.872 -2.308  1.00 28.98 ? 88  THR A N   1 
ATOM   677  C CA  . THR A 1 88  ? 0.294   -13.163 -3.381  1.00 29.84 ? 88  THR A CA  1 
ATOM   678  C C   . THR A 1 88  ? -0.027  -14.543 -3.928  1.00 31.31 ? 88  THR A C   1 
ATOM   679  O O   . THR A 1 88  ? -1.001  -15.175 -3.511  1.00 31.25 ? 88  THR A O   1 
ATOM   680  C CB  . THR A 1 88  ? 1.755   -13.160 -2.886  1.00 29.90 ? 88  THR A CB  1 
ATOM   681  O OG1 . THR A 1 88  ? 1.979   -14.287 -2.032  1.00 30.85 ? 88  THR A OG1 1 
ATOM   682  C CG2 . THR A 1 88  ? 2.049   -11.882 -2.115  1.00 29.75 ? 88  THR A CG2 1 
ATOM   683  N N   . ASN A 1 89  ? 0.788   -15.012 -4.866  1.00 33.52 ? 89  ASN A N   1 
ATOM   684  C CA  . ASN A 1 89  ? 0.576   -16.326 -5.451  1.00 35.08 ? 89  ASN A CA  1 
ATOM   685  C C   . ASN A 1 89  ? 1.063   -17.421 -4.507  1.00 36.32 ? 89  ASN A C   1 
ATOM   686  O O   . ASN A 1 89  ? 0.953   -18.612 -4.809  1.00 37.76 ? 89  ASN A O   1 
ATOM   687  C CB  . ASN A 1 89  ? 1.297   -16.425 -6.799  1.00 34.37 ? 89  ASN A CB  1 
ATOM   688  C CG  . ASN A 1 89  ? 2.788   -16.184 -6.686  1.00 35.06 ? 89  ASN A CG  1 
ATOM   689  O OD1 . ASN A 1 89  ? 3.230   -15.232 -6.045  1.00 33.16 ? 89  ASN A OD1 1 
ATOM   690  N ND2 . ASN A 1 89  ? 3.574   -17.037 -7.333  1.00 36.86 ? 89  ASN A ND2 1 
ATOM   691  N N   . LYS A 1 90  ? 1.586   -17.016 -3.351  1.00 36.34 ? 90  LYS A N   1 
ATOM   692  C CA  . LYS A 1 90  ? 2.082   -17.979 -2.374  1.00 37.66 ? 90  LYS A CA  1 
ATOM   693  C C   . LYS A 1 90  ? 1.372   -17.911 -1.022  1.00 38.73 ? 90  LYS A C   1 
ATOM   694  O O   . LYS A 1 90  ? 0.925   -18.940 -0.513  1.00 40.18 ? 90  LYS A O   1 
ATOM   695  C CB  . LYS A 1 90  ? 3.595   -17.817 -2.194  1.00 38.46 ? 90  LYS A CB  1 
ATOM   696  C CG  . LYS A 1 90  ? 4.393   -18.190 -3.443  1.00 40.50 ? 90  LYS A CG  1 
ATOM   697  C CD  . LYS A 1 90  ? 5.897   -18.207 -3.193  1.00 43.27 ? 90  LYS A CD  1 
ATOM   698  C CE  . LYS A 1 90  ? 6.673   -18.654 -4.428  1.00 44.35 ? 90  LYS A CE  1 
ATOM   699  N NZ  . LYS A 1 90  ? 8.135   -18.736 -4.138  1.00 46.49 ? 90  LYS A NZ  1 
ATOM   700  N N   . LYS A 1 91  ? 1.274   -16.720 -0.432  1.00 38.63 ? 91  LYS A N   1 
ATOM   701  C CA  . LYS A 1 91  ? 0.589   -16.577 0.856   1.00 38.72 ? 91  LYS A CA  1 
ATOM   702  C C   . LYS A 1 91  ? -0.387  -15.413 0.854   1.00 37.50 ? 91  LYS A C   1 
ATOM   703  O O   . LYS A 1 91  ? -0.541  -14.704 -0.139  1.00 35.59 ? 91  LYS A O   1 
ATOM   704  C CB  . LYS A 1 91  ? 1.544   -16.270 2.006   1.00 40.93 ? 91  LYS A CB  1 
ATOM   705  C CG  . LYS A 1 91  ? 2.882   -16.911 2.058   1.00 46.06 ? 91  LYS A CG  1 
ATOM   706  C CD  . LYS A 1 91  ? 3.516   -16.365 3.323   1.00 48.14 ? 91  LYS A CD  1 
ATOM   707  C CE  . LYS A 1 91  ? 4.955   -16.756 3.514   1.00 50.57 ? 91  LYS A CE  1 
ATOM   708  N NZ  . LYS A 1 91  ? 5.464   -16.014 4.705   1.00 52.21 ? 91  LYS A NZ  1 
ATOM   709  N N   . THR A 1 92  ? -1.023  -15.218 2.006   1.00 36.28 ? 92  THR A N   1 
ATOM   710  C CA  . THR A 1 92  ? -1.935  -14.103 2.227   1.00 35.94 ? 92  THR A CA  1 
ATOM   711  C C   . THR A 1 92  ? -1.361  -13.398 3.448   1.00 35.27 ? 92  THR A C   1 
ATOM   712  O O   . THR A 1 92  ? -1.168  -14.022 4.494   1.00 36.08 ? 92  THR A O   1 
ATOM   713  C CB  . THR A 1 92  ? -3.366  -14.562 2.547   1.00 36.08 ? 92  THR A CB  1 
ATOM   714  O OG1 . THR A 1 92  ? -3.954  -15.133 1.374   1.00 38.55 ? 92  THR A OG1 1 
ATOM   715  C CG2 . THR A 1 92  ? -4.216  -13.380 3.011   1.00 36.73 ? 92  THR A CG2 1 
ATOM   716  N N   . TYR A 1 93  ? -1.060  -12.112 3.309   1.00 33.24 ? 93  TYR A N   1 
ATOM   717  C CA  . TYR A 1 93  ? -0.504  -11.341 4.412   1.00 32.41 ? 93  TYR A CA  1 
ATOM   718  C C   . TYR A 1 93  ? -1.557  -10.382 4.943   1.00 32.16 ? 93  TYR A C   1 
ATOM   719  O O   . TYR A 1 93  ? -2.020  -9.489  4.226   1.00 32.16 ? 93  TYR A O   1 
ATOM   720  C CB  . TYR A 1 93  ? 0.729   -10.556 3.954   1.00 32.07 ? 93  TYR A CB  1 
ATOM   721  C CG  . TYR A 1 93  ? 1.814   -11.410 3.330   1.00 32.62 ? 93  TYR A CG  1 
ATOM   722  C CD1 . TYR A 1 93  ? 1.749   -11.789 1.988   1.00 32.87 ? 93  TYR A CD1 1 
ATOM   723  C CD2 . TYR A 1 93  ? 2.902   -11.847 4.083   1.00 33.40 ? 93  TYR A CD2 1 
ATOM   724  C CE1 . TYR A 1 93  ? 2.742   -12.581 1.413   1.00 32.03 ? 93  TYR A CE1 1 
ATOM   725  C CE2 . TYR A 1 93  ? 3.901   -12.638 3.516   1.00 32.96 ? 93  TYR A CE2 1 
ATOM   726  C CZ  . TYR A 1 93  ? 3.816   -13.002 2.182   1.00 32.55 ? 93  TYR A CZ  1 
ATOM   727  O OH  . TYR A 1 93  ? 4.801   -13.786 1.623   1.00 32.58 ? 93  TYR A OH  1 
ATOM   728  N N   . GLY A 1 94  ? -1.932  -10.570 6.205   1.00 31.61 ? 94  GLY A N   1 
ATOM   729  C CA  . GLY A 1 94  ? -2.940  -9.727  6.809   1.00 31.68 ? 94  GLY A CA  1 
ATOM   730  C C   . GLY A 1 94  ? -4.175  -10.541 7.136   1.00 32.84 ? 94  GLY A C   1 
ATOM   731  O O   . GLY A 1 94  ? -4.131  -11.770 7.097   1.00 34.85 ? 94  GLY A O   1 
ATOM   732  N N   . PRO A 1 95  ? -5.308  -9.888  7.431   1.00 33.52 ? 95  PRO A N   1 
ATOM   733  C CA  . PRO A 1 95  ? -5.475  -8.432  7.450   1.00 33.27 ? 95  PRO A CA  1 
ATOM   734  C C   . PRO A 1 95  ? -4.725  -7.711  8.565   1.00 33.56 ? 95  PRO A C   1 
ATOM   735  O O   . PRO A 1 95  ? -4.563  -8.236  9.670   1.00 33.24 ? 95  PRO A O   1 
ATOM   736  C CB  . PRO A 1 95  ? -6.987  -8.268  7.580   1.00 33.74 ? 95  PRO A CB  1 
ATOM   737  C CG  . PRO A 1 95  ? -7.357  -9.436  8.430   1.00 35.45 ? 95  PRO A CG  1 
ATOM   738  C CD  . PRO A 1 95  ? -6.565  -10.560 7.801   1.00 34.05 ? 95  PRO A CD  1 
ATOM   739  N N   . TYR A 1 96  ? -4.261  -6.507  8.254   1.00 32.32 ? 96  TYR A N   1 
ATOM   740  C CA  . TYR A 1 96  ? -3.560  -5.674  9.219   1.00 31.48 ? 96  TYR A CA  1 
ATOM   741  C C   . TYR A 1 96  ? -4.461  -4.473  9.470   1.00 31.94 ? 96  TYR A C   1 
ATOM   742  O O   . TYR A 1 96  ? -4.894  -3.810  8.526   1.00 31.42 ? 96  TYR A O   1 
ATOM   743  C CB  . TYR A 1 96  ? -2.214  -5.200  8.661   1.00 31.60 ? 96  TYR A CB  1 
ATOM   744  C CG  . TYR A 1 96  ? -1.278  -6.321  8.274   1.00 31.78 ? 96  TYR A CG  1 
ATOM   745  C CD1 . TYR A 1 96  ? -0.763  -7.191  9.233   1.00 31.32 ? 96  TYR A CD1 1 
ATOM   746  C CD2 . TYR A 1 96  ? -0.920  -6.523  6.940   1.00 30.89 ? 96  TYR A CD2 1 
ATOM   747  C CE1 . TYR A 1 96  ? 0.083   -8.235  8.876   1.00 31.00 ? 96  TYR A CE1 1 
ATOM   748  C CE2 . TYR A 1 96  ? -0.076  -7.562  6.572   1.00 31.87 ? 96  TYR A CE2 1 
ATOM   749  C CZ  . TYR A 1 96  ? 0.423   -8.417  7.541   1.00 31.85 ? 96  TYR A CZ  1 
ATOM   750  O OH  . TYR A 1 96  ? 1.240   -9.461  7.173   1.00 33.08 ? 96  TYR A OH  1 
ATOM   751  N N   . GLY A 1 97  ? -4.754  -4.201  10.736  1.00 31.59 ? 97  GLY A N   1 
ATOM   752  C CA  . GLY A 1 97  ? -5.604  -3.072  11.060  1.00 32.57 ? 97  GLY A CA  1 
ATOM   753  C C   . GLY A 1 97  ? -6.986  -3.498  11.509  1.00 33.46 ? 97  GLY A C   1 
ATOM   754  O O   . GLY A 1 97  ? -7.159  -4.588  12.051  1.00 35.67 ? 97  GLY A O   1 
ATOM   755  N N   . VAL A 1 98  ? -7.973  -2.638  11.277  1.00 33.53 ? 98  VAL A N   1 
ATOM   756  C CA  . VAL A 1 98  ? -9.350  -2.917  11.667  1.00 34.60 ? 98  VAL A CA  1 
ATOM   757  C C   . VAL A 1 98  ? -10.203 -3.246  10.450  1.00 35.34 ? 98  VAL A C   1 
ATOM   758  O O   . VAL A 1 98  ? -10.333 -2.428  9.537   1.00 34.90 ? 98  VAL A O   1 
ATOM   759  C CB  . VAL A 1 98  ? -9.977  -1.702  12.380  1.00 34.95 ? 98  VAL A CB  1 
ATOM   760  C CG1 . VAL A 1 98  ? -11.368 -2.055  12.884  1.00 34.48 ? 98  VAL A CG1 1 
ATOM   761  C CG2 . VAL A 1 98  ? -9.082  -1.251  13.522  1.00 35.49 ? 98  VAL A CG2 1 
ATOM   762  N N   . THR A 1 99  ? -10.791 -4.438  10.444  1.00 35.89 ? 99  THR A N   1 
ATOM   763  C CA  . THR A 1 99  ? -11.629 -4.860  9.328   1.00 37.59 ? 99  THR A CA  1 
ATOM   764  C C   . THR A 1 99  ? -13.069 -4.392  9.505   1.00 37.51 ? 99  THR A C   1 
ATOM   765  O O   . THR A 1 99  ? -14.000 -5.195  9.545   1.00 38.12 ? 99  THR A O   1 
ATOM   766  C CB  . THR A 1 99  ? -11.607 -6.393  9.169   1.00 38.00 ? 99  THR A CB  1 
ATOM   767  O OG1 . THR A 1 99  ? -11.961 -7.007  10.415  1.00 39.19 ? 99  THR A OG1 1 
ATOM   768  C CG2 . THR A 1 99  ? -10.222 -6.864  8.755   1.00 38.35 ? 99  THR A CG2 1 
ATOM   769  N N   . SER A 1 100 ? -13.238 -3.079  9.603   1.00 37.77 ? 100 SER A N   1 
ATOM   770  C CA  . SER A 1 100 ? -14.553 -2.480  9.777   1.00 39.35 ? 100 SER A CA  1 
ATOM   771  C C   . SER A 1 100 ? -14.713 -1.307  8.820   1.00 37.89 ? 100 SER A C   1 
ATOM   772  O O   . SER A 1 100 ? -13.764 -0.561  8.576   1.00 38.74 ? 100 SER A O   1 
ATOM   773  C CB  . SER A 1 100 ? -14.716 -1.998  11.221  1.00 40.50 ? 100 SER A CB  1 
ATOM   774  O OG  . SER A 1 100 ? -15.966 -1.359  11.409  1.00 45.74 ? 100 SER A OG  1 
ATOM   775  N N   . GLY A 1 101 ? -15.917 -1.147  8.280   1.00 35.92 ? 101 GLY A N   1 
ATOM   776  C CA  . GLY A 1 101 ? -16.170 -0.059  7.358   1.00 34.68 ? 101 GLY A CA  1 
ATOM   777  C C   . GLY A 1 101 ? -16.599 -0.575  6.000   1.00 33.83 ? 101 GLY A C   1 
ATOM   778  O O   . GLY A 1 101 ? -17.281 -1.596  5.908   1.00 34.36 ? 101 GLY A O   1 
ATOM   779  N N   . THR A 1 102 ? -16.190 0.125   4.948   1.00 31.38 ? 102 THR A N   1 
ATOM   780  C CA  . THR A 1 102 ? -16.538 -0.257  3.584   1.00 30.75 ? 102 THR A CA  1 
ATOM   781  C C   . THR A 1 102 ? -15.384 -1.028  2.956   1.00 29.07 ? 102 THR A C   1 
ATOM   782  O O   . THR A 1 102 ? -14.265 -0.529  2.890   1.00 28.08 ? 102 THR A O   1 
ATOM   783  C CB  . THR A 1 102 ? -16.821 0.988   2.729   1.00 31.17 ? 102 THR A CB  1 
ATOM   784  O OG1 . THR A 1 102 ? -17.880 1.745   3.332   1.00 35.09 ? 102 THR A OG1 1 
ATOM   785  C CG2 . THR A 1 102 ? -17.218 0.589   1.314   1.00 32.66 ? 102 THR A CG2 1 
ATOM   786  N N   . PRO A 1 103 ? -15.640 -2.258  2.482   1.00 28.20 ? 103 PRO A N   1 
ATOM   787  C CA  . PRO A 1 103 ? -14.555 -3.026  1.874   1.00 28.00 ? 103 PRO A CA  1 
ATOM   788  C C   . PRO A 1 103 ? -14.258 -2.617  0.439   1.00 27.13 ? 103 PRO A C   1 
ATOM   789  O O   . PRO A 1 103 ? -15.074 -1.976  -0.225  1.00 26.91 ? 103 PRO A O   1 
ATOM   790  C CB  . PRO A 1 103 ? -15.066 -4.457  1.951   1.00 28.59 ? 103 PRO A CB  1 
ATOM   791  C CG  . PRO A 1 103 ? -16.529 -4.274  1.698   1.00 29.65 ? 103 PRO A CG  1 
ATOM   792  C CD  . PRO A 1 103 ? -16.875 -3.062  2.551   1.00 29.33 ? 103 PRO A CD  1 
ATOM   793  N N   . PHE A 1 104 ? -13.064 -2.971  -0.014  1.00 27.05 ? 104 PHE A N   1 
ATOM   794  C CA  . PHE A 1 104 ? -12.646 -2.716  -1.386  1.00 26.90 ? 104 PHE A CA  1 
ATOM   795  C C   . PHE A 1 104 ? -11.641 -3.809  -1.693  1.00 26.45 ? 104 PHE A C   1 
ATOM   796  O O   . PHE A 1 104 ? -11.043 -4.386  -0.784  1.00 26.40 ? 104 PHE A O   1 
ATOM   797  C CB  . PHE A 1 104 ? -12.004 -1.324  -1.539  1.00 27.92 ? 104 PHE A CB  1 
ATOM   798  C CG  . PHE A 1 104 ? -10.634 -1.201  -0.925  1.00 29.45 ? 104 PHE A CG  1 
ATOM   799  C CD1 . PHE A 1 104 ? -9.502  -1.616  -1.621  1.00 30.72 ? 104 PHE A CD1 1 
ATOM   800  C CD2 . PHE A 1 104 ? -10.476 -0.673  0.356   1.00 31.23 ? 104 PHE A CD2 1 
ATOM   801  C CE1 . PHE A 1 104 ? -8.233  -1.507  -1.053  1.00 31.88 ? 104 PHE A CE1 1 
ATOM   802  C CE2 . PHE A 1 104 ? -9.212  -0.558  0.935   1.00 32.11 ? 104 PHE A CE2 1 
ATOM   803  C CZ  . PHE A 1 104 ? -8.088  -0.977  0.228   1.00 32.16 ? 104 PHE A CZ  1 
ATOM   804  N N   . ASN A 1 105 ? -11.479 -4.131  -2.967  1.00 26.33 ? 105 ASN A N   1 
ATOM   805  C CA  . ASN A 1 105 ? -10.507 -5.144  -3.336  1.00 27.03 ? 105 ASN A CA  1 
ATOM   806  C C   . ASN A 1 105 ? -10.135 -4.986  -4.790  1.00 26.94 ? 105 ASN A C   1 
ATOM   807  O O   . ASN A 1 105 ? -10.970 -4.647  -5.625  1.00 26.96 ? 105 ASN A O   1 
ATOM   808  C CB  . ASN A 1 105 ? -11.035 -6.563  -3.071  1.00 28.15 ? 105 ASN A CB  1 
ATOM   809  C CG  . ASN A 1 105 ? -12.092 -7.002  -4.068  1.00 28.47 ? 105 ASN A CG  1 
ATOM   810  O OD1 . ASN A 1 105 ? -11.909 -7.990  -4.785  1.00 34.63 ? 105 ASN A OD1 1 
ATOM   811  N ND2 . ASN A 1 105 ? -13.196 -6.280  -4.116  1.00 28.06 ? 105 ASN A ND2 1 
ATOM   812  N N   . LEU A 1 106 ? -8.858  -5.199  -5.073  1.00 25.12 ? 106 LEU A N   1 
ATOM   813  C CA  . LEU A 1 106 ? -8.358  -5.098  -6.430  1.00 25.23 ? 106 LEU A CA  1 
ATOM   814  C C   . LEU A 1 106 ? -7.634  -6.383  -6.786  1.00 25.88 ? 106 LEU A C   1 
ATOM   815  O O   . LEU A 1 106 ? -6.482  -6.588  -6.395  1.00 26.24 ? 106 LEU A O   1 
ATOM   816  C CB  . LEU A 1 106 ? -7.387  -3.922  -6.569  1.00 26.93 ? 106 LEU A CB  1 
ATOM   817  C CG  . LEU A 1 106 ? -6.798  -3.802  -7.979  1.00 30.14 ? 106 LEU A CG  1 
ATOM   818  C CD1 . LEU A 1 106 ? -7.874  -3.269  -8.913  1.00 30.28 ? 106 LEU A CD1 1 
ATOM   819  C CD2 . LEU A 1 106 ? -5.588  -2.886  -7.982  1.00 31.88 ? 106 LEU A CD2 1 
ATOM   820  N N   . PRO A 1 107 ? -8.317  -7.293  -7.496  1.00 25.63 ? 107 PRO A N   1 
ATOM   821  C CA  . PRO A 1 107 ? -7.707  -8.558  -7.906  1.00 25.20 ? 107 PRO A CA  1 
ATOM   822  C C   . PRO A 1 107 ? -7.052  -8.255  -9.253  1.00 25.42 ? 107 PRO A C   1 
ATOM   823  O O   . PRO A 1 107 ? -7.609  -7.492  -10.038 1.00 24.77 ? 107 PRO A O   1 
ATOM   824  C CB  . PRO A 1 107 ? -8.904  -9.504  -8.076  1.00 27.53 ? 107 PRO A CB  1 
ATOM   825  C CG  . PRO A 1 107 ? -10.099 -8.738  -7.548  1.00 27.55 ? 107 PRO A CG  1 
ATOM   826  C CD  . PRO A 1 107 ? -9.764  -7.300  -7.762  1.00 26.72 ? 107 PRO A CD  1 
ATOM   827  N N   . ILE A 1 108 ? -5.875  -8.813  -9.514  1.00 25.24 ? 108 ILE A N   1 
ATOM   828  C CA  . ILE A 1 108 ? -5.216  -8.577  -10.795 1.00 26.55 ? 108 ILE A CA  1 
ATOM   829  C C   . ILE A 1 108 ? -5.150  -9.890  -11.560 1.00 26.16 ? 108 ILE A C   1 
ATOM   830  O O   . ILE A 1 108 ? -4.585  -10.869 -11.078 1.00 28.28 ? 108 ILE A O   1 
ATOM   831  C CB  . ILE A 1 108 ? -3.779  -8.033  -10.611 1.00 27.76 ? 108 ILE A CB  1 
ATOM   832  C CG1 . ILE A 1 108 ? -3.814  -6.764  -9.754  1.00 29.76 ? 108 ILE A CG1 1 
ATOM   833  C CG2 . ILE A 1 108 ? -3.161  -7.747  -11.982 1.00 29.01 ? 108 ILE A CG2 1 
ATOM   834  C CD1 . ILE A 1 108 ? -2.466  -6.344  -9.186  1.00 34.18 ? 108 ILE A CD1 1 
ATOM   835  N N   . GLU A 1 109 ? -5.731  -9.904  -12.756 1.00 25.87 ? 109 GLU A N   1 
ATOM   836  C CA  . GLU A 1 109 ? -5.744  -11.093 -13.592 1.00 27.65 ? 109 GLU A CA  1 
ATOM   837  C C   . GLU A 1 109 ? -4.472  -11.170 -14.446 1.00 26.69 ? 109 GLU A C   1 
ATOM   838  O O   . GLU A 1 109 ? -3.898  -12.243 -14.629 1.00 28.64 ? 109 GLU A O   1 
ATOM   839  C CB  . GLU A 1 109 ? -7.001  -11.080 -14.474 1.00 29.64 ? 109 GLU A CB  1 
ATOM   840  C CG  . GLU A 1 109 ? -7.186  -12.321 -15.314 1.00 33.24 ? 109 GLU A CG  1 
ATOM   841  C CD  . GLU A 1 109 ? -8.607  -12.478 -15.830 1.00 32.81 ? 109 GLU A CD  1 
ATOM   842  O OE1 . GLU A 1 109 ? -8.788  -13.213 -16.816 1.00 37.16 ? 109 GLU A OE1 1 
ATOM   843  O OE2 . GLU A 1 109 ? -9.543  -11.886 -15.248 1.00 34.30 ? 109 GLU A OE2 1 
ATOM   844  N N   . ASN A 1 110 ? -4.042  -10.028 -14.970 1.00 25.05 ? 110 ASN A N   1 
ATOM   845  C CA  . ASN A 1 110 ? -2.828  -9.961  -15.778 1.00 24.20 ? 110 ASN A CA  1 
ATOM   846  C C   . ASN A 1 110 ? -2.182  -8.607  -15.535 1.00 24.56 ? 110 ASN A C   1 
ATOM   847  O O   . ASN A 1 110 ? -2.805  -7.572  -15.750 1.00 24.48 ? 110 ASN A O   1 
ATOM   848  C CB  . ASN A 1 110 ? -3.148  -10.113 -17.269 1.00 25.52 ? 110 ASN A CB  1 
ATOM   849  C CG  . ASN A 1 110 ? -1.899  -10.312 -18.109 1.00 27.35 ? 110 ASN A CG  1 
ATOM   850  O OD1 . ASN A 1 110 ? -1.072  -11.168 -17.800 1.00 30.45 ? 110 ASN A OD1 1 
ATOM   851  N ND2 . ASN A 1 110 ? -1.758  -9.533  -19.176 1.00 28.73 ? 110 ASN A ND2 1 
ATOM   852  N N   . GLY A 1 111 ? -0.933  -8.619  -15.084 1.00 25.08 ? 111 GLY A N   1 
ATOM   853  C CA  . GLY A 1 111 ? -0.252  -7.367  -14.805 1.00 24.39 ? 111 GLY A CA  1 
ATOM   854  C C   . GLY A 1 111 ? 0.371   -7.401  -13.425 1.00 24.61 ? 111 GLY A C   1 
ATOM   855  O O   . GLY A 1 111 ? 0.231   -8.384  -12.700 1.00 24.03 ? 111 GLY A O   1 
ATOM   856  N N   . LEU A 1 112 ? 1.052   -6.321  -13.064 1.00 23.71 ? 112 LEU A N   1 
ATOM   857  C CA  . LEU A 1 112 ? 1.731   -6.234  -11.777 1.00 24.58 ? 112 LEU A CA  1 
ATOM   858  C C   . LEU A 1 112 ? 1.598   -4.860  -11.142 1.00 23.39 ? 112 LEU A C   1 
ATOM   859  O O   . LEU A 1 112 ? 1.468   -3.853  -11.831 1.00 24.41 ? 112 LEU A O   1 
ATOM   860  C CB  . LEU A 1 112 ? 3.232   -6.503  -11.962 1.00 25.38 ? 112 LEU A CB  1 
ATOM   861  C CG  . LEU A 1 112 ? 3.699   -7.856  -12.500 1.00 26.90 ? 112 LEU A CG  1 
ATOM   862  C CD1 . LEU A 1 112 ? 5.123   -7.724  -13.041 1.00 30.05 ? 112 LEU A CD1 1 
ATOM   863  C CD2 . LEU A 1 112 ? 3.626   -8.897  -11.393 1.00 30.50 ? 112 LEU A CD2 1 
ATOM   864  N N   . ILE A 1 113 ? 1.637   -4.830  -9.813  1.00 23.32 ? 113 ILE A N   1 
ATOM   865  C CA  . ILE A 1 113 ? 1.610   -3.569  -9.094  1.00 23.38 ? 113 ILE A CA  1 
ATOM   866  C C   . ILE A 1 113 ? 3.080   -3.163  -9.095  1.00 23.50 ? 113 ILE A C   1 
ATOM   867  O O   . ILE A 1 113 ? 3.937   -3.950  -8.694  1.00 24.50 ? 113 ILE A O   1 
ATOM   868  C CB  . ILE A 1 113 ? 1.142   -3.753  -7.634  1.00 24.95 ? 113 ILE A CB  1 
ATOM   869  C CG1 . ILE A 1 113 ? -0.337  -4.151  -7.613  1.00 27.03 ? 113 ILE A CG1 1 
ATOM   870  C CG2 . ILE A 1 113 ? 1.361   -2.459  -6.862  1.00 25.79 ? 113 ILE A CG2 1 
ATOM   871  C CD1 . ILE A 1 113 ? -0.857  -4.545  -6.241  1.00 29.63 ? 113 ILE A CD1 1 
ATOM   872  N N   . VAL A 1 114 ? 3.373   -1.954  -9.551  1.00 22.59 ? 114 VAL A N   1 
ATOM   873  C CA  . VAL A 1 114 ? 4.760   -1.502  -9.620  1.00 22.78 ? 114 VAL A CA  1 
ATOM   874  C C   . VAL A 1 114 ? 5.030   -0.183  -8.912  1.00 23.60 ? 114 VAL A C   1 
ATOM   875  O O   . VAL A 1 114 ? 6.112   0.389   -9.063  1.00 24.18 ? 114 VAL A O   1 
ATOM   876  C CB  . VAL A 1 114 ? 5.222   -1.364  -11.087 1.00 24.30 ? 114 VAL A CB  1 
ATOM   877  C CG1 . VAL A 1 114 ? 5.242   -2.733  -11.749 1.00 25.77 ? 114 VAL A CG1 1 
ATOM   878  C CG2 . VAL A 1 114 ? 4.295   -0.413  -11.841 1.00 24.39 ? 114 VAL A CG2 1 
ATOM   879  N N   . GLY A 1 115 ? 4.064   0.291   -8.129  1.00 21.45 ? 115 GLY A N   1 
ATOM   880  C CA  . GLY A 1 115 ? 4.240   1.549   -7.428  1.00 22.01 ? 115 GLY A CA  1 
ATOM   881  C C   . GLY A 1 115 ? 3.035   1.955   -6.608  1.00 22.32 ? 115 GLY A C   1 
ATOM   882  O O   . GLY A 1 115 ? 1.923   1.482   -6.837  1.00 22.58 ? 115 GLY A O   1 
ATOM   883  N N   . PHE A 1 116 ? 3.264   2.843   -5.646  1.00 23.38 ? 116 PHE A N   1 
ATOM   884  C CA  . PHE A 1 116 ? 2.214   3.335   -4.764  1.00 22.86 ? 116 PHE A CA  1 
ATOM   885  C C   . PHE A 1 116 ? 2.287   4.851   -4.617  1.00 23.05 ? 116 PHE A C   1 
ATOM   886  O O   . PHE A 1 116 ? 3.352   5.454   -4.745  1.00 24.37 ? 116 PHE A O   1 
ATOM   887  C CB  . PHE A 1 116 ? 2.367   2.734   -3.357  1.00 22.64 ? 116 PHE A CB  1 
ATOM   888  C CG  . PHE A 1 116 ? 2.071   1.267   -3.269  1.00 22.63 ? 116 PHE A CG  1 
ATOM   889  C CD1 . PHE A 1 116 ? 0.773   0.818   -3.053  1.00 25.01 ? 116 PHE A CD1 1 
ATOM   890  C CD2 . PHE A 1 116 ? 3.095   0.330   -3.377  1.00 23.99 ? 116 PHE A CD2 1 
ATOM   891  C CE1 . PHE A 1 116 ? 0.503   -0.542  -2.935  1.00 25.86 ? 116 PHE A CE1 1 
ATOM   892  C CE2 . PHE A 1 116 ? 2.835   -1.027  -3.259  1.00 24.27 ? 116 PHE A CE2 1 
ATOM   893  C CZ  . PHE A 1 116 ? 1.533   -1.466  -3.041  1.00 25.24 ? 116 PHE A CZ  1 
ATOM   894  N N   . LYS A 1 117 ? 1.140   5.460   -4.352  1.00 23.61 ? 117 LYS A N   1 
ATOM   895  C CA  . LYS A 1 117 ? 1.060   6.893   -4.105  1.00 23.96 ? 117 LYS A CA  1 
ATOM   896  C C   . LYS A 1 117 ? -0.119  7.035   -3.154  1.00 23.89 ? 117 LYS A C   1 
ATOM   897  O O   . LYS A 1 117 ? -0.951  6.129   -3.046  1.00 23.32 ? 117 LYS A O   1 
ATOM   898  C CB  . LYS A 1 117 ? 0.829   7.691   -5.397  1.00 26.10 ? 117 LYS A CB  1 
ATOM   899  C CG  . LYS A 1 117 ? -0.486  7.412   -6.106  1.00 27.51 ? 117 LYS A CG  1 
ATOM   900  C CD  . LYS A 1 117 ? -0.612  8.216   -7.398  1.00 31.06 ? 117 LYS A CD  1 
ATOM   901  C CE  . LYS A 1 117 ? -0.715  9.706   -7.131  1.00 30.62 ? 117 LYS A CE  1 
ATOM   902  N NZ  . LYS A 1 117 ? -0.883  10.475  -8.395  1.00 37.48 ? 117 LYS A NZ  1 
ATOM   903  N N   . GLY A 1 118 ? -0.181  8.149   -2.442  1.00 23.35 ? 118 GLY A N   1 
ATOM   904  C CA  . GLY A 1 118 ? -1.274  8.332   -1.508  1.00 23.88 ? 118 GLY A CA  1 
ATOM   905  C C   . GLY A 1 118 ? -1.043  9.514   -0.600  1.00 24.44 ? 118 GLY A C   1 
ATOM   906  O O   . GLY A 1 118 ? -0.386  10.477  -0.980  1.00 25.15 ? 118 GLY A O   1 
ATOM   907  N N   . SER A 1 119 ? -1.576  9.423   0.612   1.00 25.64 ? 119 SER A N   1 
ATOM   908  C CA  . SER A 1 119 ? -1.448  10.495  1.585   1.00 25.64 ? 119 SER A CA  1 
ATOM   909  C C   . SER A 1 119 ? -1.585  9.936   2.989   1.00 25.00 ? 119 SER A C   1 
ATOM   910  O O   . SER A 1 119 ? -2.415  9.064   3.239   1.00 23.91 ? 119 SER A O   1 
ATOM   911  C CB  . SER A 1 119 ? -2.535  11.539  1.349   1.00 26.34 ? 119 SER A CB  1 
ATOM   912  O OG  . SER A 1 119 ? -2.549  12.515  2.378   1.00 28.89 ? 119 SER A OG  1 
ATOM   913  N N   . ILE A 1 120 ? -0.765  10.442  3.902   1.00 24.66 ? 120 ILE A N   1 
ATOM   914  C CA  . ILE A 1 120 ? -0.812  9.992   5.286   1.00 24.41 ? 120 ILE A CA  1 
ATOM   915  C C   . ILE A 1 120 ? -0.799  11.201  6.206   1.00 24.03 ? 120 ILE A C   1 
ATOM   916  O O   . ILE A 1 120 ? 0.026   12.101  6.047   1.00 24.56 ? 120 ILE A O   1 
ATOM   917  C CB  . ILE A 1 120 ? 0.406   9.092   5.636   1.00 24.38 ? 120 ILE A CB  1 
ATOM   918  C CG1 . ILE A 1 120 ? 0.442   7.874   4.706   1.00 24.59 ? 120 ILE A CG1 1 
ATOM   919  C CG2 . ILE A 1 120 ? 0.323   8.633   7.089   1.00 25.46 ? 120 ILE A CG2 1 
ATOM   920  C CD1 . ILE A 1 120 ? 1.624   6.955   4.936   1.00 25.26 ? 120 ILE A CD1 1 
ATOM   921  N N   . GLY A 1 121 ? -1.735  11.221  7.147   1.00 24.37 ? 121 GLY A N   1 
ATOM   922  C CA  . GLY A 1 121 ? -1.804  12.291  8.130   1.00 24.14 ? 121 GLY A CA  1 
ATOM   923  C C   . GLY A 1 121 ? -1.583  11.543  9.428   1.00 25.03 ? 121 GLY A C   1 
ATOM   924  O O   . GLY A 1 121 ? -0.474  11.084  9.699   1.00 26.94 ? 121 GLY A O   1 
ATOM   925  N N   . TYR A 1 122 ? -2.628  11.412  10.237  1.00 25.65 ? 122 TYR A N   1 
ATOM   926  C CA  . TYR A 1 122 ? -2.506  10.628  11.459  1.00 25.38 ? 122 TYR A CA  1 
ATOM   927  C C   . TYR A 1 122 ? -2.545  9.185   10.950  1.00 25.22 ? 122 TYR A C   1 
ATOM   928  O O   . TYR A 1 122 ? -1.870  8.301   11.475  1.00 25.94 ? 122 TYR A O   1 
ATOM   929  C CB  . TYR A 1 122 ? -3.695  10.875  12.391  1.00 24.79 ? 122 TYR A CB  1 
ATOM   930  C CG  . TYR A 1 122 ? -3.541  12.062  13.323  1.00 25.80 ? 122 TYR A CG  1 
ATOM   931  C CD1 . TYR A 1 122 ? -2.567  13.037  13.096  1.00 26.12 ? 122 TYR A CD1 1 
ATOM   932  C CD2 . TYR A 1 122 ? -4.382  12.213  14.425  1.00 26.66 ? 122 TYR A CD2 1 
ATOM   933  C CE1 . TYR A 1 122 ? -2.438  14.137  13.947  1.00 28.63 ? 122 TYR A CE1 1 
ATOM   934  C CE2 . TYR A 1 122 ? -4.261  13.307  15.282  1.00 27.58 ? 122 TYR A CE2 1 
ATOM   935  C CZ  . TYR A 1 122 ? -3.287  14.263  15.031  1.00 27.89 ? 122 TYR A CZ  1 
ATOM   936  O OH  . TYR A 1 122 ? -3.171  15.362  15.849  1.00 31.10 ? 122 TYR A OH  1 
ATOM   937  N N   . TRP A 1 123 ? -3.329  8.969   9.895   1.00 24.27 ? 123 TRP A N   1 
ATOM   938  C CA  . TRP A 1 123 ? -3.484  7.643   9.304   1.00 23.09 ? 123 TRP A CA  1 
ATOM   939  C C   . TRP A 1 123 ? -3.390  7.736   7.786   1.00 23.13 ? 123 TRP A C   1 
ATOM   940  O O   . TRP A 1 123 ? -3.325  8.831   7.230   1.00 23.64 ? 123 TRP A O   1 
ATOM   941  C CB  . TRP A 1 123 ? -4.848  7.065   9.695   1.00 24.17 ? 123 TRP A CB  1 
ATOM   942  C CG  . TRP A 1 123 ? -5.030  7.033   11.174  1.00 24.39 ? 123 TRP A CG  1 
ATOM   943  C CD1 . TRP A 1 123 ? -4.371  6.222   12.055  1.00 26.75 ? 123 TRP A CD1 1 
ATOM   944  C CD2 . TRP A 1 123 ? -5.826  7.926   11.963  1.00 25.65 ? 123 TRP A CD2 1 
ATOM   945  N NE1 . TRP A 1 123 ? -4.703  6.563   13.347  1.00 26.49 ? 123 TRP A NE1 1 
ATOM   946  C CE2 . TRP A 1 123 ? -5.591  7.605   13.319  1.00 26.73 ? 123 TRP A CE2 1 
ATOM   947  C CE3 . TRP A 1 123 ? -6.711  8.970   11.658  1.00 26.28 ? 123 TRP A CE3 1 
ATOM   948  C CZ2 . TRP A 1 123 ? -6.212  8.293   14.374  1.00 28.22 ? 123 TRP A CZ2 1 
ATOM   949  C CZ3 . TRP A 1 123 ? -7.331  9.657   12.710  1.00 28.29 ? 123 TRP A CZ3 1 
ATOM   950  C CH2 . TRP A 1 123 ? -7.073  9.310   14.049  1.00 27.39 ? 123 TRP A CH2 1 
ATOM   951  N N   . LEU A 1 124 ? -3.376  6.578   7.132   1.00 23.13 ? 124 LEU A N   1 
ATOM   952  C CA  . LEU A 1 124 ? -3.322  6.517   5.674   1.00 23.40 ? 124 LEU A CA  1 
ATOM   953  C C   . LEU A 1 124 ? -4.676  7.026   5.174   1.00 23.13 ? 124 LEU A C   1 
ATOM   954  O O   . LEU A 1 124 ? -5.703  6.369   5.368   1.00 25.51 ? 124 LEU A O   1 
ATOM   955  C CB  . LEU A 1 124 ? -3.086  5.069   5.241   1.00 22.15 ? 124 LEU A CB  1 
ATOM   956  C CG  . LEU A 1 124 ? -3.037  4.804   3.731   1.00 24.04 ? 124 LEU A CG  1 
ATOM   957  C CD1 . LEU A 1 124 ? -1.916  5.606   3.094   1.00 25.09 ? 124 LEU A CD1 1 
ATOM   958  C CD2 . LEU A 1 124 ? -2.833  3.317   3.493   1.00 24.79 ? 124 LEU A CD2 1 
ATOM   959  N N   . ASP A 1 125 ? -4.671  8.202   4.550   1.00 24.00 ? 125 ASP A N   1 
ATOM   960  C CA  . ASP A 1 125 ? -5.896  8.839   4.057   1.00 24.61 ? 125 ASP A CA  1 
ATOM   961  C C   . ASP A 1 125 ? -6.460  8.118   2.847   1.00 24.29 ? 125 ASP A C   1 
ATOM   962  O O   . ASP A 1 125 ? -7.656  7.824   2.776   1.00 25.76 ? 125 ASP A O   1 
ATOM   963  C CB  . ASP A 1 125 ? -5.617  10.295  3.678   1.00 25.97 ? 125 ASP A CB  1 
ATOM   964  C CG  . ASP A 1 125 ? -5.049  11.101  4.831   1.00 26.07 ? 125 ASP A CG  1 
ATOM   965  O OD1 . ASP A 1 125 ? -5.678  11.111  5.909   1.00 27.23 ? 125 ASP A OD1 1 
ATOM   966  O OD2 . ASP A 1 125 ? -3.981  11.720  4.651   1.00 27.12 ? 125 ASP A OD2 1 
ATOM   967  N N   . TYR A 1 126 ? -5.584  7.858   1.890   1.00 24.79 ? 126 TYR A N   1 
ATOM   968  C CA  . TYR A 1 126 ? -5.965  7.173   0.667   1.00 24.51 ? 126 TYR A CA  1 
ATOM   969  C C   . TYR A 1 126 ? -4.706  6.698   -0.038  1.00 24.84 ? 126 TYR A C   1 
ATOM   970  O O   . TYR A 1 126 ? -3.597  7.113   0.294   1.00 25.20 ? 126 TYR A O   1 
ATOM   971  C CB  . TYR A 1 126 ? -6.761  8.123   -0.246  1.00 25.86 ? 126 TYR A CB  1 
ATOM   972  C CG  . TYR A 1 126 ? -6.052  9.422   -0.592  1.00 28.17 ? 126 TYR A CG  1 
ATOM   973  C CD1 . TYR A 1 126 ? -5.039  9.459   -1.554  1.00 29.74 ? 126 TYR A CD1 1 
ATOM   974  C CD2 . TYR A 1 126 ? -6.390  10.614  0.052   1.00 28.77 ? 126 TYR A CD2 1 
ATOM   975  C CE1 . TYR A 1 126 ? -4.381  10.650  -1.867  1.00 30.25 ? 126 TYR A CE1 1 
ATOM   976  C CE2 . TYR A 1 126 ? -5.740  11.808  -0.250  1.00 31.21 ? 126 TYR A CE2 1 
ATOM   977  C CZ  . TYR A 1 126 ? -4.738  11.822  -1.210  1.00 31.09 ? 126 TYR A CZ  1 
ATOM   978  O OH  . TYR A 1 126 ? -4.092  13.006  -1.505  1.00 34.33 ? 126 TYR A OH  1 
ATOM   979  N N   . PHE A 1 127 ? -4.873  5.804   -1.003  1.00 24.57 ? 127 PHE A N   1 
ATOM   980  C CA  . PHE A 1 127 ? -3.724  5.336   -1.757  1.00 24.25 ? 127 PHE A CA  1 
ATOM   981  C C   . PHE A 1 127 ? -4.184  4.865   -3.118  1.00 24.19 ? 127 PHE A C   1 
ATOM   982  O O   . PHE A 1 127 ? -5.359  4.547   -3.316  1.00 23.91 ? 127 PHE A O   1 
ATOM   983  C CB  . PHE A 1 127 ? -2.986  4.206   -1.031  1.00 26.50 ? 127 PHE A CB  1 
ATOM   984  C CG  . PHE A 1 127 ? -3.674  2.872   -1.113  1.00 26.00 ? 127 PHE A CG  1 
ATOM   985  C CD1 . PHE A 1 127 ? -4.838  2.626   -0.394  1.00 29.42 ? 127 PHE A CD1 1 
ATOM   986  C CD2 . PHE A 1 127 ? -3.161  1.868   -1.927  1.00 29.11 ? 127 PHE A CD2 1 
ATOM   987  C CE1 . PHE A 1 127 ? -5.483  1.392   -0.484  1.00 31.36 ? 127 PHE A CE1 1 
ATOM   988  C CE2 . PHE A 1 127 ? -3.797  0.633   -2.026  1.00 30.52 ? 127 PHE A CE2 1 
ATOM   989  C CZ  . PHE A 1 127 ? -4.962  0.393   -1.302  1.00 31.91 ? 127 PHE A CZ  1 
ATOM   990  N N   . SER A 1 128 ? -3.245  4.853   -4.050  1.00 23.45 ? 128 SER A N   1 
ATOM   991  C CA  . SER A 1 128 ? -3.490  4.416   -5.417  1.00 23.51 ? 128 SER A CA  1 
ATOM   992  C C   . SER A 1 128 ? -2.341  3.507   -5.806  1.00 24.58 ? 128 SER A C   1 
ATOM   993  O O   . SER A 1 128 ? -1.291  3.509   -5.161  1.00 24.73 ? 128 SER A O   1 
ATOM   994  C CB  . SER A 1 128 ? -3.539  5.613   -6.362  1.00 23.82 ? 128 SER A CB  1 
ATOM   995  O OG  . SER A 1 128 ? -4.595  6.485   -6.015  1.00 25.17 ? 128 SER A OG  1 
ATOM   996  N N   . MET A 1 129 ? -2.527  2.729   -6.866  1.00 22.56 ? 129 MET A N   1 
ATOM   997  C CA  . MET A 1 129 ? -1.472  1.827   -7.294  1.00 22.69 ? 129 MET A CA  1 
ATOM   998  C C   . MET A 1 129 ? -1.155  1.943   -8.774  1.00 23.59 ? 129 MET A C   1 
ATOM   999  O O   . MET A 1 129 ? -2.050  2.138   -9.595  1.00 24.29 ? 129 MET A O   1 
ATOM   1000 C CB  . MET A 1 129 ? -1.860  0.382   -6.973  1.00 23.31 ? 129 MET A CB  1 
ATOM   1001 C CG  . MET A 1 129 ? -1.921  0.096   -5.473  1.00 25.39 ? 129 MET A CG  1 
ATOM   1002 S SD  . MET A 1 129 ? -2.517  -1.565  -5.135  1.00 29.10 ? 129 MET A SD  1 
ATOM   1003 C CE  . MET A 1 129 ? -4.273  -1.315  -5.255  1.00 31.53 ? 129 MET A CE  1 
ATOM   1004 N N   . TYR A 1 130 ? 0.135   1.856   -9.091  1.00 21.75 ? 130 TYR A N   1 
ATOM   1005 C CA  . TYR A 1 130 ? 0.603   1.887   -10.473 1.00 22.80 ? 130 TYR A CA  1 
ATOM   1006 C C   . TYR A 1 130 ? 0.581   0.438   -10.957 1.00 23.12 ? 130 TYR A C   1 
ATOM   1007 O O   . TYR A 1 130 ? 1.058   -0.461  -10.255 1.00 22.81 ? 130 TYR A O   1 
ATOM   1008 C CB  . TYR A 1 130 ? 2.049   2.391   -10.555 1.00 21.45 ? 130 TYR A CB  1 
ATOM   1009 C CG  . TYR A 1 130 ? 2.245   3.865   -10.315 1.00 21.62 ? 130 TYR A CG  1 
ATOM   1010 C CD1 . TYR A 1 130 ? 2.163   4.409   -9.029  1.00 21.83 ? 130 TYR A CD1 1 
ATOM   1011 C CD2 . TYR A 1 130 ? 2.543   4.720   -11.373 1.00 23.26 ? 130 TYR A CD2 1 
ATOM   1012 C CE1 . TYR A 1 130 ? 2.378   5.770   -8.813  1.00 23.82 ? 130 TYR A CE1 1 
ATOM   1013 C CE2 . TYR A 1 130 ? 2.759   6.075   -11.169 1.00 22.85 ? 130 TYR A CE2 1 
ATOM   1014 C CZ  . TYR A 1 130 ? 2.676   6.594   -9.886  1.00 23.60 ? 130 TYR A CZ  1 
ATOM   1015 O OH  . TYR A 1 130 ? 2.893   7.930   -9.686  1.00 25.23 ? 130 TYR A OH  1 
ATOM   1016 N N   . LEU A 1 131 ? 0.036   0.210   -12.150 1.00 23.26 ? 131 LEU A N   1 
ATOM   1017 C CA  . LEU A 1 131 ? -0.026  -1.133  -12.718 1.00 23.48 ? 131 LEU A CA  1 
ATOM   1018 C C   . LEU A 1 131 ? 0.683   -1.163  -14.066 1.00 23.11 ? 131 LEU A C   1 
ATOM   1019 O O   . LEU A 1 131 ? 0.611   -0.204  -14.825 1.00 26.41 ? 131 LEU A O   1 
ATOM   1020 C CB  . LEU A 1 131 ? -1.476  -1.570  -12.942 1.00 25.10 ? 131 LEU A CB  1 
ATOM   1021 C CG  . LEU A 1 131 ? -2.436  -1.520  -11.758 1.00 25.91 ? 131 LEU A CG  1 
ATOM   1022 C CD1 . LEU A 1 131 ? -3.818  -1.975  -12.214 1.00 27.20 ? 131 LEU A CD1 1 
ATOM   1023 C CD2 . LEU A 1 131 ? -1.929  -2.415  -10.640 1.00 27.22 ? 131 LEU A CD2 1 
ATOM   1024 N N   . SER A 1 132 ? 1.346   -2.274  -14.355 1.00 24.60 ? 132 SER A N   1 
ATOM   1025 C CA  . SER A 1 132 ? 2.056   -2.423  -15.618 1.00 25.24 ? 132 SER A CA  1 
ATOM   1026 C C   . SER A 1 132 ? 2.149   -3.891  -15.989 1.00 24.51 ? 132 SER A C   1 
ATOM   1027 O O   . SER A 1 132 ? 1.892   -4.761  -15.169 1.00 25.49 ? 132 SER A O   1 
ATOM   1028 C CB  . SER A 1 132 ? 3.469   -1.852  -15.489 1.00 26.10 ? 132 SER A CB  1 
ATOM   1029 O OG  . SER A 1 132 ? 4.173   -1.943  -16.716 1.00 30.40 ? 132 SER A OG  1 
ATOM   1030 N N   . LEU A 1 133 ? 2.502   -4.167  -17.240 1.00 25.25 ? 133 LEU A N   1 
ATOM   1031 C CA  . LEU A 1 133 ? 2.684   -5.542  -17.676 1.00 26.46 ? 133 LEU A CA  1 
ATOM   1032 C C   . LEU A 1 133 ? 4.134   -5.901  -17.360 1.00 28.52 ? 133 LEU A C   1 
ATOM   1033 O O   . LEU A 1 133 ? 4.887   -4.977  -17.019 1.00 29.35 ? 133 LEU A O   1 
ATOM   1034 C CB  . LEU A 1 133 ? 2.457   -5.667  -19.184 1.00 26.85 ? 133 LEU A CB  1 
ATOM   1035 C CG  . LEU A 1 133 ? 1.011   -5.543  -19.653 1.00 27.55 ? 133 LEU A CG  1 
ATOM   1036 C CD1 . LEU A 1 133 ? 0.975   -5.553  -21.173 1.00 30.69 ? 133 LEU A CD1 1 
ATOM   1037 C CD2 . LEU A 1 133 ? 0.196   -6.698  -19.090 1.00 28.19 ? 133 LEU A CD2 1 
ATOM   1038 O OXT . LEU A 1 133 ? 4.496   -7.087  -17.483 1.00 32.79 ? 133 LEU A OXT 1 
ATOM   1039 N N   . SER B 2 4   ? 5.274   15.102  -22.896 1.00 43.04 ? 4   SER B N   1 
ATOM   1040 C CA  . SER B 2 4   ? 6.543   15.427  -22.184 1.00 42.63 ? 4   SER B CA  1 
ATOM   1041 C C   . SER B 2 4   ? 7.495   14.240  -22.227 1.00 40.25 ? 4   SER B C   1 
ATOM   1042 O O   . SER B 2 4   ? 7.169   13.182  -22.769 1.00 41.07 ? 4   SER B O   1 
ATOM   1043 C CB  . SER B 2 4   ? 6.261   15.788  -20.725 1.00 44.18 ? 4   SER B CB  1 
ATOM   1044 O OG  . SER B 2 4   ? 5.778   14.663  -20.008 1.00 46.75 ? 4   SER B OG  1 
ATOM   1045 N N   . GLY B 2 5   ? 8.672   14.423  -21.643 1.00 38.09 ? 5   GLY B N   1 
ATOM   1046 C CA  . GLY B 2 5   ? 9.658   13.364  -21.621 1.00 35.04 ? 5   GLY B CA  1 
ATOM   1047 C C   . GLY B 2 5   ? 9.544   12.474  -20.404 1.00 32.73 ? 5   GLY B C   1 
ATOM   1048 O O   . GLY B 2 5   ? 10.519  11.847  -20.002 1.00 32.98 ? 5   GLY B O   1 
ATOM   1049 N N   . ILE B 2 6   ? 8.355   12.411  -19.810 1.00 31.60 ? 6   ILE B N   1 
ATOM   1050 C CA  . ILE B 2 6   ? 8.151   11.573  -18.635 1.00 30.77 ? 6   ILE B CA  1 
ATOM   1051 C C   . ILE B 2 6   ? 7.235   10.402  -18.970 1.00 28.58 ? 6   ILE B C   1 
ATOM   1052 O O   . ILE B 2 6   ? 6.136   10.597  -19.484 1.00 28.89 ? 6   ILE B O   1 
ATOM   1053 C CB  . ILE B 2 6   ? 7.516   12.367  -17.475 1.00 32.61 ? 6   ILE B CB  1 
ATOM   1054 C CG1 . ILE B 2 6   ? 8.351   13.616  -17.179 1.00 35.20 ? 6   ILE B CG1 1 
ATOM   1055 C CG2 . ILE B 2 6   ? 7.424   11.486  -16.237 1.00 34.29 ? 6   ILE B CG2 1 
ATOM   1056 C CD1 . ILE B 2 6   ? 7.730   14.533  -16.145 1.00 36.60 ? 6   ILE B CD1 1 
ATOM   1057 N N   . SER B 2 7   ? 7.703   9.194   -18.677 1.00 26.94 ? 7   SER B N   1 
ATOM   1058 C CA  . SER B 2 7   ? 6.945   7.971   -18.933 1.00 28.73 ? 7   SER B CA  1 
ATOM   1059 C C   . SER B 2 7   ? 5.653   7.902   -18.115 1.00 28.40 ? 7   SER B C   1 
ATOM   1060 O O   . SER B 2 7   ? 5.596   8.379   -16.978 1.00 27.98 ? 7   SER B O   1 
ATOM   1061 C CB  . SER B 2 7   ? 7.812   6.751   -18.612 1.00 30.07 ? 7   SER B CB  1 
ATOM   1062 O OG  . SER B 2 7   ? 7.101   5.553   -18.869 1.00 34.70 ? 7   SER B OG  1 
ATOM   1063 N N   . GLN B 2 8   ? 4.626   7.294   -18.703 1.00 27.69 ? 8   GLN B N   1 
ATOM   1064 C CA  . GLN B 2 8   ? 3.318   7.145   -18.061 1.00 29.62 ? 8   GLN B CA  1 
ATOM   1065 C C   . GLN B 2 8   ? 3.003   5.688   -17.749 1.00 27.61 ? 8   GLN B C   1 
ATOM   1066 O O   . GLN B 2 8   ? 3.463   4.774   -18.432 1.00 26.37 ? 8   GLN B O   1 
ATOM   1067 C CB  . GLN B 2 8   ? 2.208   7.669   -18.967 1.00 32.33 ? 8   GLN B CB  1 
ATOM   1068 C CG  . GLN B 2 8   ? 2.157   9.158   -19.169 1.00 40.42 ? 8   GLN B CG  1 
ATOM   1069 C CD  . GLN B 2 8   ? 0.885   9.560   -19.885 1.00 44.86 ? 8   GLN B CD  1 
ATOM   1070 O OE1 . GLN B 2 8   ? -0.217  9.222   -19.445 1.00 46.55 ? 8   GLN B OE1 1 
ATOM   1071 N NE2 . GLN B 2 8   ? 1.025   10.278  -20.995 1.00 48.13 ? 8   GLN B NE2 1 
ATOM   1072 N N   . THR B 2 9   ? 2.165   5.490   -16.739 1.00 27.29 ? 9   THR B N   1 
ATOM   1073 C CA  . THR B 2 9   ? 1.764   4.160   -16.306 1.00 27.07 ? 9   THR B CA  1 
ATOM   1074 C C   . THR B 2 9   ? 0.289   4.205   -15.911 1.00 24.61 ? 9   THR B C   1 
ATOM   1075 O O   . THR B 2 9   ? -0.209  5.249   -15.515 1.00 24.83 ? 9   THR B O   1 
ATOM   1076 C CB  . THR B 2 9   ? 2.582   3.734   -15.061 1.00 29.94 ? 9   THR B CB  1 
ATOM   1077 O OG1 . THR B 2 9   ? 3.984   3.806   -15.362 1.00 33.16 ? 9   THR B OG1 1 
ATOM   1078 C CG2 . THR B 2 9   ? 2.229   2.333   -14.638 1.00 31.21 ? 9   THR B CG2 1 
ATOM   1079 N N   . VAL B 2 10  ? -0.409  3.083   -16.031 1.00 24.60 ? 10  VAL B N   1 
ATOM   1080 C CA  . VAL B 2 10  ? -1.808  3.037   -15.611 1.00 23.52 ? 10  VAL B CA  1 
ATOM   1081 C C   . VAL B 2 10  ? -1.809  3.195   -14.086 1.00 21.96 ? 10  VAL B C   1 
ATOM   1082 O O   . VAL B 2 10  ? -0.926  2.661   -13.413 1.00 23.31 ? 10  VAL B O   1 
ATOM   1083 C CB  . VAL B 2 10  ? -2.458  1.672   -15.960 1.00 23.28 ? 10  VAL B CB  1 
ATOM   1084 C CG1 . VAL B 2 10  ? -3.814  1.533   -15.273 1.00 24.14 ? 10  VAL B CG1 1 
ATOM   1085 C CG2 . VAL B 2 10  ? -2.626  1.547   -17.469 1.00 24.73 ? 10  VAL B CG2 1 
ATOM   1086 N N   . ILE B 2 11  ? -2.783  3.924   -13.546 1.00 21.82 ? 11  ILE B N   1 
ATOM   1087 C CA  . ILE B 2 11  ? -2.888  4.104   -12.090 1.00 21.60 ? 11  ILE B CA  1 
ATOM   1088 C C   . ILE B 2 11  ? -4.340  3.915   -11.683 1.00 23.08 ? 11  ILE B C   1 
ATOM   1089 O O   . ILE B 2 11  ? -5.218  4.594   -12.217 1.00 23.49 ? 11  ILE B O   1 
ATOM   1090 C CB  . ILE B 2 11  ? -2.470  5.524   -11.636 1.00 23.35 ? 11  ILE B CB  1 
ATOM   1091 C CG1 . ILE B 2 11  ? -1.030  5.813   -12.055 1.00 23.04 ? 11  ILE B CG1 1 
ATOM   1092 C CG2 . ILE B 2 11  ? -2.587  5.637   -10.109 1.00 23.62 ? 11  ILE B CG2 1 
ATOM   1093 C CD1 . ILE B 2 11  ? -0.601  7.243   -11.801 1.00 23.83 ? 11  ILE B CD1 1 
ATOM   1094 N N   . VAL B 2 12  ? -4.585  3.002   -10.748 1.00 22.91 ? 12  VAL B N   1 
ATOM   1095 C CA  . VAL B 2 12  ? -5.938  2.756   -10.262 1.00 23.74 ? 12  VAL B CA  1 
ATOM   1096 C C   . VAL B 2 12  ? -6.035  3.255   -8.832  1.00 24.10 ? 12  VAL B C   1 
ATOM   1097 O O   . VAL B 2 12  ? -5.074  3.155   -8.067  1.00 24.40 ? 12  VAL B O   1 
ATOM   1098 C CB  . VAL B 2 12  ? -6.324  1.256   -10.326 1.00 25.21 ? 12  VAL B CB  1 
ATOM   1099 C CG1 . VAL B 2 12  ? -6.399  0.820   -11.783 1.00 27.29 ? 12  VAL B CG1 1 
ATOM   1100 C CG2 . VAL B 2 12  ? -5.319  0.405   -9.567  1.00 25.96 ? 12  VAL B CG2 1 
ATOM   1101 N N   . GLY B 2 13  ? -7.201  3.796   -8.495  1.00 24.05 ? 13  GLY B N   1 
ATOM   1102 C CA  . GLY B 2 13  ? -7.428  4.354   -7.177  1.00 24.49 ? 13  GLY B CA  1 
ATOM   1103 C C   . GLY B 2 13  ? -7.933  5.772   -7.372  1.00 24.58 ? 13  GLY B C   1 
ATOM   1104 O O   . GLY B 2 13  ? -8.219  6.175   -8.497  1.00 24.95 ? 13  GLY B O   1 
ATOM   1105 N N   . PRO B 2 14  ? -8.022  6.573   -6.305  1.00 25.77 ? 14  PRO B N   1 
ATOM   1106 C CA  . PRO B 2 14  ? -7.647  6.168   -4.954  1.00 25.82 ? 14  PRO B CA  1 
ATOM   1107 C C   . PRO B 2 14  ? -8.785  5.552   -4.158  1.00 25.90 ? 14  PRO B C   1 
ATOM   1108 O O   . PRO B 2 14  ? -9.962  5.736   -4.480  1.00 27.58 ? 14  PRO B O   1 
ATOM   1109 C CB  . PRO B 2 14  ? -7.183  7.477   -4.334  1.00 25.04 ? 14  PRO B CB  1 
ATOM   1110 C CG  . PRO B 2 14  ? -8.151  8.452   -4.906  1.00 28.28 ? 14  PRO B CG  1 
ATOM   1111 C CD  . PRO B 2 14  ? -8.247  8.028   -6.373  1.00 27.56 ? 14  PRO B CD  1 
ATOM   1112 N N   . TRP B 2 15  ? -8.410  4.817   -3.117  1.00 25.62 ? 15  TRP B N   1 
ATOM   1113 C CA  . TRP B 2 15  ? -9.365  4.217   -2.195  1.00 25.06 ? 15  TRP B CA  1 
ATOM   1114 C C   . TRP B 2 15  ? -9.102  4.942   -0.888  1.00 26.86 ? 15  TRP B C   1 
ATOM   1115 O O   . TRP B 2 15  ? -7.946  5.140   -0.510  1.00 26.03 ? 15  TRP B O   1 
ATOM   1116 C CB  . TRP B 2 15  ? -9.105  2.724   -2.016  1.00 25.64 ? 15  TRP B CB  1 
ATOM   1117 C CG  . TRP B 2 15  ? -9.599  1.905   -3.156  1.00 25.70 ? 15  TRP B CG  1 
ATOM   1118 C CD1 . TRP B 2 15  ? -10.882 1.484   -3.372  1.00 25.88 ? 15  TRP B CD1 1 
ATOM   1119 C CD2 . TRP B 2 15  ? -8.831  1.444   -4.267  1.00 27.24 ? 15  TRP B CD2 1 
ATOM   1120 N NE1 . TRP B 2 15  ? -10.957 0.785   -4.555  1.00 27.24 ? 15  TRP B NE1 1 
ATOM   1121 C CE2 . TRP B 2 15  ? -9.710  0.746   -5.124  1.00 26.38 ? 15  TRP B CE2 1 
ATOM   1122 C CE3 . TRP B 2 15  ? -7.480  1.551   -4.625  1.00 26.45 ? 15  TRP B CE3 1 
ATOM   1123 C CZ2 . TRP B 2 15  ? -9.284  0.157   -6.319  1.00 28.05 ? 15  TRP B CZ2 1 
ATOM   1124 C CZ3 . TRP B 2 15  ? -7.057  0.965   -5.816  1.00 29.57 ? 15  TRP B CZ3 1 
ATOM   1125 C CH2 . TRP B 2 15  ? -7.959  0.277   -6.646  1.00 28.17 ? 15  TRP B CH2 1 
ATOM   1126 N N   . GLY B 2 16  ? -10.170 5.346   -0.215  1.00 27.30 ? 16  GLY B N   1 
ATOM   1127 C CA  . GLY B 2 16  ? -10.028 6.068   1.038   1.00 28.48 ? 16  GLY B CA  1 
ATOM   1128 C C   . GLY B 2 16  ? -10.699 7.423   0.917   1.00 30.67 ? 16  GLY B C   1 
ATOM   1129 O O   . GLY B 2 16  ? -11.739 7.540   0.268   1.00 32.39 ? 16  GLY B O   1 
ATOM   1130 N N   . ALA B 2 17  ? -10.119 8.452   1.526   1.00 31.76 ? 17  ALA B N   1 
ATOM   1131 C CA  . ALA B 2 17  ? -10.694 9.790   1.459   1.00 34.69 ? 17  ALA B CA  1 
ATOM   1132 C C   . ALA B 2 17  ? -10.661 10.343  0.039   1.00 36.92 ? 17  ALA B C   1 
ATOM   1133 O O   . ALA B 2 17  ? -9.752  10.039  -0.730  1.00 35.36 ? 17  ALA B O   1 
ATOM   1134 C CB  . ALA B 2 17  ? -9.943  10.720  2.384   1.00 34.42 ? 17  ALA B CB  1 
ATOM   1135 N N   . LYS B 2 18  ? -11.648 11.161  -0.315  1.00 41.89 ? 18  LYS B N   1 
ATOM   1136 C CA  . LYS B 2 18  ? -11.681 11.732  -1.660  1.00 45.90 ? 18  LYS B CA  1 
ATOM   1137 C C   . LYS B 2 18  ? -11.205 13.178  -1.637  1.00 46.99 ? 18  LYS B C   1 
ATOM   1138 O O   . LYS B 2 18  ? -10.116 13.475  -2.178  1.00 49.00 ? 18  LYS B O   1 
ATOM   1139 C CB  . LYS B 2 18  ? -13.100 11.651  -2.228  1.00 48.46 ? 18  LYS B CB  1 
ATOM   1140 C CG  . LYS B 2 18  ? -13.477 10.270  -2.745  1.00 51.11 ? 18  LYS B CG  1 
ATOM   1141 C CD  . LYS B 2 18  ? -14.715 10.345  -3.609  1.00 54.28 ? 18  LYS B CD  1 
ATOM   1142 C CE  . LYS B 2 18  ? -15.041 8.987   -4.191  1.00 56.01 ? 18  LYS B CE  1 
ATOM   1143 N NZ  . LYS B 2 18  ? -16.157 9.087   -5.166  1.00 56.93 ? 18  LYS B NZ  1 
HETATM 1144 O O6  . MGC C 3 .   ? -5.055  10.915  8.639   1.00 27.17 ? 1   MGC C O6  1 
HETATM 1145 C C6  . MGC C 3 .   ? -6.250  11.539  9.064   1.00 27.04 ? 1   MGC C C6  1 
HETATM 1146 C C5  . MGC C 3 .   ? -6.131  13.066  9.175   1.00 27.87 ? 1   MGC C C5  1 
HETATM 1147 O O5  . MGC C 3 .   ? -4.866  13.482  9.915   1.00 28.01 ? 1   MGC C O5  1 
HETATM 1148 C C1  . MGC C 3 .   ? -4.632  14.945  10.115  1.00 29.04 ? 1   MGC C C1  1 
HETATM 1149 O O1  . MGC C 3 .   ? -5.631  15.447  11.016  1.00 29.07 ? 1   MGC C O1  1 
HETATM 1150 C CM  . MGC C 3 .   ? -5.765  14.877  12.467  1.00 28.11 ? 1   MGC C CM  1 
HETATM 1151 C C2  . MGC C 3 .   ? -4.680  15.644  8.754   1.00 28.87 ? 1   MGC C C2  1 
HETATM 1152 N N2  . MGC C 3 .   ? -4.439  16.996  9.090   1.00 29.86 ? 1   MGC C N2  1 
HETATM 1153 C C7  . MGC C 3 .   ? -3.601  17.828  8.411   1.00 29.92 ? 1   MGC C C7  1 
HETATM 1154 O O7  . MGC C 3 .   ? -2.691  17.425  7.665   1.00 32.15 ? 1   MGC C O7  1 
HETATM 1155 C C8  . MGC C 3 .   ? -3.810  19.322  8.582   1.00 31.30 ? 1   MGC C C8  1 
HETATM 1156 C C3  . MGC C 3 .   ? -5.996  15.330  8.044   1.00 29.31 ? 1   MGC C C3  1 
HETATM 1157 O O3  . MGC C 3 .   ? -6.003  16.006  6.824   1.00 29.74 ? 1   MGC C O3  1 
HETATM 1158 C C4  . MGC C 3 .   ? -6.116  13.791  7.752   1.00 27.30 ? 1   MGC C C4  1 
HETATM 1159 O O4  . MGC C 3 .   ? -4.945  13.421  6.980   1.00 25.78 ? 1   MGC C O4  1 
HETATM 1160 C C1  . GAL C 3 .   ? -7.083  16.692  6.169   1.00 33.57 ? 2   GAL C C1  1 
HETATM 1161 C C2  . GAL C 3 .   ? -6.729  17.779  5.174   1.00 34.82 ? 2   GAL C C2  1 
HETATM 1162 C C3  . GAL C 3 .   ? -7.972  18.193  4.390   1.00 36.69 ? 2   GAL C C3  1 
HETATM 1163 C C4  . GAL C 3 .   ? -8.566  16.943  3.570   1.00 36.60 ? 2   GAL C C4  1 
HETATM 1164 C C5  . GAL C 3 .   ? -8.933  15.820  4.604   1.00 35.75 ? 2   GAL C C5  1 
HETATM 1165 C C6  . GAL C 3 .   ? -9.534  14.445  4.374   1.00 35.88 ? 2   GAL C C6  1 
HETATM 1166 O O2  . GAL C 3 .   ? -6.169  18.852  5.925   1.00 36.05 ? 2   GAL C O2  1 
HETATM 1167 O O3  . GAL C 3 .   ? -7.617  19.217  3.467   1.00 39.33 ? 2   GAL C O3  1 
HETATM 1168 O O4  . GAL C 3 .   ? -7.585  16.383  2.684   1.00 39.00 ? 2   GAL C O4  1 
HETATM 1169 O O5  . GAL C 3 .   ? -7.696  15.527  5.451   1.00 34.47 ? 2   GAL C O5  1 
HETATM 1170 O O6  . GAL C 3 .   ? -9.915  13.352  5.194   1.00 36.52 ? 2   GAL C O6  1 
HETATM 1171 O O   . HOH D 4 .   ? 4.309   -7.935  -5.739  1.00 26.23 ? 201 HOH A O   1 
HETATM 1172 O O   . HOH D 4 .   ? 3.280   11.039  3.649   1.00 30.64 ? 202 HOH A O   1 
HETATM 1173 O O   . HOH D 4 .   ? 8.001   3.824   0.025   1.00 26.99 ? 203 HOH A O   1 
HETATM 1174 O O   . HOH D 4 .   ? -8.417  11.380  5.825   1.00 30.00 ? 204 HOH A O   1 
HETATM 1175 O O   . HOH D 4 .   ? 6.910   -9.250  -6.083  1.00 28.24 ? 206 HOH A O   1 
HETATM 1176 O O   . HOH D 4 .   ? 0.688   0.735   -17.383 1.00 31.00 ? 207 HOH A O   1 
HETATM 1177 O O   . HOH D 4 .   ? 4.439   -6.642  -8.197  1.00 27.62 ? 208 HOH A O   1 
HETATM 1178 O O   . HOH D 4 .   ? 2.837   11.781  6.280   1.00 29.96 ? 209 HOH A O   1 
HETATM 1179 O O   . HOH D 4 .   ? -3.855  5.690   16.079  1.00 35.98 ? 210 HOH A O   1 
HETATM 1180 O O   . HOH D 4 .   ? 1.691   -7.395  -8.429  1.00 31.19 ? 212 HOH A O   1 
HETATM 1181 O O   . HOH D 4 .   ? 9.994   6.746   -2.564  1.00 38.99 ? 213 HOH A O   1 
HETATM 1182 O O   . HOH D 4 .   ? -12.079 -6.272  2.019   1.00 34.78 ? 214 HOH A O   1 
HETATM 1183 O O   . HOH D 4 .   ? -0.416  -9.781  -10.345 1.00 31.95 ? 216 HOH A O   1 
HETATM 1184 O O   . HOH D 4 .   ? -0.465  11.453  -3.812  1.00 36.57 ? 217 HOH A O   1 
HETATM 1185 O O   . HOH D 4 .   ? 7.013   1.909   7.425   1.00 36.10 ? 218 HOH A O   1 
HETATM 1186 O O   . HOH D 4 .   ? -1.264  4.756   16.780  1.00 38.44 ? 219 HOH A O   1 
HETATM 1187 O O   . HOH D 4 .   ? 5.827   11.085  2.912   1.00 33.62 ? 220 HOH A O   1 
HETATM 1188 O O   . HOH D 4 .   ? -8.248  -6.037  5.154   1.00 35.74 ? 221 HOH A O   1 
HETATM 1189 O O   . HOH D 4 .   ? 0.779   17.335  0.935   1.00 40.65 ? 222 HOH A O   1 
HETATM 1190 O O   . HOH D 4 .   ? -15.896 -0.686  -2.505  1.00 35.65 ? 223 HOH A O   1 
HETATM 1191 O O   . HOH D 4 .   ? -0.653  -12.267 8.205   1.00 46.85 ? 224 HOH A O   1 
HETATM 1192 O O   . HOH D 4 .   ? 2.624   -11.073 8.882   1.00 43.97 ? 225 HOH A O   1 
HETATM 1193 O O   . HOH D 4 .   ? -13.691 1.174   0.588   1.00 36.30 ? 226 HOH A O   1 
HETATM 1194 O O   . HOH D 4 .   ? -12.392 12.540  5.165   1.00 40.28 ? 227 HOH A O   1 
HETATM 1195 O O   . HOH D 4 .   ? 6.719   11.035  5.950   1.00 41.75 ? 228 HOH A O   1 
HETATM 1196 O O   . HOH D 4 .   ? 2.160   -2.020  -19.459 1.00 38.53 ? 229 HOH A O   1 
HETATM 1197 O O   . HOH D 4 .   ? 7.215   0.104   -14.455 1.00 42.37 ? 231 HOH A O   1 
HETATM 1198 O O   . HOH D 4 .   ? 7.252   -1.861  9.449   1.00 37.16 ? 232 HOH A O   1 
HETATM 1199 O O   . HOH D 4 .   ? 7.000   -11.846 5.192   1.00 42.14 ? 233 HOH A O   1 
HETATM 1200 O O   . HOH D 4 .   ? -1.953  -11.866 -11.153 1.00 34.88 ? 234 HOH A O   1 
HETATM 1201 O O   . HOH D 4 .   ? -6.718  18.476  10.439  1.00 41.50 ? 235 HOH A O   1 
HETATM 1202 O O   . HOH D 4 .   ? -3.578  8.527   -4.417  1.00 38.96 ? 236 HOH A O   1 
HETATM 1203 O O   . HOH D 4 .   ? 3.233   0.726   -18.335 1.00 43.65 ? 237 HOH A O   1 
HETATM 1204 O O   . HOH D 4 .   ? 14.170  -7.516  -11.922 1.00 44.85 ? 238 HOH A O   1 
HETATM 1205 O O   . HOH D 4 .   ? 1.330   10.311  -10.375 1.00 38.75 ? 239 HOH A O   1 
HETATM 1206 O O   . HOH D 4 .   ? 4.647   6.643   13.426  1.00 43.01 ? 240 HOH A O   1 
HETATM 1207 O O   . HOH D 4 .   ? 10.377  7.363   -5.456  1.00 40.27 ? 241 HOH A O   1 
HETATM 1208 O O   . HOH D 4 .   ? 6.582   11.397  -2.425  1.00 40.97 ? 243 HOH A O   1 
HETATM 1209 O O   . HOH D 4 .   ? -3.113  14.984  0.837   1.00 45.86 ? 244 HOH A O   1 
HETATM 1210 O O   . HOH D 4 .   ? -17.334 3.459   5.513   1.00 48.67 ? 246 HOH A O   1 
HETATM 1211 O O   . HOH D 4 .   ? -0.423  -0.426  18.116  1.00 40.29 ? 247 HOH A O   1 
HETATM 1212 O O   . HOH D 4 .   ? -8.595  -9.949  4.648   1.00 45.26 ? 248 HOH A O   1 
HETATM 1213 O O   . HOH D 4 .   ? -9.882  -7.460  3.351   1.00 45.05 ? 249 HOH A O   1 
HETATM 1214 O O   . HOH D 4 .   ? 4.859   12.407  16.053  1.00 47.59 ? 250 HOH A O   1 
HETATM 1215 O O   . HOH D 4 .   ? 17.931  2.114   -2.446  1.00 44.20 ? 251 HOH A O   1 
HETATM 1216 O O   . HOH D 4 .   ? -6.344  -9.294  -0.738  1.00 40.57 ? 252 HOH A O   1 
HETATM 1217 O O   . HOH D 4 .   ? 14.057  -4.120  -16.624 1.00 45.39 ? 253 HOH A O   1 
HETATM 1218 O O   . HOH D 4 .   ? -5.863  -12.482 -8.552  1.00 44.86 ? 254 HOH A O   1 
HETATM 1219 O O   . HOH D 4 .   ? 6.659   2.004   11.865  1.00 52.58 ? 255 HOH A O   1 
HETATM 1220 O O   . HOH D 4 .   ? 12.340  -9.483  -0.559  1.00 51.54 ? 256 HOH A O   1 
HETATM 1221 O O   . HOH D 4 .   ? 12.103  -16.094 -6.298  1.00 42.79 ? 257 HOH A O   1 
HETATM 1222 O O   . HOH D 4 .   ? 15.500  -6.776  -14.209 1.00 48.81 ? 258 HOH A O   1 
HETATM 1223 O O   . HOH D 4 .   ? 5.550   1.537   14.443  1.00 47.64 ? 259 HOH A O   1 
HETATM 1224 O O   . HOH D 4 .   ? 18.997  -0.200  -11.695 1.00 42.86 ? 260 HOH A O   1 
HETATM 1225 O O   . HOH D 4 .   ? -4.815  7.136   18.093  1.00 47.86 ? 261 HOH A O   1 
HETATM 1226 O O   . HOH D 4 .   ? -14.227 2.332   -1.712  1.00 39.68 ? 262 HOH A O   1 
HETATM 1227 O O   . HOH D 4 .   ? -17.926 0.846   -3.014  1.00 46.46 ? 264 HOH A O   1 
HETATM 1228 O O   . HOH D 4 .   ? 6.418   0.598   9.739   1.00 41.28 ? 265 HOH A O   1 
HETATM 1229 O O   . HOH D 4 .   ? 4.824   -2.116  -19.580 1.00 46.26 ? 266 HOH A O   1 
HETATM 1230 O O   . HOH D 4 .   ? 8.568   -15.144 6.787   1.00 54.53 ? 267 HOH A O   1 
HETATM 1231 O O   . HOH D 4 .   ? 5.524   -10.897 8.510   1.00 47.36 ? 268 HOH A O   1 
HETATM 1232 O O   . HOH D 4 .   ? -4.981  14.776  2.765   1.00 47.39 ? 269 HOH A O   1 
HETATM 1233 O O   . HOH D 4 .   ? -16.965 3.949   8.871   1.00 47.59 ? 270 HOH A O   1 
HETATM 1234 O O   . HOH D 4 .   ? -4.961  16.173  17.516  1.00 37.82 ? 271 HOH A O   1 
HETATM 1235 O O   . HOH D 4 .   ? 8.229   9.241   -2.527  1.00 54.23 ? 272 HOH A O   1 
HETATM 1236 O O   . HOH D 4 .   ? -7.543  -13.234 -5.997  1.00 49.96 ? 274 HOH A O   1 
HETATM 1237 O O   . HOH D 4 .   ? -4.551  10.510  -5.712  1.00 48.60 ? 277 HOH A O   1 
HETATM 1238 O O   . HOH D 4 .   ? -2.792  12.917  -6.966  1.00 55.10 ? 278 HOH A O   1 
HETATM 1239 O O   . HOH D 4 .   ? -2.601  13.549  -3.808  1.00 50.15 ? 279 HOH A O   1 
HETATM 1240 O O   . HOH D 4 .   ? 0.940   13.239  -5.013  1.00 51.14 ? 280 HOH A O   1 
HETATM 1241 O O   . HOH D 4 .   ? 1.821   12.993  -7.534  1.00 50.62 ? 281 HOH A O   1 
HETATM 1242 O O   . HOH D 4 .   ? 3.607   13.626  -3.646  1.00 48.65 ? 282 HOH A O   1 
HETATM 1243 O O   . HOH D 4 .   ? 10.142  1.117   7.551   1.00 56.62 ? 283 HOH A O   1 
HETATM 1244 O O   . HOH D 4 .   ? 4.339   4.255   15.883  1.00 50.01 ? 284 HOH A O   1 
HETATM 1245 O O   . HOH D 4 .   ? -12.893 -2.623  -5.058  0.50 28.51 ? 285 HOH A O   1 
HETATM 1246 O O   . HOH D 4 .   ? -13.388 12.264  2.570   1.00 52.25 ? 286 HOH A O   1 
HETATM 1247 O O   . HOH D 4 .   ? -0.258  -0.855  -19.604 0.50 43.09 ? 287 HOH A O   1 
HETATM 1248 O O   . HOH D 4 .   ? 2.175   -1.717  -21.958 0.50 47.85 ? 288 HOH A O   1 
HETATM 1249 O O   . HOH D 4 .   ? 10.967  2.252   -13.833 0.50 45.30 ? 290 HOH A O   1 
HETATM 1250 O O   . HOH D 4 .   ? 7.452   -15.778 0.772   1.00 55.66 ? 291 HOH A O   1 
HETATM 1251 O O   . HOH D 4 .   ? -7.930  19.591  8.378   1.00 53.86 ? 292 HOH A O   1 
HETATM 1252 O O   . HOH D 4 .   ? -2.067  11.172  -11.103 1.00 51.40 ? 293 HOH A O   1 
HETATM 1253 O O   . HOH D 4 .   ? 7.394   10.284  -8.133  1.00 46.55 ? 294 HOH A O   1 
HETATM 1254 O O   . HOH D 4 .   ? 2.274   -9.218  -16.790 1.00 53.41 ? 295 HOH A O   1 
HETATM 1255 O O   . HOH D 4 .   ? -2.859  -1.791  18.125  1.00 50.34 ? 296 HOH A O   1 
HETATM 1256 O O   . HOH D 4 .   ? 3.134   15.517  13.879  1.00 38.17 ? 297 HOH A O   1 
HETATM 1257 O O   . HOH D 4 .   ? 16.590  4.874   -1.769  1.00 50.68 ? 298 HOH A O   1 
HETATM 1258 O O   . HOH D 4 .   ? 14.036  6.907   -1.963  1.00 45.60 ? 299 HOH A O   1 
HETATM 1259 O O   . HOH D 4 .   ? 14.932  -8.511  -1.949  1.00 54.25 ? 300 HOH A O   1 
HETATM 1260 O O   . HOH D 4 .   ? 13.203  -10.430 5.732   1.00 54.73 ? 301 HOH A O   1 
HETATM 1261 O O   . HOH D 4 .   ? 12.897  7.415   4.532   1.00 50.97 ? 302 HOH A O   1 
HETATM 1262 O O   . HOH D 4 .   ? -1.156  -17.736 3.791   1.00 49.08 ? 303 HOH A O   1 
HETATM 1263 O O   . HOH D 4 .   ? -7.010  -15.677 2.165   1.00 55.89 ? 304 HOH A O   1 
HETATM 1264 O O   . HOH D 4 .   ? -4.118  -6.842  12.478  1.00 46.90 ? 305 HOH A O   1 
HETATM 1265 O O   . HOH D 4 .   ? -19.084 -0.371  9.361   1.00 59.93 ? 306 HOH A O   1 
HETATM 1266 O O   . HOH D 4 .   ? -15.142 1.953   10.021  1.00 48.95 ? 308 HOH A O   1 
HETATM 1267 O O   . HOH D 4 .   ? -14.848 -0.843  14.447  1.00 54.46 ? 309 HOH A O   1 
HETATM 1268 O O   . HOH D 4 .   ? -13.565 7.405   15.707  1.00 47.14 ? 311 HOH A O   1 
HETATM 1269 O O   . HOH D 4 .   ? -0.269  -11.285 -14.124 1.00 50.54 ? 312 HOH A O   1 
HETATM 1270 O O   . HOH D 4 .   ? 3.054   -11.366 -14.295 1.00 55.94 ? 313 HOH A O   1 
HETATM 1271 O O   . HOH D 4 .   ? -0.640  18.250  5.782   1.00 52.75 ? 314 HOH A O   1 
HETATM 1272 O O   . HOH D 4 .   ? -0.429  -15.526 -12.797 1.00 60.86 ? 315 HOH A O   1 
HETATM 1273 O O   . HOH D 4 .   ? -3.604  18.424  4.708   1.00 57.08 ? 316 HOH A O   1 
HETATM 1274 O O   . HOH D 4 .   ? 4.027   1.991   19.408  1.00 59.16 ? 317 HOH A O   1 
HETATM 1275 O O   . HOH D 4 .   ? 5.915   13.022  0.871   1.00 48.43 ? 319 HOH A O   1 
HETATM 1276 O O   . HOH D 4 .   ? 5.068   9.765   -10.416 1.00 49.77 ? 320 HOH A O   1 
HETATM 1277 O O   . HOH D 4 .   ? -13.805 14.338  6.858   1.00 50.97 ? 321 HOH A O   1 
HETATM 1278 O O   . HOH D 4 .   ? 3.518   16.224  -0.116  1.00 49.88 ? 322 HOH A O   1 
HETATM 1279 O O   . HOH D 4 .   ? -1.473  17.084  0.661   1.00 56.33 ? 323 HOH A O   1 
HETATM 1280 O O   . HOH E 4 .   ? 12.840  11.516  -21.193 1.00 25.99 ? 205 HOH B O   1 
HETATM 1281 O O   . HOH E 4 .   ? -12.705 4.591   -1.242  1.00 35.11 ? 211 HOH B O   1 
HETATM 1282 O O   . HOH E 4 .   ? -9.466  8.244   -9.756  1.00 34.17 ? 215 HOH B O   1 
HETATM 1283 O O   . HOH E 4 .   ? 1.683   7.659   -14.656 1.00 40.01 ? 230 HOH B O   1 
HETATM 1284 O O   . HOH E 4 .   ? -12.561 5.006   -3.992  1.00 37.16 ? 242 HOH B O   1 
HETATM 1285 O O   . HOH E 4 .   ? 4.547   10.262  -21.455 1.00 44.92 ? 245 HOH B O   1 
HETATM 1286 O O   . HOH E 4 .   ? -14.200 6.341   -5.420  1.00 48.55 ? 263 HOH B O   1 
HETATM 1287 O O   . HOH E 4 .   ? -8.488  10.895  -9.455  1.00 51.50 ? 273 HOH B O   1 
HETATM 1288 O O   . HOH E 4 .   ? -6.401  11.333  -7.681  1.00 53.50 ? 275 HOH B O   1 
HETATM 1289 O O   . HOH E 4 .   ? -8.204  11.439  -2.872  1.00 44.05 ? 276 HOH B O   1 
HETATM 1290 O O   . HOH E 4 .   ? 5.161   6.565   -14.522 1.00 42.41 ? 289 HOH B O   1 
HETATM 1291 O O   . HOH E 4 .   ? 5.481   1.382   -15.875 1.00 50.21 ? 307 HOH B O   1 
HETATM 1292 O O   . HOH E 4 .   ? -7.510  11.449  -12.767 1.00 54.27 ? 310 HOH B O   1 
HETATM 1293 O O   . HOH E 4 .   ? -8.182  15.500  -1.836  1.00 54.25 ? 318 HOH B O   1 
# 
